data_7XJ4
# 
_entry.id   7XJ4 
# 
_audit_conform.dict_name       mmcif_pdbx.dic 
_audit_conform.dict_version    5.380 
_audit_conform.dict_location   http://mmcif.pdb.org/dictionaries/ascii/mmcif_pdbx.dic 
# 
loop_
_database_2.database_id 
_database_2.database_code 
_database_2.pdbx_database_accession 
_database_2.pdbx_DOI 
PDB   7XJ4         pdb_00007xj4 10.2210/pdb7xj4/pdb 
WWPDB D_1300028914 ?            ?                   
# 
_pdbx_database_status.status_code                     REL 
_pdbx_database_status.status_code_sf                  REL 
_pdbx_database_status.status_code_mr                  ? 
_pdbx_database_status.entry_id                        7XJ4 
_pdbx_database_status.recvd_initial_deposition_date   2022-04-15 
_pdbx_database_status.SG_entry                        N 
_pdbx_database_status.deposit_site                    PDBJ 
_pdbx_database_status.process_site                    PDBJ 
_pdbx_database_status.status_code_cs                  ? 
_pdbx_database_status.status_code_nmr_data            ? 
_pdbx_database_status.methods_development_category    ? 
_pdbx_database_status.pdb_format_compatible           Y 
# 
loop_
_audit_author.name 
_audit_author.pdbx_ordinal 
_audit_author.identifier_ORCID 
'Lu, H.'      1 ? 
'Komukai, Y.' 2 ? 
'Usami, K.'   3 ? 
'Guo, Y.'     4 ? 
'Qiao, X.'    5 ? 
'Nukaga, M.'  6 ? 
'Hoshino, T.' 7 ? 
# 
_citation.abstract                  ? 
_citation.abstract_id_CAS           ? 
_citation.book_id_ISBN              ? 
_citation.book_publisher            ? 
_citation.book_publisher_city       ? 
_citation.book_title                ? 
_citation.coordinate_linkage        ? 
_citation.country                   US 
_citation.database_id_Medline       ? 
_citation.details                   ? 
_citation.id                        primary 
_citation.journal_abbrev            J.Chem.Inf.Model. 
_citation.journal_id_ASTM           ? 
_citation.journal_id_CSD            ? 
_citation.journal_id_ISSN           1549-960X 
_citation.journal_full              ? 
_citation.journal_issue             ? 
_citation.journal_volume            62 
_citation.language                  ? 
_citation.page_first                6762 
_citation.page_last                 6774 
_citation.title                     
'Computational and Crystallographic Analysis of Binding Structures of Inhibitory Compounds for HIV-1 RNase H Activity.' 
_citation.year                      2022 
_citation.database_id_CSD           ? 
_citation.pdbx_database_id_DOI      10.1021/acs.jcim.2c00537 
_citation.pdbx_database_id_PubMed   36184946 
_citation.pdbx_database_id_patent   ? 
_citation.unpublished_flag          ? 
# 
loop_
_citation_author.citation_id 
_citation_author.name 
_citation_author.ordinal 
_citation_author.identifier_ORCID 
primary 'Lu, H.'      1 ? 
primary 'Komukai, Y.' 2 ? 
primary 'Usami, K.'   3 ? 
primary 'Guo, Y.'     4 ? 
primary 'Qiao, X.'    5 ? 
primary 'Nukaga, M.'  6 ? 
primary 'Hoshino, T.' 7 ? 
# 
_cell.angle_alpha                  90.000 
_cell.angle_alpha_esd              ? 
_cell.angle_beta                   90.000 
_cell.angle_beta_esd               ? 
_cell.angle_gamma                  90.000 
_cell.angle_gamma_esd              ? 
_cell.entry_id                     7XJ4 
_cell.details                      ? 
_cell.formula_units_Z              ? 
_cell.length_a                     60.447 
_cell.length_a_esd                 ? 
_cell.length_b                     60.447 
_cell.length_b_esd                 ? 
_cell.length_c                     82.426 
_cell.length_c_esd                 ? 
_cell.volume                       ? 
_cell.volume_esd                   ? 
_cell.Z_PDB                        8 
_cell.reciprocal_angle_alpha       ? 
_cell.reciprocal_angle_beta        ? 
_cell.reciprocal_angle_gamma       ? 
_cell.reciprocal_angle_alpha_esd   ? 
_cell.reciprocal_angle_beta_esd    ? 
_cell.reciprocal_angle_gamma_esd   ? 
_cell.reciprocal_length_a          ? 
_cell.reciprocal_length_b          ? 
_cell.reciprocal_length_c          ? 
_cell.reciprocal_length_a_esd      ? 
_cell.reciprocal_length_b_esd      ? 
_cell.reciprocal_length_c_esd      ? 
_cell.pdbx_unique_axis             ? 
# 
_symmetry.entry_id                         7XJ4 
_symmetry.cell_setting                     ? 
_symmetry.Int_Tables_number                92 
_symmetry.space_group_name_Hall            ? 
_symmetry.space_group_name_H-M             'P 41 21 2' 
_symmetry.pdbx_full_space_group_name_H-M   ? 
# 
loop_
_entity.id 
_entity.type 
_entity.src_method 
_entity.pdbx_description 
_entity.formula_weight 
_entity.pdbx_number_of_molecules 
_entity.pdbx_ec 
_entity.pdbx_mutation 
_entity.pdbx_fragment 
_entity.details 
1 polymer     man 'Reverse Transcriptase RNase H domain'                                             16832.285 1  3.1.26.13 ? ? ? 
2 non-polymer syn 'MANGANESE (II) ION'                                                               54.938    2  ?         ? ? ? 
3 non-polymer syn 'ZINC ION'                                                                         65.409    3  ?         ? ? ? 
4 non-polymer syn 'S-[5-[(E)-2-phenylethenyl]-1,3,4-oxadiazol-2-yl] 5-nitrothiophene-2-carbothioate' 359.380   1  ?         ? ? ? 
5 water       nat water                                                                              18.015    16 ?         ? ? ? 
# 
_entity_poly.entity_id                      1 
_entity_poly.type                           'polypeptide(L)' 
_entity_poly.nstd_linkage                   no 
_entity_poly.nstd_monomer                   no 
_entity_poly.pdbx_seq_one_letter_code       
;GPGGSMYQLEKEPIVGAETFYVDGAANRETKLGKAGYVTNRGRQKVVTLTDTTNQKTELQAIYLALQDSGLEVNIVTDSQ
YALGIITQWIHNWKKRGWKTPVKNVDLVNQIIEQLIKKEKVYLAWVPAHKGIGGNEQVDKLVSAGIRKVLF
;
_entity_poly.pdbx_seq_one_letter_code_can   
;GPGGSMYQLEKEPIVGAETFYVDGAANRETKLGKAGYVTNRGRQKVVTLTDTTNQKTELQAIYLALQDSGLEVNIVTDSQ
YALGIITQWIHNWKKRGWKTPVKNVDLVNQIIEQLIKKEKVYLAWVPAHKGIGGNEQVDKLVSAGIRKVLF
;
_entity_poly.pdbx_strand_id                 A 
_entity_poly.pdbx_target_identifier         ? 
# 
loop_
_entity_poly_seq.entity_id 
_entity_poly_seq.num 
_entity_poly_seq.mon_id 
_entity_poly_seq.hetero 
1 1   GLY n 
1 2   PRO n 
1 3   GLY n 
1 4   GLY n 
1 5   SER n 
1 6   MET n 
1 7   TYR n 
1 8   GLN n 
1 9   LEU n 
1 10  GLU n 
1 11  LYS n 
1 12  GLU n 
1 13  PRO n 
1 14  ILE n 
1 15  VAL n 
1 16  GLY n 
1 17  ALA n 
1 18  GLU n 
1 19  THR n 
1 20  PHE n 
1 21  TYR n 
1 22  VAL n 
1 23  ASP n 
1 24  GLY n 
1 25  ALA n 
1 26  ALA n 
1 27  ASN n 
1 28  ARG n 
1 29  GLU n 
1 30  THR n 
1 31  LYS n 
1 32  LEU n 
1 33  GLY n 
1 34  LYS n 
1 35  ALA n 
1 36  GLY n 
1 37  TYR n 
1 38  VAL n 
1 39  THR n 
1 40  ASN n 
1 41  ARG n 
1 42  GLY n 
1 43  ARG n 
1 44  GLN n 
1 45  LYS n 
1 46  VAL n 
1 47  VAL n 
1 48  THR n 
1 49  LEU n 
1 50  THR n 
1 51  ASP n 
1 52  THR n 
1 53  THR n 
1 54  ASN n 
1 55  GLN n 
1 56  LYS n 
1 57  THR n 
1 58  GLU n 
1 59  LEU n 
1 60  GLN n 
1 61  ALA n 
1 62  ILE n 
1 63  TYR n 
1 64  LEU n 
1 65  ALA n 
1 66  LEU n 
1 67  GLN n 
1 68  ASP n 
1 69  SER n 
1 70  GLY n 
1 71  LEU n 
1 72  GLU n 
1 73  VAL n 
1 74  ASN n 
1 75  ILE n 
1 76  VAL n 
1 77  THR n 
1 78  ASP n 
1 79  SER n 
1 80  GLN n 
1 81  TYR n 
1 82  ALA n 
1 83  LEU n 
1 84  GLY n 
1 85  ILE n 
1 86  ILE n 
1 87  THR n 
1 88  GLN n 
1 89  TRP n 
1 90  ILE n 
1 91  HIS n 
1 92  ASN n 
1 93  TRP n 
1 94  LYS n 
1 95  LYS n 
1 96  ARG n 
1 97  GLY n 
1 98  TRP n 
1 99  LYS n 
1 100 THR n 
1 101 PRO n 
1 102 VAL n 
1 103 LYS n 
1 104 ASN n 
1 105 VAL n 
1 106 ASP n 
1 107 LEU n 
1 108 VAL n 
1 109 ASN n 
1 110 GLN n 
1 111 ILE n 
1 112 ILE n 
1 113 GLU n 
1 114 GLN n 
1 115 LEU n 
1 116 ILE n 
1 117 LYS n 
1 118 LYS n 
1 119 GLU n 
1 120 LYS n 
1 121 VAL n 
1 122 TYR n 
1 123 LEU n 
1 124 ALA n 
1 125 TRP n 
1 126 VAL n 
1 127 PRO n 
1 128 ALA n 
1 129 HIS n 
1 130 LYS n 
1 131 GLY n 
1 132 ILE n 
1 133 GLY n 
1 134 GLY n 
1 135 ASN n 
1 136 GLU n 
1 137 GLN n 
1 138 VAL n 
1 139 ASP n 
1 140 LYS n 
1 141 LEU n 
1 142 VAL n 
1 143 SER n 
1 144 ALA n 
1 145 GLY n 
1 146 ILE n 
1 147 ARG n 
1 148 LYS n 
1 149 VAL n 
1 150 LEU n 
1 151 PHE n 
# 
loop_
_entity_src_gen.entity_id 
_entity_src_gen.pdbx_src_id 
_entity_src_gen.pdbx_alt_source_flag 
_entity_src_gen.pdbx_seq_type 
_entity_src_gen.pdbx_beg_seq_num 
_entity_src_gen.pdbx_end_seq_num 
_entity_src_gen.gene_src_common_name 
_entity_src_gen.gene_src_genus 
_entity_src_gen.pdbx_gene_src_gene 
_entity_src_gen.gene_src_species 
_entity_src_gen.gene_src_strain 
_entity_src_gen.gene_src_tissue 
_entity_src_gen.gene_src_tissue_fraction 
_entity_src_gen.gene_src_details 
_entity_src_gen.pdbx_gene_src_fragment 
_entity_src_gen.pdbx_gene_src_scientific_name 
_entity_src_gen.pdbx_gene_src_ncbi_taxonomy_id 
_entity_src_gen.pdbx_gene_src_variant 
_entity_src_gen.pdbx_gene_src_cell_line 
_entity_src_gen.pdbx_gene_src_atcc 
_entity_src_gen.pdbx_gene_src_organ 
_entity_src_gen.pdbx_gene_src_organelle 
_entity_src_gen.pdbx_gene_src_cell 
_entity_src_gen.pdbx_gene_src_cellular_location 
_entity_src_gen.host_org_common_name 
_entity_src_gen.pdbx_host_org_scientific_name 
_entity_src_gen.pdbx_host_org_ncbi_taxonomy_id 
_entity_src_gen.host_org_genus 
_entity_src_gen.pdbx_host_org_gene 
_entity_src_gen.pdbx_host_org_organ 
_entity_src_gen.host_org_species 
_entity_src_gen.pdbx_host_org_tissue 
_entity_src_gen.pdbx_host_org_tissue_fraction 
_entity_src_gen.pdbx_host_org_strain 
_entity_src_gen.pdbx_host_org_variant 
_entity_src_gen.pdbx_host_org_cell_line 
_entity_src_gen.pdbx_host_org_atcc 
_entity_src_gen.pdbx_host_org_culture_collection 
_entity_src_gen.pdbx_host_org_cell 
_entity_src_gen.pdbx_host_org_organelle 
_entity_src_gen.pdbx_host_org_cellular_location 
_entity_src_gen.pdbx_host_org_vector_type 
_entity_src_gen.pdbx_host_org_vector 
_entity_src_gen.host_org_details 
_entity_src_gen.expression_system_id 
_entity_src_gen.plasmid_name 
_entity_src_gen.plasmid_details 
_entity_src_gen.pdbx_description 
1 1 sample 'Biological sequence' 1  86  ? ? ? ? ? ? ? ? ? 'Human immunodeficiency virus 1' 11676 ? ? ? ? ? ? ? ? 
'Escherichia coli' 562 ? ? ? ? ? ? 'Rosetta(DE3)pLys' ? ? ? ? ? ? ? plasmid ? ? ? 'pET50(b)' ? ? 
1 2 sample 'Biological sequence' 87 151 ? ? ? ? ? ? ? ? ? 'Human immunodeficiency virus 1' 11676 ? ? ? ? ? ? ? ? 
'Escherichia coli' 562 ? ? ? ? ? ? 'Rosetta(DE3)pLys' ? ? ? ? ? ? ? plasmid ? ? ? 'pET50(b)' ? ? 
# 
loop_
_struct_ref.id 
_struct_ref.db_name 
_struct_ref.db_code 
_struct_ref.pdbx_db_accession 
_struct_ref.pdbx_db_isoform 
_struct_ref.entity_id 
_struct_ref.pdbx_seq_one_letter_code 
_struct_ref.pdbx_align_begin 
1 UNP A0A059PIR4_9HIV1 A0A059PIR4 ? 1 YQLEKEPIVGAETFYVDGAANRETKLGKAGYVTNRGRQKVVTLTDTTNQKTELQAIYLALQDSGLEVNIVTDSQ 167 
2 UNP A0A7L9QW77_9HIV1 A0A7L9QW77 ? 1 DLVNQIIEQLIKKEKVYLAWVPAHKGIGGNEQVDKLVSAGIRKVLF                             671 
# 
loop_
_struct_ref_seq.align_id 
_struct_ref_seq.ref_id 
_struct_ref_seq.pdbx_PDB_id_code 
_struct_ref_seq.pdbx_strand_id 
_struct_ref_seq.seq_align_beg 
_struct_ref_seq.pdbx_seq_align_beg_ins_code 
_struct_ref_seq.seq_align_end 
_struct_ref_seq.pdbx_seq_align_end_ins_code 
_struct_ref_seq.pdbx_db_accession 
_struct_ref_seq.db_align_beg 
_struct_ref_seq.pdbx_db_align_beg_ins_code 
_struct_ref_seq.db_align_end 
_struct_ref_seq.pdbx_db_align_end_ins_code 
_struct_ref_seq.pdbx_auth_seq_align_beg 
_struct_ref_seq.pdbx_auth_seq_align_end 
1 1 7XJ4 A 7   ? 80  ? A0A059PIR4 167 ? 240 ? 7   80  
2 2 7XJ4 A 106 ? 151 ? A0A7L9QW77 671 ? 716 ? 106 151 
# 
loop_
_struct_ref_seq_dif.align_id 
_struct_ref_seq_dif.pdbx_pdb_id_code 
_struct_ref_seq_dif.mon_id 
_struct_ref_seq_dif.pdbx_pdb_strand_id 
_struct_ref_seq_dif.seq_num 
_struct_ref_seq_dif.pdbx_pdb_ins_code 
_struct_ref_seq_dif.pdbx_seq_db_name 
_struct_ref_seq_dif.pdbx_seq_db_accession_code 
_struct_ref_seq_dif.db_mon_id 
_struct_ref_seq_dif.pdbx_seq_db_seq_num 
_struct_ref_seq_dif.details 
_struct_ref_seq_dif.pdbx_auth_seq_num 
_struct_ref_seq_dif.pdbx_ordinal 
1 7XJ4 GLY A 1   ? UNP A0A059PIR4 ? ? 'expression tag' 1   1  
1 7XJ4 PRO A 2   ? UNP A0A059PIR4 ? ? 'expression tag' 2   2  
1 7XJ4 GLY A 3   ? UNP A0A059PIR4 ? ? 'expression tag' 3   3  
1 7XJ4 GLY A 4   ? UNP A0A059PIR4 ? ? 'expression tag' 4   4  
1 7XJ4 SER A 5   ? UNP A0A059PIR4 ? ? 'expression tag' 5   5  
1 7XJ4 MET A 6   ? UNP A0A059PIR4 ? ? 'expression tag' 6   6  
1 7XJ4 TYR A 81  ? UNP A0A059PIR4 ? ? linker           81  7  
1 7XJ4 ALA A 82  ? UNP A0A059PIR4 ? ? linker           82  8  
1 7XJ4 LEU A 83  ? UNP A0A059PIR4 ? ? linker           83  9  
1 7XJ4 GLY A 84  ? UNP A0A059PIR4 ? ? linker           84  10 
1 7XJ4 ILE A 85  ? UNP A0A059PIR4 ? ? linker           85  11 
1 7XJ4 ILE A 86  ? UNP A0A059PIR4 ? ? linker           86  12 
1 7XJ4 THR A 87  ? UNP A0A059PIR4 ? ? linker           87  13 
1 7XJ4 GLN A 88  ? UNP A0A059PIR4 ? ? linker           88  14 
1 7XJ4 TRP A 89  ? UNP A0A059PIR4 ? ? linker           89  15 
1 7XJ4 ILE A 90  ? UNP A0A059PIR4 ? ? linker           90  16 
1 7XJ4 HIS A 91  ? UNP A0A059PIR4 ? ? linker           91  17 
1 7XJ4 ASN A 92  ? UNP A0A059PIR4 ? ? linker           92  18 
1 7XJ4 TRP A 93  ? UNP A0A059PIR4 ? ? linker           93  19 
1 7XJ4 LYS A 94  ? UNP A0A059PIR4 ? ? linker           94  20 
1 7XJ4 LYS A 95  ? UNP A0A059PIR4 ? ? linker           95  21 
1 7XJ4 ARG A 96  ? UNP A0A059PIR4 ? ? linker           96  22 
1 7XJ4 GLY A 97  ? UNP A0A059PIR4 ? ? linker           97  23 
1 7XJ4 TRP A 98  ? UNP A0A059PIR4 ? ? linker           98  24 
1 7XJ4 LYS A 99  ? UNP A0A059PIR4 ? ? linker           99  25 
1 7XJ4 THR A 100 ? UNP A0A059PIR4 ? ? linker           100 26 
1 7XJ4 PRO A 101 ? UNP A0A059PIR4 ? ? linker           101 27 
1 7XJ4 VAL A 102 ? UNP A0A059PIR4 ? ? linker           102 28 
1 7XJ4 LYS A 103 ? UNP A0A059PIR4 ? ? linker           103 29 
1 7XJ4 ASN A 104 ? UNP A0A059PIR4 ? ? linker           104 30 
1 7XJ4 VAL A 105 ? UNP A0A059PIR4 ? ? linker           105 31 
# 
loop_
_chem_comp.id 
_chem_comp.type 
_chem_comp.mon_nstd_flag 
_chem_comp.name 
_chem_comp.pdbx_synonyms 
_chem_comp.formula 
_chem_comp.formula_weight 
ALA 'L-peptide linking' y ALANINE                                                                            ? 'C3 H7 N O2'      
89.093  
ARG 'L-peptide linking' y ARGININE                                                                           ? 'C6 H15 N4 O2 1'  
175.209 
ASN 'L-peptide linking' y ASPARAGINE                                                                         ? 'C4 H8 N2 O3'     
132.118 
ASP 'L-peptide linking' y 'ASPARTIC ACID'                                                                    ? 'C4 H7 N O4'      
133.103 
E9B non-polymer         . 'S-[5-[(E)-2-phenylethenyl]-1,3,4-oxadiazol-2-yl] 5-nitrothiophene-2-carbothioate' ? 'C15 H9 N3 O4 S2' 
359.380 
GLN 'L-peptide linking' y GLUTAMINE                                                                          ? 'C5 H10 N2 O3'    
146.144 
GLU 'L-peptide linking' y 'GLUTAMIC ACID'                                                                    ? 'C5 H9 N O4'      
147.129 
GLY 'peptide linking'   y GLYCINE                                                                            ? 'C2 H5 N O2'      
75.067  
HIS 'L-peptide linking' y HISTIDINE                                                                          ? 'C6 H10 N3 O2 1'  
156.162 
HOH non-polymer         . WATER                                                                              ? 'H2 O'            
18.015  
ILE 'L-peptide linking' y ISOLEUCINE                                                                         ? 'C6 H13 N O2'     
131.173 
LEU 'L-peptide linking' y LEUCINE                                                                            ? 'C6 H13 N O2'     
131.173 
LYS 'L-peptide linking' y LYSINE                                                                             ? 'C6 H15 N2 O2 1'  
147.195 
MET 'L-peptide linking' y METHIONINE                                                                         ? 'C5 H11 N O2 S'   
149.211 
MN  non-polymer         . 'MANGANESE (II) ION'                                                               ? 'Mn 2'            
54.938  
PHE 'L-peptide linking' y PHENYLALANINE                                                                      ? 'C9 H11 N O2'     
165.189 
PRO 'L-peptide linking' y PROLINE                                                                            ? 'C5 H9 N O2'      
115.130 
SER 'L-peptide linking' y SERINE                                                                             ? 'C3 H7 N O3'      
105.093 
THR 'L-peptide linking' y THREONINE                                                                          ? 'C4 H9 N O3'      
119.119 
TRP 'L-peptide linking' y TRYPTOPHAN                                                                         ? 'C11 H12 N2 O2'   
204.225 
TYR 'L-peptide linking' y TYROSINE                                                                           ? 'C9 H11 N O3'     
181.189 
VAL 'L-peptide linking' y VALINE                                                                             ? 'C5 H11 N O2'     
117.146 
ZN  non-polymer         . 'ZINC ION'                                                                         ? 'Zn 2'            
65.409  
# 
_exptl.absorpt_coefficient_mu     ? 
_exptl.absorpt_correction_T_max   ? 
_exptl.absorpt_correction_T_min   ? 
_exptl.absorpt_correction_type    ? 
_exptl.absorpt_process_details    ? 
_exptl.entry_id                   7XJ4 
_exptl.crystals_number            1 
_exptl.details                    ? 
_exptl.method                     'X-RAY DIFFRACTION' 
_exptl.method_details             ? 
# 
_exptl_crystal.colour                      ? 
_exptl_crystal.density_diffrn              ? 
_exptl_crystal.density_Matthews            2.24 
_exptl_crystal.density_method              ? 
_exptl_crystal.density_percent_sol         45.00 
_exptl_crystal.description                 ? 
_exptl_crystal.F_000                       ? 
_exptl_crystal.id                          1 
_exptl_crystal.preparation                 ? 
_exptl_crystal.size_max                    ? 
_exptl_crystal.size_mid                    ? 
_exptl_crystal.size_min                    ? 
_exptl_crystal.size_rad                    ? 
_exptl_crystal.colour_lustre               ? 
_exptl_crystal.colour_modifier             ? 
_exptl_crystal.colour_primary              ? 
_exptl_crystal.density_meas                ? 
_exptl_crystal.density_meas_esd            ? 
_exptl_crystal.density_meas_gt             ? 
_exptl_crystal.density_meas_lt             ? 
_exptl_crystal.density_meas_temp           ? 
_exptl_crystal.density_meas_temp_esd       ? 
_exptl_crystal.density_meas_temp_gt        ? 
_exptl_crystal.density_meas_temp_lt        ? 
_exptl_crystal.pdbx_crystal_image_url      ? 
_exptl_crystal.pdbx_crystal_image_format   ? 
_exptl_crystal.pdbx_mosaicity              0.230 
_exptl_crystal.pdbx_mosaicity_esd          ? 
# 
_exptl_crystal_grow.apparatus       ? 
_exptl_crystal_grow.atmosphere      ? 
_exptl_crystal_grow.crystal_id      1 
_exptl_crystal_grow.details         ? 
_exptl_crystal_grow.method          'VAPOR DIFFUSION, SITTING DROP' 
_exptl_crystal_grow.method_ref      ? 
_exptl_crystal_grow.pH              6.6 
_exptl_crystal_grow.pressure        ? 
_exptl_crystal_grow.pressure_esd    ? 
_exptl_crystal_grow.seeding         ? 
_exptl_crystal_grow.seeding_ref     ? 
_exptl_crystal_grow.temp            291 
_exptl_crystal_grow.temp_details    ? 
_exptl_crystal_grow.temp_esd        ? 
_exptl_crystal_grow.time            ? 
_exptl_crystal_grow.pdbx_details    '0.1M MES, 26%(v/v) PEG 6000, 0.01M Zinc Sulfate, 0.001M MANGANESE CHLORIDE' 
_exptl_crystal_grow.pdbx_pH_range   ? 
# 
_diffrn.ambient_environment              ? 
_diffrn.ambient_temp                     100 
_diffrn.ambient_temp_details             ? 
_diffrn.ambient_temp_esd                 ? 
_diffrn.crystal_id                       1 
_diffrn.crystal_support                  ? 
_diffrn.crystal_treatment                ? 
_diffrn.details                          ? 
_diffrn.id                               1 
_diffrn.ambient_pressure                 ? 
_diffrn.ambient_pressure_esd             ? 
_diffrn.ambient_pressure_gt              ? 
_diffrn.ambient_pressure_lt              ? 
_diffrn.ambient_temp_gt                  ? 
_diffrn.ambient_temp_lt                  ? 
_diffrn.pdbx_serial_crystal_experiment   N 
# 
_diffrn_detector.details                      mirrors 
_diffrn_detector.detector                     PIXEL 
_diffrn_detector.diffrn_id                    1 
_diffrn_detector.type                         'DECTRIS EIGER X 16M' 
_diffrn_detector.area_resol_mean              ? 
_diffrn_detector.dtime                        ? 
_diffrn_detector.pdbx_frames_total            ? 
_diffrn_detector.pdbx_collection_time_total   ? 
_diffrn_detector.pdbx_collection_date         2022-02-14 
_diffrn_detector.pdbx_frequency               ? 
# 
_diffrn_radiation.collimation                      ? 
_diffrn_radiation.diffrn_id                        1 
_diffrn_radiation.filter_edge                      ? 
_diffrn_radiation.inhomogeneity                    ? 
_diffrn_radiation.monochromator                    'Si(111)' 
_diffrn_radiation.polarisn_norm                    ? 
_diffrn_radiation.polarisn_ratio                   ? 
_diffrn_radiation.probe                            ? 
_diffrn_radiation.type                             ? 
_diffrn_radiation.xray_symbol                      ? 
_diffrn_radiation.wavelength_id                    1 
_diffrn_radiation.pdbx_monochromatic_or_laue_m_l   M 
_diffrn_radiation.pdbx_wavelength_list             ? 
_diffrn_radiation.pdbx_wavelength                  ? 
_diffrn_radiation.pdbx_diffrn_protocol             'SINGLE WAVELENGTH' 
_diffrn_radiation.pdbx_analyzer                    ? 
_diffrn_radiation.pdbx_scattering_type             x-ray 
# 
_diffrn_radiation_wavelength.id           1 
_diffrn_radiation_wavelength.wavelength   1.000 
_diffrn_radiation_wavelength.wt           1.0 
# 
_diffrn_source.current                     ? 
_diffrn_source.details                     ? 
_diffrn_source.diffrn_id                   1 
_diffrn_source.power                       ? 
_diffrn_source.size                        ? 
_diffrn_source.source                      SYNCHROTRON 
_diffrn_source.target                      ? 
_diffrn_source.type                        'PHOTON FACTORY BEAMLINE BL-17A' 
_diffrn_source.voltage                     ? 
_diffrn_source.take-off_angle              ? 
_diffrn_source.pdbx_wavelength_list        1.000 
_diffrn_source.pdbx_wavelength             ? 
_diffrn_source.pdbx_synchrotron_beamline   BL-17A 
_diffrn_source.pdbx_synchrotron_site       'Photon Factory' 
# 
_reflns.B_iso_Wilson_estimate                          32.790 
_reflns.entry_id                                       7XJ4 
_reflns.data_reduction_details                         ? 
_reflns.data_reduction_method                          ? 
_reflns.d_resolution_high                              1.800 
_reflns.d_resolution_low                               48.740 
_reflns.details                                        ? 
_reflns.limit_h_max                                    ? 
_reflns.limit_h_min                                    ? 
_reflns.limit_k_max                                    ? 
_reflns.limit_k_min                                    ? 
_reflns.limit_l_max                                    ? 
_reflns.limit_l_min                                    ? 
_reflns.number_all                                     ? 
_reflns.number_obs                                     27041 
_reflns.observed_criterion                             ? 
_reflns.observed_criterion_F_max                       ? 
_reflns.observed_criterion_F_min                       ? 
_reflns.observed_criterion_I_max                       ? 
_reflns.observed_criterion_I_min                       ? 
_reflns.observed_criterion_sigma_F                     ? 
_reflns.observed_criterion_sigma_I                     ? 
_reflns.percent_possible_obs                           100.000 
_reflns.R_free_details                                 ? 
_reflns.Rmerge_F_all                                   ? 
_reflns.Rmerge_F_obs                                   ? 
_reflns.Friedel_coverage                               ? 
_reflns.number_gt                                      ? 
_reflns.threshold_expression                           ? 
_reflns.pdbx_redundancy                                12.800 
_reflns.pdbx_Rmerge_I_obs                              0.099 
_reflns.pdbx_Rmerge_I_all                              ? 
_reflns.pdbx_Rsym_value                                ? 
_reflns.pdbx_netI_over_av_sigmaI                       ? 
_reflns.pdbx_netI_over_sigmaI                          13.100 
_reflns.pdbx_res_netI_over_av_sigmaI_2                 ? 
_reflns.pdbx_res_netI_over_sigmaI_2                    ? 
_reflns.pdbx_chi_squared                               ? 
_reflns.pdbx_scaling_rejects                           ? 
_reflns.pdbx_d_res_high_opt                            ? 
_reflns.pdbx_d_res_low_opt                             ? 
_reflns.pdbx_d_res_opt_method                          ? 
_reflns.phase_calculation_details                      ? 
_reflns.pdbx_Rrim_I_all                                0.103 
_reflns.pdbx_Rpim_I_all                                0.029 
_reflns.pdbx_d_opt                                     ? 
_reflns.pdbx_number_measured_all                       ? 
_reflns.pdbx_diffrn_id                                 1 
_reflns.pdbx_ordinal                                   1 
_reflns.pdbx_CC_half                                   0.993 
_reflns.pdbx_CC_star                                   ? 
_reflns.pdbx_R_split                                   ? 
_reflns.pdbx_aniso_diffraction_limit_axis_1_ortho[1]   ? 
_reflns.pdbx_aniso_diffraction_limit_axis_1_ortho[2]   ? 
_reflns.pdbx_aniso_diffraction_limit_axis_1_ortho[3]   ? 
_reflns.pdbx_aniso_diffraction_limit_axis_2_ortho[1]   ? 
_reflns.pdbx_aniso_diffraction_limit_axis_2_ortho[2]   ? 
_reflns.pdbx_aniso_diffraction_limit_axis_2_ortho[3]   ? 
_reflns.pdbx_aniso_diffraction_limit_axis_3_ortho[1]   ? 
_reflns.pdbx_aniso_diffraction_limit_axis_3_ortho[2]   ? 
_reflns.pdbx_aniso_diffraction_limit_axis_3_ortho[3]   ? 
_reflns.pdbx_aniso_diffraction_limit_1                 ? 
_reflns.pdbx_aniso_diffraction_limit_2                 ? 
_reflns.pdbx_aniso_diffraction_limit_3                 ? 
_reflns.pdbx_aniso_B_tensor_eigenvector_1_ortho[1]     ? 
_reflns.pdbx_aniso_B_tensor_eigenvector_1_ortho[2]     ? 
_reflns.pdbx_aniso_B_tensor_eigenvector_1_ortho[3]     ? 
_reflns.pdbx_aniso_B_tensor_eigenvector_2_ortho[1]     ? 
_reflns.pdbx_aniso_B_tensor_eigenvector_2_ortho[2]     ? 
_reflns.pdbx_aniso_B_tensor_eigenvector_2_ortho[3]     ? 
_reflns.pdbx_aniso_B_tensor_eigenvector_3_ortho[1]     ? 
_reflns.pdbx_aniso_B_tensor_eigenvector_3_ortho[2]     ? 
_reflns.pdbx_aniso_B_tensor_eigenvector_3_ortho[3]     ? 
_reflns.pdbx_aniso_B_tensor_eigenvalue_1               ? 
_reflns.pdbx_aniso_B_tensor_eigenvalue_2               ? 
_reflns.pdbx_aniso_B_tensor_eigenvalue_3               ? 
_reflns.pdbx_orthogonalization_convention              ? 
_reflns.pdbx_percent_possible_ellipsoidal              ? 
_reflns.pdbx_percent_possible_spherical                ? 
_reflns.pdbx_percent_possible_ellipsoidal_anomalous    ? 
_reflns.pdbx_percent_possible_spherical_anomalous      ? 
_reflns.pdbx_redundancy_anomalous                      ? 
_reflns.pdbx_CC_half_anomalous                         ? 
_reflns.pdbx_absDiff_over_sigma_anomalous              ? 
_reflns.pdbx_percent_possible_anomalous                ? 
_reflns.pdbx_observed_signal_threshold                 ? 
_reflns.pdbx_signal_type                               ? 
_reflns.pdbx_signal_details                            ? 
_reflns.pdbx_signal_software_id                        ? 
# 
loop_
_reflns_shell.d_res_high 
_reflns_shell.d_res_low 
_reflns_shell.meanI_over_sigI_all 
_reflns_shell.meanI_over_sigI_obs 
_reflns_shell.number_measured_all 
_reflns_shell.number_measured_obs 
_reflns_shell.number_possible 
_reflns_shell.number_unique_all 
_reflns_shell.number_unique_obs 
_reflns_shell.percent_possible_all 
_reflns_shell.percent_possible_obs 
_reflns_shell.Rmerge_F_all 
_reflns_shell.Rmerge_F_obs 
_reflns_shell.Rmerge_I_all 
_reflns_shell.Rmerge_I_obs 
_reflns_shell.meanI_over_sigI_gt 
_reflns_shell.meanI_over_uI_all 
_reflns_shell.meanI_over_uI_gt 
_reflns_shell.number_measured_gt 
_reflns_shell.number_unique_gt 
_reflns_shell.percent_possible_gt 
_reflns_shell.Rmerge_F_gt 
_reflns_shell.Rmerge_I_gt 
_reflns_shell.pdbx_redundancy 
_reflns_shell.pdbx_Rsym_value 
_reflns_shell.pdbx_chi_squared 
_reflns_shell.pdbx_netI_over_sigmaI_all 
_reflns_shell.pdbx_netI_over_sigmaI_obs 
_reflns_shell.pdbx_Rrim_I_all 
_reflns_shell.pdbx_Rpim_I_all 
_reflns_shell.pdbx_rejects 
_reflns_shell.pdbx_ordinal 
_reflns_shell.pdbx_diffrn_id 
_reflns_shell.pdbx_CC_half 
_reflns_shell.pdbx_CC_star 
_reflns_shell.pdbx_R_split 
_reflns_shell.pdbx_percent_possible_ellipsoidal 
_reflns_shell.pdbx_percent_possible_spherical 
_reflns_shell.pdbx_percent_possible_ellipsoidal_anomalous 
_reflns_shell.pdbx_percent_possible_spherical_anomalous 
_reflns_shell.pdbx_redundancy_anomalous 
_reflns_shell.pdbx_CC_half_anomalous 
_reflns_shell.pdbx_absDiff_over_sigma_anomalous 
_reflns_shell.pdbx_percent_possible_anomalous 
1.800 1.840  ? ? 9530 ? ? ? 842 99.700 ? ? ? ? 1.681 ? ? ? ? ? ? ? ? 11.300 ? ? ? 1.600  1.761 0.515 ? 1 1 0.574 ? ? ? ? ? ? ? ? ? 
? 
9.000 48.740 ? ? 1588 ? ? ? 163 99.900 ? ? ? ? 0.075 ? ? ? ? ? ? ? ? 9.700  ? ? ? 33.100 0.081 0.029 ? 2 1 0.986 ? ? ? ? ? ? ? ? ? 
? 
# 
_refine.aniso_B[1][1]                            ? 
_refine.aniso_B[1][2]                            ? 
_refine.aniso_B[1][3]                            ? 
_refine.aniso_B[2][2]                            ? 
_refine.aniso_B[2][3]                            ? 
_refine.aniso_B[3][3]                            ? 
_refine.B_iso_max                                81.710 
_refine.B_iso_mean                               40.4437 
_refine.B_iso_min                                20.980 
_refine.correlation_coeff_Fo_to_Fc               ? 
_refine.correlation_coeff_Fo_to_Fc_free          ? 
_refine.details                                  ? 
_refine.diff_density_max                         ? 
_refine.diff_density_max_esd                     ? 
_refine.diff_density_min                         ? 
_refine.diff_density_min_esd                     ? 
_refine.diff_density_rms                         ? 
_refine.diff_density_rms_esd                     ? 
_refine.entry_id                                 7XJ4 
_refine.pdbx_refine_id                           'X-RAY DIFFRACTION' 
_refine.ls_abs_structure_details                 ? 
_refine.ls_abs_structure_Flack                   ? 
_refine.ls_abs_structure_Flack_esd               ? 
_refine.ls_abs_structure_Rogers                  ? 
_refine.ls_abs_structure_Rogers_esd              ? 
_refine.ls_d_res_high                            1.8000 
_refine.ls_d_res_low                             48.7400 
_refine.ls_extinction_coef                       ? 
_refine.ls_extinction_coef_esd                   ? 
_refine.ls_extinction_expression                 ? 
_refine.ls_extinction_method                     ? 
_refine.ls_goodness_of_fit_all                   ? 
_refine.ls_goodness_of_fit_all_esd               ? 
_refine.ls_goodness_of_fit_obs                   ? 
_refine.ls_goodness_of_fit_obs_esd               ? 
_refine.ls_hydrogen_treatment                    ? 
_refine.ls_matrix_type                           ? 
_refine.ls_number_constraints                    ? 
_refine.ls_number_parameters                     ? 
_refine.ls_number_reflns_all                     ? 
_refine.ls_number_reflns_obs                     27041 
_refine.ls_number_reflns_R_free                  1349 
_refine.ls_number_reflns_R_work                  25692 
_refine.ls_number_restraints                     ? 
_refine.ls_percent_reflns_obs                    99.9300 
_refine.ls_percent_reflns_R_free                 4.9900 
_refine.ls_R_factor_all                          ? 
_refine.ls_R_factor_obs                          0.2188 
_refine.ls_R_factor_R_free                       0.2395 
_refine.ls_R_factor_R_free_error                 ? 
_refine.ls_R_factor_R_free_error_details         ? 
_refine.ls_R_factor_R_work                       0.2174 
_refine.ls_R_Fsqd_factor_obs                     ? 
_refine.ls_R_I_factor_obs                        ? 
_refine.ls_redundancy_reflns_all                 ? 
_refine.ls_redundancy_reflns_obs                 ? 
_refine.ls_restrained_S_all                      ? 
_refine.ls_restrained_S_obs                      ? 
_refine.ls_shift_over_esd_max                    ? 
_refine.ls_shift_over_esd_mean                   ? 
_refine.ls_structure_factor_coef                 ? 
_refine.ls_weighting_details                     ? 
_refine.ls_weighting_scheme                      ? 
_refine.ls_wR_factor_all                         ? 
_refine.ls_wR_factor_obs                         ? 
_refine.ls_wR_factor_R_free                      ? 
_refine.ls_wR_factor_R_work                      ? 
_refine.occupancy_max                            ? 
_refine.occupancy_min                            ? 
_refine.solvent_model_details                    'FLAT BULK SOLVENT MODEL' 
_refine.solvent_model_param_bsol                 ? 
_refine.solvent_model_param_ksol                 ? 
_refine.pdbx_R_complete                          ? 
_refine.ls_R_factor_gt                           ? 
_refine.ls_goodness_of_fit_gt                    ? 
_refine.ls_goodness_of_fit_ref                   ? 
_refine.ls_shift_over_su_max                     ? 
_refine.ls_shift_over_su_max_lt                  ? 
_refine.ls_shift_over_su_mean                    ? 
_refine.ls_shift_over_su_mean_lt                 ? 
_refine.pdbx_ls_sigma_I                          ? 
_refine.pdbx_ls_sigma_F                          1.920 
_refine.pdbx_ls_sigma_Fsqd                       ? 
_refine.pdbx_data_cutoff_high_absF               ? 
_refine.pdbx_data_cutoff_high_rms_absF           ? 
_refine.pdbx_data_cutoff_low_absF                ? 
_refine.pdbx_isotropic_thermal_model             ? 
_refine.pdbx_ls_cross_valid_method               THROUGHOUT 
_refine.pdbx_method_to_determine_struct          'MOLECULAR REPLACEMENT' 
_refine.pdbx_starting_model                      3QIN 
_refine.pdbx_stereochemistry_target_values       ML 
_refine.pdbx_R_Free_selection_details            ? 
_refine.pdbx_stereochem_target_val_spec_case     ? 
_refine.pdbx_overall_ESU_R                       ? 
_refine.pdbx_overall_ESU_R_Free                  ? 
_refine.pdbx_solvent_vdw_probe_radii             1.1100 
_refine.pdbx_solvent_ion_probe_radii             ? 
_refine.pdbx_solvent_shrinkage_radii             0.9000 
_refine.pdbx_real_space_R                        ? 
_refine.pdbx_density_correlation                 ? 
_refine.pdbx_pd_number_of_powder_patterns        ? 
_refine.pdbx_pd_number_of_points                 ? 
_refine.pdbx_pd_meas_number_of_points            ? 
_refine.pdbx_pd_proc_ls_prof_R_factor            ? 
_refine.pdbx_pd_proc_ls_prof_wR_factor           ? 
_refine.pdbx_pd_Marquardt_correlation_coeff      ? 
_refine.pdbx_pd_Fsqrd_R_factor                   ? 
_refine.pdbx_pd_ls_matrix_band_width             ? 
_refine.pdbx_overall_phase_error                 27.0900 
_refine.pdbx_overall_SU_R_free_Cruickshank_DPI   ? 
_refine.pdbx_overall_SU_R_free_Blow_DPI          ? 
_refine.pdbx_overall_SU_R_Blow_DPI               ? 
_refine.pdbx_TLS_residual_ADP_flag               ? 
_refine.pdbx_diffrn_id                           1 
_refine.overall_SU_B                             ? 
_refine.overall_SU_ML                            0.1600 
_refine.overall_SU_R_Cruickshank_DPI             ? 
_refine.overall_SU_R_free                        ? 
_refine.overall_FOM_free_R_set                   ? 
_refine.overall_FOM_work_R_set                   ? 
_refine.pdbx_average_fsc_overall                 ? 
_refine.pdbx_average_fsc_work                    ? 
_refine.pdbx_average_fsc_free                    ? 
# 
_refine_hist.pdbx_refine_id                   'X-RAY DIFFRACTION' 
_refine_hist.cycle_id                         final 
_refine_hist.details                          ? 
_refine_hist.d_res_high                       1.8000 
_refine_hist.d_res_low                        48.7400 
_refine_hist.number_atoms_solvent             16 
_refine_hist.number_atoms_total               1214 
_refine_hist.number_reflns_all                ? 
_refine_hist.number_reflns_obs                ? 
_refine_hist.number_reflns_R_free             ? 
_refine_hist.number_reflns_R_work             ? 
_refine_hist.R_factor_all                     ? 
_refine_hist.R_factor_obs                     ? 
_refine_hist.R_factor_R_free                  ? 
_refine_hist.R_factor_R_work                  ? 
_refine_hist.pdbx_number_residues_total       149 
_refine_hist.pdbx_B_iso_mean_ligand           53.99 
_refine_hist.pdbx_B_iso_mean_solvent          35.70 
_refine_hist.pdbx_number_atoms_protein        1169 
_refine_hist.pdbx_number_atoms_nucleic_acid   0 
_refine_hist.pdbx_number_atoms_ligand         29 
_refine_hist.pdbx_number_atoms_lipid          ? 
_refine_hist.pdbx_number_atoms_carb           ? 
_refine_hist.pdbx_pseudo_atom_details         ? 
# 
loop_
_refine_ls_shell.pdbx_refine_id 
_refine_ls_shell.d_res_high 
_refine_ls_shell.d_res_low 
_refine_ls_shell.number_reflns_all 
_refine_ls_shell.number_reflns_obs 
_refine_ls_shell.number_reflns_R_free 
_refine_ls_shell.number_reflns_R_work 
_refine_ls_shell.percent_reflns_obs 
_refine_ls_shell.percent_reflns_R_free 
_refine_ls_shell.R_factor_all 
_refine_ls_shell.R_factor_obs 
_refine_ls_shell.R_factor_R_free 
_refine_ls_shell.R_factor_R_free_error 
_refine_ls_shell.R_factor_R_work 
_refine_ls_shell.redundancy_reflns_all 
_refine_ls_shell.redundancy_reflns_obs 
_refine_ls_shell.wR_factor_all 
_refine_ls_shell.wR_factor_obs 
_refine_ls_shell.wR_factor_R_free 
_refine_ls_shell.wR_factor_R_work 
_refine_ls_shell.pdbx_R_complete 
_refine_ls_shell.pdbx_total_number_of_bins_used 
_refine_ls_shell.pdbx_phase_error 
_refine_ls_shell.pdbx_fsc_work 
_refine_ls_shell.pdbx_fsc_free 
'X-RAY DIFFRACTION' 1.8000 1.8600  2676 . 133 2543 100.0000 . . . 0.3472 0.0000 0.2929 . . . . . . . 10 . . . 
'X-RAY DIFFRACTION' 1.8600 1.9400  2701 . 131 2570 100.0000 . . . 0.2225 0.0000 0.2474 . . . . . . . 10 . . . 
'X-RAY DIFFRACTION' 1.9400 2.0300  2722 . 135 2587 100.0000 . . . 0.3259 0.0000 0.2572 . . . . . . . 10 . . . 
'X-RAY DIFFRACTION' 2.0300 2.1300  2694 . 136 2558 100.0000 . . . 0.2588 0.0000 0.2162 . . . . . . . 10 . . . 
'X-RAY DIFFRACTION' 2.1300 2.2700  2703 . 134 2569 100.0000 . . . 0.2895 0.0000 0.2276 . . . . . . . 10 . . . 
'X-RAY DIFFRACTION' 2.2700 2.4400  2716 . 136 2580 100.0000 . . . 0.2556 0.0000 0.2130 . . . . . . . 10 . . . 
'X-RAY DIFFRACTION' 2.4400 2.6900  2705 . 133 2572 100.0000 . . . 0.3023 0.0000 0.2417 . . . . . . . 10 . . . 
'X-RAY DIFFRACTION' 2.6900 3.0800  2706 . 135 2571 100.0000 . . . 0.2653 0.0000 0.2414 . . . . . . . 10 . . . 
'X-RAY DIFFRACTION' 3.0800 3.8800  2707 . 134 2573 100.0000 . . . 0.2483 0.0000 0.2185 . . . . . . . 10 . . . 
'X-RAY DIFFRACTION' 3.8800 48.7400 2711 . 142 2569 100.0000 . . . 0.1873 0.0000 0.1894 . . . . . . . 10 . . . 
# 
_struct.entry_id                     7XJ4 
_struct.title                        
;Crystal structure of engineered HIV-1 Reverse Transcriptase RNase H domain complexed with nitrofuran methoxy(methoxycarbonyl)phenyl ester
;
_struct.pdbx_model_details           ? 
_struct.pdbx_formula_weight          ? 
_struct.pdbx_formula_weight_method   ? 
_struct.pdbx_model_type_details      ? 
_struct.pdbx_CASP_flag               N 
# 
_struct_keywords.entry_id        7XJ4 
_struct_keywords.text            'ribonuclease, VIRAL PROTEIN' 
_struct_keywords.pdbx_keywords   'VIRAL PROTEIN' 
# 
loop_
_struct_asym.id 
_struct_asym.pdbx_blank_PDB_chainid_flag 
_struct_asym.pdbx_modified 
_struct_asym.entity_id 
_struct_asym.details 
A N N 1 ? 
B N N 2 ? 
C N N 2 ? 
D N N 3 ? 
E N N 3 ? 
F N N 4 ? 
G N N 3 ? 
H N N 5 ? 
# 
loop_
_struct_conf.conf_type_id 
_struct_conf.id 
_struct_conf.pdbx_PDB_helix_id 
_struct_conf.beg_label_comp_id 
_struct_conf.beg_label_asym_id 
_struct_conf.beg_label_seq_id 
_struct_conf.pdbx_beg_PDB_ins_code 
_struct_conf.end_label_comp_id 
_struct_conf.end_label_asym_id 
_struct_conf.end_label_seq_id 
_struct_conf.pdbx_end_PDB_ins_code 
_struct_conf.beg_auth_comp_id 
_struct_conf.beg_auth_asym_id 
_struct_conf.beg_auth_seq_id 
_struct_conf.end_auth_comp_id 
_struct_conf.end_auth_asym_id 
_struct_conf.end_auth_seq_id 
_struct_conf.pdbx_PDB_helix_class 
_struct_conf.details 
_struct_conf.pdbx_PDB_helix_length 
HELX_P HELX_P1 AA1 THR A 53  ? SER A 69  ? THR A 53  SER A 69  1 ? 17 
HELX_P HELX_P2 AA2 SER A 79  ? ASN A 92  ? SER A 79  ASN A 92  1 ? 14 
HELX_P HELX_P3 AA3 ASN A 104 ? LYS A 117 ? ASN A 104 LYS A 117 1 ? 14 
HELX_P HELX_P4 AA4 GLY A 133 ? ALA A 144 ? GLY A 133 ALA A 144 1 ? 12 
# 
_struct_conf_type.id          HELX_P 
_struct_conf_type.criteria    ? 
_struct_conf_type.reference   ? 
# 
loop_
_struct_conn.id 
_struct_conn.conn_type_id 
_struct_conn.pdbx_leaving_atom_flag 
_struct_conn.pdbx_PDB_id 
_struct_conn.ptnr1_label_asym_id 
_struct_conn.ptnr1_label_comp_id 
_struct_conn.ptnr1_label_seq_id 
_struct_conn.ptnr1_label_atom_id 
_struct_conn.pdbx_ptnr1_label_alt_id 
_struct_conn.pdbx_ptnr1_PDB_ins_code 
_struct_conn.pdbx_ptnr1_standard_comp_id 
_struct_conn.ptnr1_symmetry 
_struct_conn.ptnr2_label_asym_id 
_struct_conn.ptnr2_label_comp_id 
_struct_conn.ptnr2_label_seq_id 
_struct_conn.ptnr2_label_atom_id 
_struct_conn.pdbx_ptnr2_label_alt_id 
_struct_conn.pdbx_ptnr2_PDB_ins_code 
_struct_conn.ptnr1_auth_asym_id 
_struct_conn.ptnr1_auth_comp_id 
_struct_conn.ptnr1_auth_seq_id 
_struct_conn.ptnr2_auth_asym_id 
_struct_conn.ptnr2_auth_comp_id 
_struct_conn.ptnr2_auth_seq_id 
_struct_conn.ptnr2_symmetry 
_struct_conn.pdbx_ptnr3_label_atom_id 
_struct_conn.pdbx_ptnr3_label_seq_id 
_struct_conn.pdbx_ptnr3_label_comp_id 
_struct_conn.pdbx_ptnr3_label_asym_id 
_struct_conn.pdbx_ptnr3_label_alt_id 
_struct_conn.pdbx_ptnr3_PDB_ins_code 
_struct_conn.details 
_struct_conn.pdbx_dist_value 
_struct_conn.pdbx_value_order 
_struct_conn.pdbx_role 
metalc1  metalc ? ? A ASP 23  OD2 ? ? ? 1_555 B MN  . MN  ? ? A ASP 23  A MN  201 1_555 ? ? ? ? ? ? ? 2.373 ? ? 
metalc2  metalc ? ? A ASP 23  OD1 ? ? ? 1_555 C MN  . MN  ? ? A ASP 23  A MN  202 1_555 ? ? ? ? ? ? ? 1.982 ? ? 
metalc3  metalc ? ? A ASP 51  OD1 ? ? ? 1_555 D ZN  . ZN  ? ? A ASP 51  A ZN  203 1_555 ? ? ? ? ? ? ? 2.128 ? ? 
metalc4  metalc ? ? A ASP 51  OD2 ? ? ? 1_555 D ZN  . ZN  ? ? A ASP 51  A ZN  203 1_555 ? ? ? ? ? ? ? 2.471 ? ? 
metalc5  metalc ? ? A GLU 58  OE2 ? ? ? 1_555 C MN  . MN  ? ? A GLU 58  A MN  202 1_555 ? ? ? ? ? ? ? 1.917 ? ? 
metalc6  metalc ? ? A GLU 72  OE2 ? ? ? 1_555 E ZN  . ZN  ? ? A GLU 72  A ZN  204 1_555 ? ? ? ? ? ? ? 1.847 ? ? 
metalc7  metalc ? ? A ASP 78  OD1 ? ? ? 1_555 C MN  . MN  ? ? A ASP 78  A MN  202 1_555 ? ? ? ? ? ? ? 1.930 ? ? 
metalc8  metalc ? ? A ASP 106 OD1 ? ? ? 1_555 G ZN  . ZN  ? ? A ASP 106 A ZN  206 7_555 ? ? ? ? ? ? ? 2.527 ? ? 
metalc9  metalc ? ? A ASP 106 OD2 ? ? ? 1_555 G ZN  . ZN  ? ? A ASP 106 A ZN  206 7_555 ? ? ? ? ? ? ? 2.155 ? ? 
metalc10 metalc ? ? A GLN 110 OE1 ? ? ? 1_555 G ZN  . ZN  ? ? A GLN 110 A ZN  206 1_555 ? ? ? ? ? ? ? 2.467 ? ? 
metalc11 metalc ? ? A GLU 113 OE1 ? ? ? 1_555 G ZN  . ZN  ? ? A GLU 113 A ZN  206 1_555 ? ? ? ? ? ? ? 2.055 ? ? 
metalc12 metalc ? ? A GLU 119 OE2 ? ? ? 1_555 E ZN  . ZN  ? ? A GLU 119 A ZN  204 1_555 ? ? ? ? ? ? ? 1.938 ? ? 
metalc13 metalc ? ? A HIS 129 NE2 ? ? ? 1_555 D ZN  . ZN  ? ? A HIS 129 A ZN  203 6_454 ? ? ? ? ? ? ? 2.235 ? ? 
metalc14 metalc ? ? A GLU 136 OE1 ? ? ? 1_555 D ZN  . ZN  ? ? A GLU 136 A ZN  203 6_454 ? ? ? ? ? ? ? 2.144 ? ? 
metalc15 metalc ? ? A ASP 139 OD1 ? ? ? 1_555 B MN  . MN  ? ? A ASP 139 A MN  201 1_555 ? ? ? ? ? ? ? 2.009 ? ? 
metalc16 metalc ? ? A ARG 147 NH2 ? ? ? 1_555 B MN  . MN  ? ? A ARG 147 A MN  201 1_555 ? ? ? ? ? ? ? 2.501 ? ? 
metalc17 metalc ? ? B MN  .   MN  ? ? ? 1_555 F E9B . SAQ ? ? A MN  201 A E9B 205 1_555 ? ? ? ? ? ? ? 2.473 ? ? 
metalc18 metalc ? ? B MN  .   MN  ? ? ? 1_555 F E9B . NAV ? ? A MN  201 A E9B 205 1_555 ? ? ? ? ? ? ? 1.877 ? ? 
metalc19 metalc ? ? B MN  .   MN  ? ? ? 1_555 F E9B . OAW ? ? A MN  201 A E9B 205 1_555 ? ? ? ? ? ? ? 1.814 ? ? 
metalc20 metalc ? ? D ZN  .   ZN  ? ? ? 1_555 H HOH . O   ? ? A ZN  203 A HOH 313 1_555 ? ? ? ? ? ? ? 2.155 ? ? 
metalc21 metalc ? ? E ZN  .   ZN  ? ? ? 1_555 H HOH . O   ? ? A ZN  204 A HOH 316 1_555 ? ? ? ? ? ? ? 2.264 ? ? 
# 
_struct_conn_type.id          metalc 
_struct_conn_type.criteria    ? 
_struct_conn_type.reference   ? 
# 
_struct_sheet.id               AA1 
_struct_sheet.type             ? 
_struct_sheet.number_strands   5 
_struct_sheet.details          ? 
# 
loop_
_struct_sheet_order.sheet_id 
_struct_sheet_order.range_id_1 
_struct_sheet_order.range_id_2 
_struct_sheet_order.offset 
_struct_sheet_order.sense 
AA1 1 2 ? anti-parallel 
AA1 2 3 ? anti-parallel 
AA1 3 4 ? parallel      
AA1 4 5 ? parallel      
# 
loop_
_struct_sheet_range.sheet_id 
_struct_sheet_range.id 
_struct_sheet_range.beg_label_comp_id 
_struct_sheet_range.beg_label_asym_id 
_struct_sheet_range.beg_label_seq_id 
_struct_sheet_range.pdbx_beg_PDB_ins_code 
_struct_sheet_range.end_label_comp_id 
_struct_sheet_range.end_label_asym_id 
_struct_sheet_range.end_label_seq_id 
_struct_sheet_range.pdbx_end_PDB_ins_code 
_struct_sheet_range.beg_auth_comp_id 
_struct_sheet_range.beg_auth_asym_id 
_struct_sheet_range.beg_auth_seq_id 
_struct_sheet_range.end_auth_comp_id 
_struct_sheet_range.end_auth_asym_id 
_struct_sheet_range.end_auth_seq_id 
AA1 1 GLN A 44  ? LEU A 49  ? GLN A 44  LEU A 49  
AA1 2 GLY A 33  ? THR A 39  ? GLY A 33  THR A 39  
AA1 3 THR A 19  ? ALA A 26  ? THR A 19  ALA A 26  
AA1 4 GLU A 72  ? THR A 77  ? GLU A 72  THR A 77  
AA1 5 LYS A 120 ? TRP A 125 ? LYS A 120 TRP A 125 
# 
loop_
_pdbx_struct_sheet_hbond.sheet_id 
_pdbx_struct_sheet_hbond.range_id_1 
_pdbx_struct_sheet_hbond.range_id_2 
_pdbx_struct_sheet_hbond.range_1_label_atom_id 
_pdbx_struct_sheet_hbond.range_1_label_comp_id 
_pdbx_struct_sheet_hbond.range_1_label_asym_id 
_pdbx_struct_sheet_hbond.range_1_label_seq_id 
_pdbx_struct_sheet_hbond.range_1_PDB_ins_code 
_pdbx_struct_sheet_hbond.range_1_auth_atom_id 
_pdbx_struct_sheet_hbond.range_1_auth_comp_id 
_pdbx_struct_sheet_hbond.range_1_auth_asym_id 
_pdbx_struct_sheet_hbond.range_1_auth_seq_id 
_pdbx_struct_sheet_hbond.range_2_label_atom_id 
_pdbx_struct_sheet_hbond.range_2_label_comp_id 
_pdbx_struct_sheet_hbond.range_2_label_asym_id 
_pdbx_struct_sheet_hbond.range_2_label_seq_id 
_pdbx_struct_sheet_hbond.range_2_PDB_ins_code 
_pdbx_struct_sheet_hbond.range_2_auth_atom_id 
_pdbx_struct_sheet_hbond.range_2_auth_comp_id 
_pdbx_struct_sheet_hbond.range_2_auth_asym_id 
_pdbx_struct_sheet_hbond.range_2_auth_seq_id 
AA1 1 2 O VAL A 47 ? O VAL A 47 N ALA A 35  ? N ALA A 35  
AA1 2 3 O VAL A 38 ? O VAL A 38 N TYR A 21  ? N TYR A 21  
AA1 3 4 N PHE A 20 ? N PHE A 20 O ASN A 74  ? O ASN A 74  
AA1 4 5 N ILE A 75 ? N ILE A 75 O TYR A 122 ? O TYR A 122 
# 
_atom_sites.entry_id                    7XJ4 
_atom_sites.Cartn_transf_matrix[1][1]   ? 
_atom_sites.Cartn_transf_matrix[1][2]   ? 
_atom_sites.Cartn_transf_matrix[1][3]   ? 
_atom_sites.Cartn_transf_matrix[2][1]   ? 
_atom_sites.Cartn_transf_matrix[2][2]   ? 
_atom_sites.Cartn_transf_matrix[2][3]   ? 
_atom_sites.Cartn_transf_matrix[3][1]   ? 
_atom_sites.Cartn_transf_matrix[3][2]   ? 
_atom_sites.Cartn_transf_matrix[3][3]   ? 
_atom_sites.Cartn_transf_vector[1]      ? 
_atom_sites.Cartn_transf_vector[2]      ? 
_atom_sites.Cartn_transf_vector[3]      ? 
_atom_sites.fract_transf_matrix[1][1]   -0.00973945 
_atom_sites.fract_transf_matrix[1][2]   0.00814606 
_atom_sites.fract_transf_matrix[1][3]   0.01060451 
_atom_sites.fract_transf_matrix[2][1]   -0.00880219 
_atom_sites.fract_transf_matrix[2][2]   -0.01378152 
_atom_sites.fract_transf_matrix[2][3]   0.00250238 
_atom_sites.fract_transf_matrix[3][1]   0.00738242 
_atom_sites.fract_transf_matrix[3][2]   -0.00305753 
_atom_sites.fract_transf_matrix[3][3]   0.00912890 
_atom_sites.fract_transf_vector[1]      -0.226311 
_atom_sites.fract_transf_vector[2]      0.143214 
_atom_sites.fract_transf_vector[3]      -0.059799 
_atom_sites.solution_primary            ? 
_atom_sites.solution_secondary          ? 
_atom_sites.solution_hydrogens          ? 
_atom_sites.special_details             ? 
# 
loop_
_atom_type.symbol 
C  
MN 
N  
O  
S  
ZN 
# 
loop_
_atom_site.group_PDB 
_atom_site.id 
_atom_site.type_symbol 
_atom_site.label_atom_id 
_atom_site.label_alt_id 
_atom_site.label_comp_id 
_atom_site.label_asym_id 
_atom_site.label_entity_id 
_atom_site.label_seq_id 
_atom_site.pdbx_PDB_ins_code 
_atom_site.Cartn_x 
_atom_site.Cartn_y 
_atom_site.Cartn_z 
_atom_site.occupancy 
_atom_site.B_iso_or_equiv 
_atom_site.pdbx_formal_charge 
_atom_site.auth_seq_id 
_atom_site.auth_comp_id 
_atom_site.auth_asym_id 
_atom_site.auth_atom_id 
_atom_site.pdbx_PDB_model_num 
ATOM   1    N  N   . GLY A 1 1   ? 15.566  1.887   3.194   1.00 55.94 ? 1   GLY A N   1 
ATOM   2    C  CA  . GLY A 1 1   ? 16.914  1.396   2.962   1.00 60.61 ? 1   GLY A CA  1 
ATOM   3    C  C   . GLY A 1 1   ? 17.821  1.433   4.183   1.00 66.10 ? 1   GLY A C   1 
ATOM   4    O  O   . GLY A 1 1   ? 17.565  2.183   5.133   1.00 64.74 ? 1   GLY A O   1 
ATOM   5    N  N   . PRO A 1 2   ? 18.907  0.633   4.147   1.00 69.21 ? 2   PRO A N   1 
ATOM   6    C  CA  . PRO A 1 2   ? 19.804  0.516   5.314   1.00 71.81 ? 2   PRO A CA  1 
ATOM   7    C  C   . PRO A 1 2   ? 20.434  1.828   5.772   1.00 70.94 ? 2   PRO A C   1 
ATOM   8    O  O   . PRO A 1 2   ? 21.302  2.379   5.086   1.00 73.24 ? 2   PRO A O   1 
ATOM   9    C  CB  . PRO A 1 2   ? 20.889  -0.469  4.846   1.00 69.74 ? 2   PRO A CB  1 
ATOM   10   C  CG  . PRO A 1 2   ? 20.461  -0.995  3.521   1.00 67.41 ? 2   PRO A CG  1 
ATOM   11   C  CD  . PRO A 1 2   ? 19.322  -0.195  2.998   1.00 64.73 ? 2   PRO A CD  1 
ATOM   12   N  N   . GLY A 1 3   ? 20.007  2.327   6.933   1.00 71.91 ? 3   GLY A N   1 
ATOM   13   C  CA  . GLY A 1 3   ? 20.599  3.504   7.552   1.00 72.95 ? 3   GLY A CA  1 
ATOM   14   C  C   . GLY A 1 3   ? 19.665  4.686   7.741   1.00 71.99 ? 3   GLY A C   1 
ATOM   15   O  O   . GLY A 1 3   ? 20.059  5.665   8.394   1.00 73.24 ? 3   GLY A O   1 
ATOM   16   N  N   . GLY A 1 4   ? 18.441  4.649   7.216   1.00 72.06 ? 4   GLY A N   1 
ATOM   17   C  CA  . GLY A 1 4   ? 17.597  5.831   7.212   1.00 66.97 ? 4   GLY A CA  1 
ATOM   18   C  C   . GLY A 1 4   ? 17.768  6.618   5.926   1.00 70.51 ? 4   GLY A C   1 
ATOM   19   O  O   . GLY A 1 4   ? 17.796  7.856   5.940   1.00 70.61 ? 4   GLY A O   1 
ATOM   20   N  N   . SER A 1 5   ? 17.872  5.893   4.805   1.00 73.39 ? 5   SER A N   1 
ATOM   21   C  CA  . SER A 1 5   ? 18.292  6.439   3.520   1.00 72.26 ? 5   SER A CA  1 
ATOM   22   C  C   . SER A 1 5   ? 17.247  6.154   2.443   1.00 71.38 ? 5   SER A C   1 
ATOM   23   O  O   . SER A 1 5   ? 16.405  5.261   2.592   1.00 71.70 ? 5   SER A O   1 
ATOM   24   C  CB  . SER A 1 5   ? 19.650  5.851   3.092   1.00 69.04 ? 5   SER A CB  1 
ATOM   25   O  OG  . SER A 1 5   ? 20.726  6.411   3.826   1.00 73.61 ? 5   SER A OG  1 
ATOM   26   N  N   . MET A 1 6   ? 17.322  6.935   1.347   1.00 74.11 ? 6   MET A N   1 
ATOM   27   C  CA  . MET A 1 6   ? 16.517  6.762   0.135   1.00 71.48 ? 6   MET A CA  1 
ATOM   28   C  C   . MET A 1 6   ? 16.390  5.273   -0.188  1.00 69.73 ? 6   MET A C   1 
ATOM   29   O  O   . MET A 1 6   ? 15.372  4.660   0.148   1.00 69.57 ? 6   MET A O   1 
ATOM   30   C  CB  . MET A 1 6   ? 17.135  7.552   -1.052  1.00 71.14 ? 6   MET A CB  1 
ATOM   31   C  CG  . MET A 1 6   ? 17.080  6.889   -2.473  1.00 71.14 ? 6   MET A CG  1 
ATOM   32   S  SD  . MET A 1 6   ? 17.785  7.726   -3.940  1.00 79.63 ? 6   MET A SD  1 
ATOM   33   C  CE  . MET A 1 6   ? 16.808  9.196   -4.133  1.00 64.85 ? 6   MET A CE  1 
ATOM   34   N  N   . TYR A 1 7   ? 17.462  4.671   -0.725  1.00 69.52 ? 7   TYR A N   1 
ATOM   35   C  CA  . TYR A 1 7   ? 17.458  3.391   -1.433  1.00 66.49 ? 7   TYR A CA  1 
ATOM   36   C  C   . TYR A 1 7   ? 16.208  3.189   -2.288  1.00 61.10 ? 7   TYR A C   1 
ATOM   37   O  O   . TYR A 1 7   ? 15.074  3.226   -1.797  1.00 58.06 ? 7   TYR A O   1 
ATOM   38   C  CB  . TYR A 1 7   ? 17.632  2.221   -0.460  1.00 67.88 ? 7   TYR A CB  1 
ATOM   39   C  CG  . TYR A 1 7   ? 19.032  2.103   0.124   1.00 71.27 ? 7   TYR A CG  1 
ATOM   40   C  CD1 . TYR A 1 7   ? 19.520  3.063   1.008   1.00 71.59 ? 7   TYR A CD1 1 
ATOM   41   C  CD2 . TYR A 1 7   ? 19.869  1.038   -0.215  1.00 74.10 ? 7   TYR A CD2 1 
ATOM   42   C  CE1 . TYR A 1 7   ? 20.795  2.964   1.556   1.00 72.99 ? 7   TYR A CE1 1 
ATOM   43   C  CE2 . TYR A 1 7   ? 21.156  0.932   0.326   1.00 75.67 ? 7   TYR A CE2 1 
ATOM   44   C  CZ  . TYR A 1 7   ? 21.608  1.902   1.214   1.00 76.26 ? 7   TYR A CZ  1 
ATOM   45   O  OH  . TYR A 1 7   ? 22.869  1.821   1.763   1.00 75.74 ? 7   TYR A OH  1 
ATOM   46   N  N   . GLN A 1 8   ? 16.406  2.947   -3.577  1.00 54.84 ? 8   GLN A N   1 
ATOM   47   C  CA  . GLN A 1 8   ? 15.265  2.827   -4.463  1.00 50.78 ? 8   GLN A CA  1 
ATOM   48   C  C   . GLN A 1 8   ? 14.469  1.565   -4.131  1.00 47.16 ? 8   GLN A C   1 
ATOM   49   O  O   . GLN A 1 8   ? 14.951  0.655   -3.453  1.00 46.25 ? 8   GLN A O   1 
ATOM   50   C  CB  . GLN A 1 8   ? 15.733  2.824   -5.917  1.00 51.77 ? 8   GLN A CB  1 
ATOM   51   C  CG  . GLN A 1 8   ? 16.628  4.028   -6.225  1.00 59.48 ? 8   GLN A CG  1 
ATOM   52   C  CD  . GLN A 1 8   ? 15.831  5.240   -6.671  1.00 60.32 ? 8   GLN A CD  1 
ATOM   53   O  OE1 . GLN A 1 8   ? 14.617  5.156   -6.867  1.00 58.72 ? 8   GLN A OE1 1 
ATOM   54   N  NE2 . GLN A 1 8   ? 16.506  6.382   -6.808  1.00 65.84 ? 8   GLN A NE2 1 
ATOM   55   N  N   . LEU A 1 9   ? 13.220  1.537   -4.581  1.00 40.30 ? 9   LEU A N   1 
ATOM   56   C  CA  . LEU A 1 9   ? 12.437  0.322   -4.459  1.00 39.65 ? 9   LEU A CA  1 
ATOM   57   C  C   . LEU A 1 9   ? 13.033  -0.773  -5.342  1.00 41.41 ? 9   LEU A C   1 
ATOM   58   O  O   . LEU A 1 9   ? 13.747  -0.509  -6.321  1.00 34.52 ? 9   LEU A O   1 
ATOM   59   C  CB  . LEU A 1 9   ? 10.982  0.573   -4.845  1.00 40.21 ? 9   LEU A CB  1 
ATOM   60   C  CG  . LEU A 1 9   ? 10.206  1.614   -4.037  1.00 41.57 ? 9   LEU A CG  1 
ATOM   61   C  CD1 . LEU A 1 9   ? 8.968   2.021   -4.817  1.00 43.78 ? 9   LEU A CD1 1 
ATOM   62   C  CD2 . LEU A 1 9   ? 9.815   1.111   -2.646  1.00 40.65 ? 9   LEU A CD2 1 
ATOM   63   N  N   . GLU A 1 10  ? 12.721  -2.016  -4.992  1.00 36.78 ? 10  GLU A N   1 
ATOM   64   C  CA  . GLU A 1 10  ? 13.295  -3.154  -5.693  1.00 34.42 ? 10  GLU A CA  1 
ATOM   65   C  C   . GLU A 1 10  ? 12.720  -3.284  -7.101  1.00 38.27 ? 10  GLU A C   1 
ATOM   66   O  O   . GLU A 1 10  ? 11.532  -3.043  -7.347  1.00 32.45 ? 10  GLU A O   1 
ATOM   67   C  CB  . GLU A 1 10  ? 13.038  -4.448  -4.917  1.00 35.87 ? 10  GLU A CB  1 
ATOM   68   C  CG  . GLU A 1 10  ? 13.816  -4.532  -3.604  1.00 38.15 ? 10  GLU A CG  1 
ATOM   69   C  CD  . GLU A 1 10  ? 15.315  -4.633  -3.819  1.00 43.23 ? 10  GLU A CD  1 
ATOM   70   O  OE1 . GLU A 1 10  ? 15.743  -5.467  -4.640  1.00 44.67 ? 10  GLU A OE1 1 
ATOM   71   O  OE2 . GLU A 1 10  ? 16.064  -3.862  -3.173  1.00 42.25 ? 10  GLU A OE2 1 
ATOM   72   N  N   . LYS A 1 11  ? 13.565  -3.731  -8.027  1.00 36.39 ? 11  LYS A N   1 
ATOM   73   C  CA  . LYS A 1 11  ? 13.114  -3.894  -9.403  1.00 38.55 ? 11  LYS A CA  1 
ATOM   74   C  C   . LYS A 1 11  ? 12.262  -5.146  -9.585  1.00 37.45 ? 11  LYS A C   1 
ATOM   75   O  O   . LYS A 1 11  ? 11.394  -5.179  -10.465 1.00 41.12 ? 11  LYS A O   1 
ATOM   76   C  CB  . LYS A 1 11  ? 14.331  -3.910  -10.320 1.00 37.71 ? 11  LYS A CB  1 
ATOM   77   C  CG  . LYS A 1 11  ? 14.889  -2.534  -10.593 1.00 44.79 ? 11  LYS A CG  1 
ATOM   78   C  CD  . LYS A 1 11  ? 14.124  -1.872  -11.725 1.00 55.88 ? 11  LYS A CD  1 
ATOM   79   C  CE  . LYS A 1 11  ? 13.236  -0.735  -11.256 1.00 49.47 ? 11  LYS A CE  1 
ATOM   80   N  NZ  . LYS A 1 11  ? 12.134  -0.495  -12.243 1.00 60.87 ? 11  LYS A NZ  1 
ATOM   81   N  N   . GLU A 1 12  ? 12.490  -6.182  -8.783  1.00 33.00 ? 12  GLU A N   1 
ATOM   82   C  CA  . GLU A 1 12  ? 11.698  -7.400  -8.890  1.00 37.65 ? 12  GLU A CA  1 
ATOM   83   C  C   . GLU A 1 12  ? 11.382  -7.894  -7.480  1.00 34.07 ? 12  GLU A C   1 
ATOM   84   O  O   . GLU A 1 12  ? 12.004  -7.422  -6.520  1.00 32.70 ? 12  GLU A O   1 
ATOM   85   C  CB  . GLU A 1 12  ? 12.410  -8.527  -9.672  1.00 37.35 ? 12  GLU A CB  1 
ATOM   86   C  CG  . GLU A 1 12  ? 13.850  -8.881  -9.292  1.00 46.21 ? 12  GLU A CG  1 
ATOM   87   C  CD  . GLU A 1 12  ? 14.845  -7.769  -9.550  1.00 52.24 ? 12  GLU A CD  1 
ATOM   88   O  OE1 . GLU A 1 12  ? 14.761  -7.141  -10.632 1.00 48.58 ? 12  GLU A OE1 1 
ATOM   89   O  OE2 . GLU A 1 12  ? 15.679  -7.501  -8.657  1.00 54.96 ? 12  GLU A OE2 1 
ATOM   90   N  N   . PRO A 1 13  ? 10.456  -8.840  -7.315  1.00 33.73 ? 13  PRO A N   1 
ATOM   91   C  CA  . PRO A 1 13  ? 10.139  -9.322  -5.969  1.00 32.45 ? 13  PRO A CA  1 
ATOM   92   C  C   . PRO A 1 13  ? 11.364  -9.852  -5.242  1.00 36.53 ? 13  PRO A C   1 
ATOM   93   O  O   . PRO A 1 13  ? 12.300  -10.401 -5.838  1.00 31.39 ? 13  PRO A O   1 
ATOM   94   C  CB  . PRO A 1 13  ? 9.120   -10.431 -6.224  1.00 32.39 ? 13  PRO A CB  1 
ATOM   95   C  CG  . PRO A 1 13  ? 8.498   -10.080 -7.528  1.00 36.09 ? 13  PRO A CG  1 
ATOM   96   C  CD  . PRO A 1 13  ? 9.638   -9.543  -8.331  1.00 36.39 ? 13  PRO A CD  1 
ATOM   97   N  N   . ILE A 1 14  ? 11.348  -9.663  -3.928  1.00 30.32 ? 14  ILE A N   1 
ATOM   98   C  CA  . ILE A 1 14  ? 12.399  -10.150 -3.046  1.00 30.91 ? 14  ILE A CA  1 
ATOM   99   C  C   . ILE A 1 14  ? 12.148  -11.638 -2.803  1.00 30.75 ? 14  ILE A C   1 
ATOM   100  O  O   . ILE A 1 14  ? 11.173  -12.019 -2.152  1.00 29.96 ? 14  ILE A O   1 
ATOM   101  C  CB  . ILE A 1 14  ? 12.430  -9.366  -1.730  1.00 28.82 ? 14  ILE A CB  1 
ATOM   102  C  CG1 . ILE A 1 14  ? 12.546  -7.854  -2.011  1.00 34.87 ? 14  ILE A CG1 1 
ATOM   103  C  CG2 . ILE A 1 14  ? 13.575  -9.875  -0.849  1.00 34.63 ? 14  ILE A CG2 1 
ATOM   104  C  CD1 . ILE A 1 14  ? 11.920  -6.932  -0.940  1.00 32.97 ? 14  ILE A CD1 1 
ATOM   105  N  N   . VAL A 1 15  ? 13.008  -12.500 -3.345  1.00 27.65 ? 15  VAL A N   1 
ATOM   106  C  CA  . VAL A 1 15  ? 12.763  -13.933 -3.193  1.00 25.31 ? 15  VAL A CA  1 
ATOM   107  C  C   . VAL A 1 15  ? 12.880  -14.306 -1.718  1.00 32.80 ? 15  VAL A C   1 
ATOM   108  O  O   . VAL A 1 15  ? 13.781  -13.837 -1.009  1.00 34.10 ? 15  VAL A O   1 
ATOM   109  C  CB  . VAL A 1 15  ? 13.729  -14.763 -4.064  1.00 32.30 ? 15  VAL A CB  1 
ATOM   110  C  CG1 . VAL A 1 15  ? 13.367  -16.219 -3.965  1.00 32.27 ? 15  VAL A CG1 1 
ATOM   111  C  CG2 . VAL A 1 15  ? 13.642  -14.324 -5.501  1.00 36.56 ? 15  VAL A CG2 1 
ATOM   112  N  N   . GLY A 1 16  ? 11.966  -15.157 -1.254  1.00 33.59 ? 16  GLY A N   1 
ATOM   113  C  CA  . GLY A 1 16  ? 11.901  -15.517 0.149   1.00 35.36 ? 16  GLY A CA  1 
ATOM   114  C  C   . GLY A 1 16  ? 10.909  -14.701 0.965   1.00 42.05 ? 16  GLY A C   1 
ATOM   115  O  O   . GLY A 1 16  ? 10.272  -15.245 1.878   1.00 48.23 ? 16  GLY A O   1 
ATOM   116  N  N   . ALA A 1 17  ? 10.790  -13.401 0.682   1.00 33.35 ? 17  ALA A N   1 
ATOM   117  C  CA  . ALA A 1 17  ? 10.123  -12.474 1.594   1.00 35.34 ? 17  ALA A CA  1 
ATOM   118  C  C   . ALA A 1 17  ? 8.608   -12.659 1.575   1.00 36.20 ? 17  ALA A C   1 
ATOM   119  O  O   . ALA A 1 17  ? 8.014   -13.064 0.568   1.00 30.99 ? 17  ALA A O   1 
ATOM   120  C  CB  . ALA A 1 17  ? 10.470  -11.020 1.253   1.00 35.99 ? 17  ALA A CB  1 
ATOM   121  N  N   . GLU A 1 18  ? 7.985   -12.370 2.725   1.00 29.83 ? 18  GLU A N   1 
ATOM   122  C  CA  . GLU A 1 18  ? 6.537   -12.470 2.847   1.00 34.37 ? 18  GLU A CA  1 
ATOM   123  C  C   . GLU A 1 18  ? 5.876   -11.485 1.891   1.00 29.98 ? 18  GLU A C   1 
ATOM   124  O  O   . GLU A 1 18  ? 6.373   -10.373 1.699   1.00 29.83 ? 18  GLU A O   1 
ATOM   125  C  CB  . GLU A 1 18  ? 6.117   -12.133 4.279   1.00 35.15 ? 18  GLU A CB  1 
ATOM   126  C  CG  . GLU A 1 18  ? 4.624   -12.250 4.533   1.00 35.17 ? 18  GLU A CG  1 
ATOM   127  C  CD  . GLU A 1 18  ? 4.310   -12.287 6.031   1.00 39.68 ? 18  GLU A CD  1 
ATOM   128  O  OE1 . GLU A 1 18  ? 5.252   -12.058 6.829   1.00 39.39 ? 18  GLU A OE1 1 
ATOM   129  O  OE2 . GLU A 1 18  ? 3.131   -12.531 6.389   1.00 36.71 ? 18  GLU A OE2 1 
ATOM   130  N  N   . THR A 1 19  ? 4.753   -11.881 1.293   1.00 27.87 ? 19  THR A N   1 
ATOM   131  C  CA  . THR A 1 19  ? 4.059   -11.024 0.331   1.00 26.96 ? 19  THR A CA  1 
ATOM   132  C  C   . THR A 1 19  ? 2.728   -10.577 0.916   1.00 25.21 ? 19  THR A C   1 
ATOM   133  O  O   . THR A 1 19  ? 1.898   -11.411 1.311   1.00 28.16 ? 19  THR A O   1 
ATOM   134  C  CB  . THR A 1 19  ? 3.830   -11.744 -1.004  1.00 30.97 ? 19  THR A CB  1 
ATOM   135  O  OG1 . THR A 1 19  ? 5.085   -11.920 -1.672  1.00 30.34 ? 19  THR A OG1 1 
ATOM   136  C  CG2 . THR A 1 19  ? 2.895   -10.939 -1.921  1.00 28.58 ? 19  THR A CG2 1 
ATOM   137  N  N   . PHE A 1 20  ? 2.510   -9.274  0.918   1.00 26.12 ? 20  PHE A N   1 
ATOM   138  C  CA  . PHE A 1 20  ? 1.273   -8.671  1.418   1.00 25.57 ? 20  PHE A CA  1 
ATOM   139  C  C   . PHE A 1 20  ? 0.437   -8.223  0.231   1.00 25.73 ? 20  PHE A C   1 
ATOM   140  O  O   . PHE A 1 20  ? 0.828   -7.293  -0.481  1.00 28.27 ? 20  PHE A O   1 
ATOM   141  C  CB  . PHE A 1 20  ? 1.567   -7.476  2.324   1.00 25.40 ? 20  PHE A CB  1 
ATOM   142  C  CG  . PHE A 1 20  ? 2.111   -7.832  3.674   1.00 32.60 ? 20  PHE A CG  1 
ATOM   143  C  CD1 . PHE A 1 20  ? 3.373   -8.404  3.811   1.00 29.38 ? 20  PHE A CD1 1 
ATOM   144  C  CD2 . PHE A 1 20  ? 1.369   -7.564  4.818   1.00 31.41 ? 20  PHE A CD2 1 
ATOM   145  C  CE1 . PHE A 1 20  ? 3.888   -8.732  5.072   1.00 34.36 ? 20  PHE A CE1 1 
ATOM   146  C  CE2 . PHE A 1 20  ? 1.873   -7.886  6.084   1.00 32.79 ? 20  PHE A CE2 1 
ATOM   147  C  CZ  . PHE A 1 20  ? 3.129   -8.470  6.215   1.00 35.56 ? 20  PHE A CZ  1 
ATOM   148  N  N   . TYR A 1 21  ? -0.706  -8.875  0.009   1.00 25.47 ? 21  TYR A N   1 
ATOM   149  C  CA  . TYR A 1 21  ? -1.681  -8.408  -0.970  1.00 27.16 ? 21  TYR A CA  1 
ATOM   150  C  C   . TYR A 1 21  ? -2.558  -7.381  -0.267  1.00 25.27 ? 21  TYR A C   1 
ATOM   151  O  O   . TYR A 1 21  ? -3.329  -7.733  0.634   1.00 25.25 ? 21  TYR A O   1 
ATOM   152  C  CB  . TYR A 1 21  ? -2.515  -9.553  -1.534  1.00 29.28 ? 21  TYR A CB  1 
ATOM   153  C  CG  . TYR A 1 21  ? -1.695  -10.599 -2.216  1.00 28.34 ? 21  TYR A CG  1 
ATOM   154  C  CD1 . TYR A 1 21  ? -1.401  -10.496 -3.573  1.00 29.60 ? 21  TYR A CD1 1 
ATOM   155  C  CD2 . TYR A 1 21  ? -1.206  -11.689 -1.509  1.00 28.77 ? 21  TYR A CD2 1 
ATOM   156  C  CE1 . TYR A 1 21  ? -0.633  -11.453 -4.210  1.00 29.46 ? 21  TYR A CE1 1 
ATOM   157  C  CE2 . TYR A 1 21  ? -0.446  -12.665 -2.135  1.00 28.41 ? 21  TYR A CE2 1 
ATOM   158  C  CZ  . TYR A 1 21  ? -0.158  -12.535 -3.488  1.00 34.10 ? 21  TYR A CZ  1 
ATOM   159  O  OH  . TYR A 1 21  ? 0.605   -13.494 -4.115  1.00 36.60 ? 21  TYR A OH  1 
ATOM   160  N  N   . VAL A 1 22  ? -2.390  -6.110  -0.612  1.00 24.99 ? 22  VAL A N   1 
ATOM   161  C  CA  . VAL A 1 22  ? -3.085  -5.036  0.108   1.00 27.90 ? 22  VAL A CA  1 
ATOM   162  C  C   . VAL A 1 22  ? -4.280  -4.558  -0.704  1.00 27.66 ? 22  VAL A C   1 
ATOM   163  O  O   . VAL A 1 22  ? -4.336  -4.682  -1.934  1.00 25.34 ? 22  VAL A O   1 
ATOM   164  C  CB  . VAL A 1 22  ? -2.161  -3.832  0.471   1.00 29.98 ? 22  VAL A CB  1 
ATOM   165  C  CG1 . VAL A 1 22  ? -1.032  -4.271  1.392   1.00 27.48 ? 22  VAL A CG1 1 
ATOM   166  C  CG2 . VAL A 1 22  ? -1.585  -3.158  -0.790  1.00 27.16 ? 22  VAL A CG2 1 
ATOM   167  N  N   . ASP A 1 23  ? -5.256  -3.987  -0.001  1.00 27.81 ? 23  ASP A N   1 
ATOM   168  C  CA  . ASP A 1 23  ? -6.378  -3.364  -0.687  1.00 28.32 ? 23  ASP A CA  1 
ATOM   169  C  C   . ASP A 1 23  ? -7.141  -2.459  0.257   1.00 29.23 ? 23  ASP A C   1 
ATOM   170  O  O   . ASP A 1 23  ? -7.136  -2.662  1.476   1.00 26.52 ? 23  ASP A O   1 
ATOM   171  C  CB  . ASP A 1 23  ? -7.320  -4.402  -1.269  1.00 31.33 ? 23  ASP A CB  1 
ATOM   172  C  CG  . ASP A 1 23  ? -8.042  -3.904  -2.481  1.00 32.55 ? 23  ASP A CG  1 
ATOM   173  O  OD1 . ASP A 1 23  ? -7.716  -2.816  -3.050  1.00 30.76 ? 23  ASP A OD1 1 
ATOM   174  O  OD2 . ASP A 1 23  ? -8.973  -4.621  -2.858  1.00 38.84 ? 23  ASP A OD2 1 
ATOM   175  N  N   . GLY A 1 24  ? -7.790  -1.464  -0.337  1.00 29.86 ? 24  GLY A N   1 
ATOM   176  C  CA  . GLY A 1 24  ? -8.709  -0.596  0.380   1.00 31.67 ? 24  GLY A CA  1 
ATOM   177  C  C   . GLY A 1 24  ? -9.941  -0.374  -0.470  1.00 33.46 ? 24  GLY A C   1 
ATOM   178  O  O   . GLY A 1 24  ? -9.891  -0.443  -1.698  1.00 35.92 ? 24  GLY A O   1 
ATOM   179  N  N   . ALA A 1 25  ? -11.066 -0.127  0.196   1.00 30.23 ? 25  ALA A N   1 
ATOM   180  C  CA  . ALA A 1 25  ? -12.293 0.212   -0.497  1.00 28.01 ? 25  ALA A CA  1 
ATOM   181  C  C   . ALA A 1 25  ? -12.997 1.289   0.308   1.00 31.91 ? 25  ALA A C   1 
ATOM   182  O  O   . ALA A 1 25  ? -12.971 1.256   1.537   1.00 27.21 ? 25  ALA A O   1 
ATOM   183  C  CB  . ALA A 1 25  ? -13.218 -0.995  -0.666  1.00 34.96 ? 25  ALA A CB  1 
ATOM   184  N  N   . ALA A 1 26  ? -13.576 2.262   -0.383  1.00 31.51 ? 26  ALA A N   1 
ATOM   185  C  CA  . ALA A 1 26  ? -14.351 3.299   0.298   1.00 29.31 ? 26  ALA A CA  1 
ATOM   186  C  C   . ALA A 1 26  ? -15.608 3.546   -0.510  1.00 33.10 ? 26  ALA A C   1 
ATOM   187  O  O   . ALA A 1 26  ? -15.666 3.282   -1.717  1.00 32.93 ? 26  ALA A O   1 
ATOM   188  C  CB  . ALA A 1 26  ? -13.547 4.598   0.499   1.00 28.59 ? 26  ALA A CB  1 
ATOM   189  N  N   . ASN A 1 27  ? -16.644 4.028   0.168   1.00 30.04 ? 27  ASN A N   1 
ATOM   190  C  CA  . ASN A 1 27  ? -17.876 4.356   -0.526  1.00 30.63 ? 27  ASN A CA  1 
ATOM   191  C  C   . ASN A 1 27  ? -17.986 5.877   -0.504  1.00 32.91 ? 27  ASN A C   1 
ATOM   192  O  O   . ASN A 1 27  ? -17.834 6.493   0.560   1.00 34.40 ? 27  ASN A O   1 
ATOM   193  C  CB  . ASN A 1 27  ? -19.076 3.718   0.148   1.00 29.29 ? 27  ASN A CB  1 
ATOM   194  C  CG  . ASN A 1 27  ? -20.334 4.408   -0.223  1.00 35.49 ? 27  ASN A CG  1 
ATOM   195  O  OD1 . ASN A 1 27  ? -20.950 5.088   0.594   1.00 36.65 ? 27  ASN A OD1 1 
ATOM   196  N  ND2 . ASN A 1 27  ? -20.772 4.192   -1.465  1.00 32.22 ? 27  ASN A ND2 1 
ATOM   197  N  N   . ARG A 1 28  ? -18.181 6.490   -1.678  1.00 27.59 ? 28  ARG A N   1 
ATOM   198  C  CA  . ARG A 1 28  ? -18.104 7.954   -1.729  1.00 31.89 ? 28  ARG A CA  1 
ATOM   199  C  C   . ARG A 1 28  ? -19.286 8.622   -1.036  1.00 29.06 ? 28  ARG A C   1 
ATOM   200  O  O   . ARG A 1 28  ? -19.147 9.752   -0.534  1.00 29.96 ? 28  ARG A O   1 
ATOM   201  C  CB  . ARG A 1 28  ? -17.987 8.450   -3.175  1.00 37.42 ? 28  ARG A CB  1 
ATOM   202  C  CG  . ARG A 1 28  ? -16.718 7.997   -3.925  1.00 41.44 ? 28  ARG A CG  1 
ATOM   203  C  CD  . ARG A 1 28  ? -16.921 7.941   -5.451  1.00 54.34 ? 28  ARG A CD  1 
ATOM   204  N  NE  . ARG A 1 28  ? -16.068 6.958   -6.115  1.00 60.86 ? 28  ARG A NE  1 
ATOM   205  C  CZ  . ARG A 1 28  ? -15.041 7.263   -6.902  1.00 60.02 ? 28  ARG A CZ  1 
ATOM   206  N  NH1 . ARG A 1 28  ? -14.718 8.524   -7.164  1.00 53.81 ? 28  ARG A NH1 1 
ATOM   207  N  NH2 . ARG A 1 28  ? -14.324 6.284   -7.446  1.00 58.02 ? 28  ARG A NH2 1 
ATOM   208  N  N   . GLU A 1 29  ? -20.434 7.943   -0.988  1.00 31.84 ? 29  GLU A N   1 
ATOM   209  C  CA  . GLU A 1 29  ? -21.642 8.549   -0.424  1.00 35.71 ? 29  GLU A CA  1 
ATOM   210  C  C   . GLU A 1 29  ? -21.480 8.786   1.079   1.00 35.37 ? 29  GLU A C   1 
ATOM   211  O  O   . GLU A 1 29  ? -21.961 9.798   1.622   1.00 32.69 ? 29  GLU A O   1 
ATOM   212  C  CB  . GLU A 1 29  ? -22.864 7.642   -0.654  1.00 35.68 ? 29  GLU A CB  1 
ATOM   213  C  CG  . GLU A 1 29  ? -23.486 7.678   -2.058  1.00 36.37 ? 29  GLU A CG  1 
ATOM   214  C  CD  . GLU A 1 29  ? -22.471 7.253   -3.120  1.00 41.81 ? 29  GLU A CD  1 
ATOM   215  O  OE1 . GLU A 1 29  ? -21.645 6.361   -2.802  1.00 35.39 ? 29  GLU A OE1 1 
ATOM   216  O  OE2 . GLU A 1 29  ? -22.482 7.800   -4.249  1.00 42.75 ? 29  GLU A OE2 1 
ATOM   217  N  N   . THR A 1 30  ? -20.839 7.837   1.773   1.00 30.46 ? 30  THR A N   1 
ATOM   218  C  CA  . THR A 1 30  ? -20.671 7.841   3.225   1.00 27.09 ? 30  THR A CA  1 
ATOM   219  C  C   . THR A 1 30  ? -19.255 8.128   3.681   1.00 33.19 ? 30  THR A C   1 
ATOM   220  O  O   . THR A 1 30  ? -19.049 8.397   4.871   1.00 27.95 ? 30  THR A O   1 
ATOM   221  C  CB  . THR A 1 30  ? -21.074 6.478   3.817   1.00 29.82 ? 30  THR A CB  1 
ATOM   222  O  OG1 . THR A 1 30  ? -20.180 5.466   3.320   1.00 32.81 ? 30  THR A OG1 1 
ATOM   223  C  CG2 . THR A 1 30  ? -22.532 6.116   3.476   1.00 31.14 ? 30  THR A CG2 1 
ATOM   224  N  N   . LYS A 1 31  ? -18.272 8.027   2.789   1.00 27.23 ? 31  LYS A N   1 
ATOM   225  C  CA  . LYS A 1 31  ? -16.859 8.162   3.133   1.00 30.44 ? 31  LYS A CA  1 
ATOM   226  C  C   . LYS A 1 31  ? -16.417 7.099   4.127   1.00 30.18 ? 31  LYS A C   1 
ATOM   227  O  O   . LYS A 1 31  ? -15.377 7.239   4.774   1.00 30.37 ? 31  LYS A O   1 
ATOM   228  C  CB  . LYS A 1 31  ? -16.526 9.571   3.643   1.00 31.94 ? 31  LYS A CB  1 
ATOM   229  C  CG  . LYS A 1 31  ? -16.820 10.653  2.614   1.00 35.20 ? 31  LYS A CG  1 
ATOM   230  C  CD  . LYS A 1 31  ? -16.097 11.956  2.956   1.00 44.51 ? 31  LYS A CD  1 
ATOM   231  C  CE  . LYS A 1 31  ? -14.565 11.789  2.835   1.00 46.51 ? 31  LYS A CE  1 
ATOM   232  N  NZ  . LYS A 1 31  ? -13.848 13.100  2.714   1.00 56.55 ? 31  LYS A NZ  1 
ATOM   233  N  N   . LEU A 1 32  ? -17.174 6.013   4.230   1.00 31.20 ? 32  LEU A N   1 
ATOM   234  C  CA  . LEU A 1 32  ? -16.764 4.863   5.012   1.00 27.03 ? 32  LEU A CA  1 
ATOM   235  C  C   . LEU A 1 32  ? -15.854 3.957   4.184   1.00 30.82 ? 32  LEU A C   1 
ATOM   236  O  O   . LEU A 1 32  ? -16.038 3.805   2.972   1.00 34.12 ? 32  LEU A O   1 
ATOM   237  C  CB  . LEU A 1 32  ? -17.982 4.076   5.465   1.00 30.31 ? 32  LEU A CB  1 
ATOM   238  C  CG  . LEU A 1 32  ? -18.988 4.878   6.291   1.00 30.65 ? 32  LEU A CG  1 
ATOM   239  C  CD1 . LEU A 1 32  ? -20.141 3.973   6.725   1.00 31.58 ? 32  LEU A CD1 1 
ATOM   240  C  CD2 . LEU A 1 32  ? -18.246 5.464   7.479   1.00 33.67 ? 32  LEU A CD2 1 
ATOM   241  N  N   . GLY A 1 33  ? -14.891 3.328   4.847   1.00 30.28 ? 33  GLY A N   1 
ATOM   242  C  CA  . GLY A 1 33  ? -14.059 2.391   4.107   1.00 33.24 ? 33  GLY A CA  1 
ATOM   243  C  C   . GLY A 1 33  ? -13.434 1.317   4.971   1.00 33.80 ? 33  GLY A C   1 
ATOM   244  O  O   . GLY A 1 33  ? -13.653 1.249   6.182   1.00 32.71 ? 33  GLY A O   1 
ATOM   245  N  N   . LYS A 1 34  ? -12.650 0.456   4.309   1.00 30.78 ? 34  LYS A N   1 
ATOM   246  C  CA  . LYS A 1 34  ? -11.853 -0.580  4.962   1.00 25.25 ? 34  LYS A CA  1 
ATOM   247  C  C   . LYS A 1 34  ? -10.509 -0.663  4.244   1.00 30.78 ? 34  LYS A C   1 
ATOM   248  O  O   . LYS A 1 34  ? -10.430 -0.442  3.036   1.00 28.16 ? 34  LYS A O   1 
ATOM   249  C  CB  . LYS A 1 34  ? -12.536 -1.949  4.921   1.00 31.29 ? 34  LYS A CB  1 
ATOM   250  C  CG  . LYS A 1 34  ? -13.881 -2.013  5.642   1.00 30.53 ? 34  LYS A CG  1 
ATOM   251  C  CD  . LYS A 1 34  ? -14.461 -3.432  5.612   1.00 32.62 ? 34  LYS A CD  1 
ATOM   252  C  CE  . LYS A 1 34  ? -15.684 -3.563  6.511   1.00 40.86 ? 34  LYS A CE  1 
ATOM   253  N  NZ  . LYS A 1 34  ? -16.383 -4.872  6.277   1.00 34.96 ? 34  LYS A NZ  1 
ATOM   254  N  N   . ALA A 1 35  ? -9.448  -0.940  5.003   1.00 31.61 ? 35  ALA A N   1 
ATOM   255  C  CA  . ALA A 1 35  ? -8.113  -1.161  4.451   1.00 28.31 ? 35  ALA A CA  1 
ATOM   256  C  C   . ALA A 1 35  ? -7.565  -2.445  5.065   1.00 31.10 ? 35  ALA A C   1 
ATOM   257  O  O   . ALA A 1 35  ? -7.931  -2.825  6.173   1.00 30.29 ? 35  ALA A O   1 
ATOM   258  C  CB  . ALA A 1 35  ? -7.171  0.037   4.730   1.00 28.64 ? 35  ALA A CB  1 
ATOM   259  N  N   . GLY A 1 36  ? -6.722  -3.165  4.335   1.00 26.32 ? 36  GLY A N   1 
ATOM   260  C  CA  . GLY A 1 36  ? -6.204  -4.363  4.946   1.00 24.86 ? 36  GLY A CA  1 
ATOM   261  C  C   . GLY A 1 36  ? -5.340  -5.153  3.997   1.00 28.18 ? 36  GLY A C   1 
ATOM   262  O  O   . GLY A 1 36  ? -5.000  -4.703  2.902   1.00 25.92 ? 36  GLY A O   1 
ATOM   263  N  N   . TYR A 1 37  ? -4.979  -6.346  4.444   1.00 30.19 ? 37  TYR A N   1 
ATOM   264  C  CA  . TYR A 1 37  ? -4.087  -7.178  3.644   1.00 26.19 ? 37  TYR A CA  1 
ATOM   265  C  C   . TYR A 1 37  ? -4.382  -8.627  3.950   1.00 33.83 ? 37  TYR A C   1 
ATOM   266  O  O   . TYR A 1 37  ? -5.020  -8.948  4.959   1.00 32.61 ? 37  TYR A O   1 
ATOM   267  C  CB  . TYR A 1 37  ? -2.610  -6.859  3.925   1.00 26.94 ? 37  TYR A CB  1 
ATOM   268  C  CG  . TYR A 1 37  ? -2.161  -7.039  5.371   1.00 30.57 ? 37  TYR A CG  1 
ATOM   269  C  CD1 . TYR A 1 37  ? -2.040  -8.317  5.927   1.00 30.73 ? 37  TYR A CD1 1 
ATOM   270  C  CD2 . TYR A 1 37  ? -1.798  -5.941  6.157   1.00 31.27 ? 37  TYR A CD2 1 
ATOM   271  C  CE1 . TYR A 1 37  ? -1.616  -8.502  7.233   1.00 35.09 ? 37  TYR A CE1 1 
ATOM   272  C  CE2 . TYR A 1 37  ? -1.358  -6.114  7.490   1.00 29.88 ? 37  TYR A CE2 1 
ATOM   273  C  CZ  . TYR A 1 37  ? -1.275  -7.409  8.004   1.00 32.54 ? 37  TYR A CZ  1 
ATOM   274  O  OH  . TYR A 1 37  ? -0.855  -7.626  9.296   1.00 34.31 ? 37  TYR A OH  1 
ATOM   275  N  N   . VAL A 1 38  ? -3.913  -9.496  3.060   1.00 32.43 ? 38  VAL A N   1 
ATOM   276  C  CA  . VAL A 1 38  ? -3.752  -10.925 3.321   1.00 28.53 ? 38  VAL A CA  1 
ATOM   277  C  C   . VAL A 1 38  ? -2.339  -11.262 2.870   1.00 33.17 ? 38  VAL A C   1 
ATOM   278  O  O   . VAL A 1 38  ? -1.806  -10.627 1.950   1.00 26.33 ? 38  VAL A O   1 
ATOM   279  C  CB  . VAL A 1 38  ? -4.793  -11.804 2.589   1.00 32.34 ? 38  VAL A CB  1 
ATOM   280  C  CG1 . VAL A 1 38  ? -6.217  -11.451 3.034   1.00 35.81 ? 38  VAL A CG1 1 
ATOM   281  C  CG2 . VAL A 1 38  ? -4.666  -11.662 1.076   1.00 37.68 ? 38  VAL A CG2 1 
ATOM   282  N  N   . THR A 1 39  ? -1.699  -12.227 3.537   1.00 30.40 ? 39  THR A N   1 
ATOM   283  C  CA  . THR A 1 39  ? -0.353  -12.579 3.089   1.00 28.55 ? 39  THR A CA  1 
ATOM   284  C  C   . THR A 1 39  ? -0.268  -14.052 2.727   1.00 30.24 ? 39  THR A C   1 
ATOM   285  O  O   . THR A 1 39  ? -1.138  -14.873 3.053   1.00 30.32 ? 39  THR A O   1 
ATOM   286  C  CB  . THR A 1 39  ? 0.753   -12.233 4.118   1.00 31.69 ? 39  THR A CB  1 
ATOM   287  O  OG1 . THR A 1 39  ? 0.882   -13.263 5.100   1.00 34.77 ? 39  THR A OG1 1 
ATOM   288  C  CG2 . THR A 1 39  ? 0.499   -10.887 4.808   1.00 32.65 ? 39  THR A CG2 1 
ATOM   289  N  N   . ASN A 1 40  ? 0.795   -14.358 2.001   1.00 29.66 ? 40  ASN A N   1 
ATOM   290  C  CA  . ASN A 1 40  ? 1.101   -15.729 1.642   1.00 36.47 ? 40  ASN A CA  1 
ATOM   291  C  C   . ASN A 1 40  ? 1.714   -16.516 2.796   1.00 40.00 ? 40  ASN A C   1 
ATOM   292  O  O   . ASN A 1 40  ? 1.993   -17.707 2.636   1.00 39.45 ? 40  ASN A O   1 
ATOM   293  C  CB  . ASN A 1 40  ? 2.018   -15.702 0.421   1.00 34.46 ? 40  ASN A CB  1 
ATOM   294  C  CG  . ASN A 1 40  ? 3.420   -15.235 0.743   1.00 34.29 ? 40  ASN A CG  1 
ATOM   295  O  OD1 . ASN A 1 40  ? 3.654   -14.452 1.673   1.00 34.88 ? 40  ASN A OD1 1 
ATOM   296  N  ND2 . ASN A 1 40  ? 4.368   -15.670 -0.073  1.00 37.08 ? 40  ASN A ND2 1 
ATOM   297  N  N   . ARG A 1 41  ? 1.931   -15.895 3.953   1.00 35.41 ? 41  ARG A N   1 
ATOM   298  C  CA  . ARG A 1 41  ? 2.216   -16.634 5.179   1.00 38.95 ? 41  ARG A CA  1 
ATOM   299  C  C   . ARG A 1 41  ? 0.977   -16.745 6.068   1.00 43.20 ? 41  ARG A C   1 
ATOM   300  O  O   . ARG A 1 41  ? 1.100   -16.985 7.274   1.00 43.82 ? 41  ARG A O   1 
ATOM   301  C  CB  . ARG A 1 41  ? 3.361   -15.976 5.949   1.00 38.88 ? 41  ARG A CB  1 
ATOM   302  C  CG  . ARG A 1 41  ? 4.585   -15.640 5.107   1.00 44.22 ? 41  ARG A CG  1 
ATOM   303  C  CD  . ARG A 1 41  ? 5.882   -16.160 5.707   1.00 49.87 ? 41  ARG A CD  1 
ATOM   304  N  NE  . ARG A 1 41  ? 6.976   -16.168 4.738   1.00 45.78 ? 41  ARG A NE  1 
ATOM   305  C  CZ  . ARG A 1 41  ? 8.184   -15.657 4.945   1.00 49.51 ? 41  ARG A CZ  1 
ATOM   306  N  NH1 . ARG A 1 41  ? 8.501   -15.058 6.081   1.00 50.85 ? 41  ARG A NH1 1 
ATOM   307  N  NH2 . ARG A 1 41  ? 9.102   -15.750 3.982   1.00 48.87 ? 41  ARG A NH2 1 
ATOM   308  N  N   . GLY A 1 42  ? -0.209  -16.538 5.503   1.00 38.64 ? 42  GLY A N   1 
ATOM   309  C  CA  . GLY A 1 42  ? -1.450  -16.721 6.228   1.00 41.39 ? 42  GLY A CA  1 
ATOM   310  C  C   . GLY A 1 42  ? -1.832  -15.639 7.214   1.00 45.52 ? 42  GLY A C   1 
ATOM   311  O  O   . GLY A 1 42  ? -2.750  -15.868 8.014   1.00 40.98 ? 42  GLY A O   1 
ATOM   312  N  N   . ARG A 1 43  ? -1.165  -14.486 7.206   1.00 40.19 ? 43  ARG A N   1 
ATOM   313  C  CA  . ARG A 1 43  ? -1.612  -13.344 7.997   1.00 39.80 ? 43  ARG A CA  1 
ATOM   314  C  C   . ARG A 1 43  ? -2.765  -12.622 7.314   1.00 41.88 ? 43  ARG A C   1 
ATOM   315  O  O   . ARG A 1 43  ? -2.925  -12.663 6.091   1.00 34.93 ? 43  ARG A O   1 
ATOM   316  C  CB  . ARG A 1 43  ? -0.511  -12.312 8.182   1.00 42.19 ? 43  ARG A CB  1 
ATOM   317  C  CG  . ARG A 1 43  ? 0.625   -12.673 9.057   1.00 47.50 ? 43  ARG A CG  1 
ATOM   318  C  CD  . ARG A 1 43  ? 1.243   -11.365 9.467   1.00 49.25 ? 43  ARG A CD  1 
ATOM   319  N  NE  . ARG A 1 43  ? 2.639   -11.299 9.067   1.00 43.09 ? 43  ARG A NE  1 
ATOM   320  C  CZ  . ARG A 1 43  ? 3.594   -10.750 9.797   1.00 50.37 ? 43  ARG A CZ  1 
ATOM   321  N  NH1 . ARG A 1 43  ? 3.327   -10.183 10.964  1.00 51.58 ? 43  ARG A NH1 1 
ATOM   322  N  NH2 . ARG A 1 43  ? 4.838   -10.742 9.330   1.00 48.46 ? 43  ARG A NH2 1 
ATOM   323  N  N   . GLN A 1 44  ? -3.531  -11.882 8.109   1.00 38.77 ? 44  GLN A N   1 
ATOM   324  C  CA  . GLN A 1 44  ? -4.605  -11.102 7.524   1.00 39.23 ? 44  GLN A CA  1 
ATOM   325  C  C   . GLN A 1 44  ? -5.035  -10.050 8.531   1.00 36.69 ? 44  GLN A C   1 
ATOM   326  O  O   . GLN A 1 44  ? -5.036  -10.298 9.740   1.00 39.34 ? 44  GLN A O   1 
ATOM   327  C  CB  . GLN A 1 44  ? -5.764  -12.010 7.110   1.00 38.98 ? 44  GLN A CB  1 
ATOM   328  C  CG  . GLN A 1 44  ? -7.147  -11.446 7.290   1.00 46.04 ? 44  GLN A CG  1 
ATOM   329  C  CD  . GLN A 1 44  ? -8.214  -12.524 7.237   1.00 54.07 ? 44  GLN A CD  1 
ATOM   330  O  OE1 . GLN A 1 44  ? -7.972  -13.630 6.731   1.00 54.16 ? 44  GLN A OE1 1 
ATOM   331  N  NE2 . GLN A 1 44  ? -9.416  -12.198 7.722   1.00 53.46 ? 44  GLN A NE2 1 
ATOM   332  N  N   . LYS A 1 45  ? -5.354  -8.863  8.033   1.00 36.78 ? 45  LYS A N   1 
ATOM   333  C  CA  . LYS A 1 45  ? -5.817  -7.789  8.901   1.00 35.51 ? 45  LYS A CA  1 
ATOM   334  C  C   . LYS A 1 45  ? -6.741  -6.890  8.101   1.00 39.99 ? 45  LYS A C   1 
ATOM   335  O  O   . LYS A 1 45  ? -6.484  -6.615  6.925   1.00 33.72 ? 45  LYS A O   1 
ATOM   336  C  CB  . LYS A 1 45  ? -4.652  -6.993  9.488   1.00 36.98 ? 45  LYS A CB  1 
ATOM   337  C  CG  . LYS A 1 45  ? -5.080  -5.699  10.172  1.00 34.40 ? 45  LYS A CG  1 
ATOM   338  C  CD  . LYS A 1 45  ? -3.889  -4.912  10.649  1.00 40.47 ? 45  LYS A CD  1 
ATOM   339  C  CE  . LYS A 1 45  ? -3.333  -5.468  11.938  1.00 39.38 ? 45  LYS A CE  1 
ATOM   340  N  NZ  . LYS A 1 45  ? -2.215  -4.605  12.400  1.00 43.43 ? 45  LYS A NZ  1 
ATOM   341  N  N   . VAL A 1 46  ? -7.835  -6.460  8.730   1.00 35.47 ? 46  VAL A N   1 
ATOM   342  C  CA  . VAL A 1 46  ? -8.765  -5.525  8.111   1.00 32.98 ? 46  VAL A CA  1 
ATOM   343  C  C   . VAL A 1 46  ? -9.106  -4.478  9.150   1.00 38.46 ? 46  VAL A C   1 
ATOM   344  O  O   . VAL A 1 46  ? -9.424  -4.822  10.292  1.00 35.35 ? 46  VAL A O   1 
ATOM   345  C  CB  . VAL A 1 46  ? -10.060 -6.196  7.611   1.00 35.75 ? 46  VAL A CB  1 
ATOM   346  C  CG1 . VAL A 1 46  ? -10.834 -5.207  6.748   1.00 39.09 ? 46  VAL A CG1 1 
ATOM   347  C  CG2 . VAL A 1 46  ? -9.765  -7.467  6.838   1.00 45.27 ? 46  VAL A CG2 1 
ATOM   348  N  N   . VAL A 1 47  ? -9.041  -3.210  8.768   1.00 31.77 ? 47  VAL A N   1 
ATOM   349  C  CA  . VAL A 1 47  ? -9.352  -2.115  9.677   1.00 37.53 ? 47  VAL A CA  1 
ATOM   350  C  C   . VAL A 1 47  ? -10.412 -1.239  9.035   1.00 38.59 ? 47  VAL A C   1 
ATOM   351  O  O   . VAL A 1 47  ? -10.418 -1.037  7.818   1.00 32.07 ? 47  VAL A O   1 
ATOM   352  C  CB  . VAL A 1 47  ? -8.095  -1.304  10.051  1.00 40.05 ? 47  VAL A CB  1 
ATOM   353  C  CG1 . VAL A 1 47  ? -6.942  -2.242  10.346  1.00 43.01 ? 47  VAL A CG1 1 
ATOM   354  C  CG2 . VAL A 1 47  ? -7.683  -0.341  8.926   1.00 42.19 ? 47  VAL A CG2 1 
ATOM   355  N  N   . THR A 1 48  ? -11.340 -0.748  9.837   1.00 35.62 ? 48  THR A N   1 
ATOM   356  C  CA  . THR A 1 48  ? -12.370 0.093   9.260   1.00 38.69 ? 48  THR A CA  1 
ATOM   357  C  C   . THR A 1 48  ? -12.001 1.562   9.435   1.00 36.17 ? 48  THR A C   1 
ATOM   358  O  O   . THR A 1 48  ? -11.306 1.951   10.379  1.00 40.58 ? 48  THR A O   1 
ATOM   359  C  CB  . THR A 1 48  ? -13.741 -0.245  9.855   1.00 39.72 ? 48  THR A CB  1 
ATOM   360  O  OG1 . THR A 1 48  ? -13.815 0.311   11.166  1.00 45.44 ? 48  THR A OG1 1 
ATOM   361  C  CG2 . THR A 1 48  ? -13.978 -1.750  9.887   1.00 40.32 ? 48  THR A CG2 1 
ATOM   362  N  N   . LEU A 1 49  ? -12.400 2.372   8.462   1.00 34.35 ? 49  LEU A N   1 
ATOM   363  C  CA  . LEU A 1 49  ? -12.004 3.767   8.428   1.00 29.05 ? 49  LEU A CA  1 
ATOM   364  C  C   . LEU A 1 49  ? -13.216 4.624   8.107   1.00 29.25 ? 49  LEU A C   1 
ATOM   365  O  O   . LEU A 1 49  ? -14.183 4.161   7.499   1.00 33.22 ? 49  LEU A O   1 
ATOM   366  C  CB  . LEU A 1 49  ? -10.901 4.004   7.393   1.00 34.81 ? 49  LEU A CB  1 
ATOM   367  C  CG  . LEU A 1 49  ? -9.663  3.125   7.607   1.00 31.21 ? 49  LEU A CG  1 
ATOM   368  C  CD1 . LEU A 1 49  ? -8.995  2.845   6.260   1.00 36.53 ? 49  LEU A CD1 1 
ATOM   369  C  CD2 . LEU A 1 49  ? -8.717  3.825   8.559   1.00 34.91 ? 49  LEU A CD2 1 
ATOM   370  N  N   . THR A 1 50  ? -13.169 5.863   8.568   1.00 28.58 ? 50  THR A N   1 
ATOM   371  C  CA  . THR A 1 50  ? -14.190 6.856   8.291   1.00 32.00 ? 50  THR A CA  1 
ATOM   372  C  C   . THR A 1 50  ? -13.530 8.059   7.655   1.00 34.31 ? 50  THR A C   1 
ATOM   373  O  O   . THR A 1 50  ? -12.296 8.177   7.647   1.00 34.55 ? 50  THR A O   1 
ATOM   374  C  CB  . THR A 1 50  ? -14.916 7.259   9.580   1.00 29.63 ? 50  THR A CB  1 
ATOM   375  O  OG1 . THR A 1 50  ? -13.966 7.895   10.450  1.00 34.09 ? 50  THR A OG1 1 
ATOM   376  C  CG2 . THR A 1 50  ? -15.494 6.033   10.269  1.00 30.29 ? 50  THR A CG2 1 
ATOM   377  N  N   . ASP A 1 51  ? -14.357 8.947   7.089   1.00 28.90 ? 51  ASP A N   1 
ATOM   378  C  CA  . ASP A 1 51  ? -13.849 10.203  6.561   1.00 30.60 ? 51  ASP A CA  1 
ATOM   379  C  C   . ASP A 1 51  ? -12.762 9.951   5.520   1.00 34.23 ? 51  ASP A C   1 
ATOM   380  O  O   . ASP A 1 51  ? -11.742 10.635  5.485   1.00 33.84 ? 51  ASP A O   1 
ATOM   381  C  CB  . ASP A 1 51  ? -13.305 11.051  7.703   1.00 35.91 ? 51  ASP A CB  1 
ATOM   382  C  CG  . ASP A 1 51  ? -14.288 11.138  8.843   1.00 33.52 ? 51  ASP A CG  1 
ATOM   383  O  OD1 . ASP A 1 51  ? -15.467 11.388  8.553   1.00 35.17 ? 51  ASP A OD1 1 
ATOM   384  O  OD2 . ASP A 1 51  ? -13.907 10.814  9.984   1.00 38.04 ? 51  ASP A OD2 1 
ATOM   385  N  N   . THR A 1 52  ? -12.959 8.935   4.688   1.00 29.29 ? 52  THR A N   1 
ATOM   386  C  CA  . THR A 1 52  ? -11.869 8.467   3.843   1.00 32.24 ? 52  THR A CA  1 
ATOM   387  C  C   . THR A 1 52  ? -12.317 8.411   2.387   1.00 36.29 ? 52  THR A C   1 
ATOM   388  O  O   . THR A 1 52  ? -13.485 8.630   2.055   1.00 33.57 ? 52  THR A O   1 
ATOM   389  C  CB  . THR A 1 52  ? -11.349 7.110   4.336   1.00 33.27 ? 52  THR A CB  1 
ATOM   390  O  OG1 . THR A 1 52  ? -10.090 6.806   3.695   1.00 32.73 ? 52  THR A OG1 1 
ATOM   391  C  CG2 . THR A 1 52  ? -12.377 6.007   4.098   1.00 31.90 ? 52  THR A CG2 1 
ATOM   392  N  N   . THR A 1 53  ? -11.353 8.158   1.503   1.00 28.99 ? 53  THR A N   1 
ATOM   393  C  CA  . THR A 1 53  ? -11.584 8.071   0.075   1.00 29.77 ? 53  THR A CA  1 
ATOM   394  C  C   . THR A 1 53  ? -10.973 6.765   -0.409  1.00 34.50 ? 53  THR A C   1 
ATOM   395  O  O   . THR A 1 53  ? -10.220 6.107   0.314   1.00 30.36 ? 53  THR A O   1 
ATOM   396  C  CB  . THR A 1 53  ? -10.951 9.253   -0.676  1.00 34.92 ? 53  THR A CB  1 
ATOM   397  O  OG1 . THR A 1 53  ? -9.524  9.091   -0.680  1.00 35.12 ? 53  THR A OG1 1 
ATOM   398  C  CG2 . THR A 1 53  ? -11.290 10.589  0.005   1.00 37.00 ? 53  THR A CG2 1 
ATOM   399  N  N   . ASN A 1 54  ? -11.275 6.382   -1.646  1.00 31.60 ? 54  ASN A N   1 
ATOM   400  C  CA  . ASN A 1 54  ? -10.666 5.151   -2.142  1.00 35.18 ? 54  ASN A CA  1 
ATOM   401  C  C   . ASN A 1 54  ? -9.153  5.267   -2.207  1.00 34.58 ? 54  ASN A C   1 
ATOM   402  O  O   . ASN A 1 54  ? -8.437  4.331   -1.829  1.00 29.76 ? 54  ASN A O   1 
ATOM   403  C  CB  . ASN A 1 54  ? -11.258 4.755   -3.483  1.00 39.64 ? 54  ASN A CB  1 
ATOM   404  C  CG  . ASN A 1 54  ? -12.625 4.133   -3.338  1.00 44.12 ? 54  ASN A CG  1 
ATOM   405  O  OD1 . ASN A 1 54  ? -12.728 2.914   -3.124  1.00 38.64 ? 54  ASN A OD1 1 
ATOM   406  N  ND2 . ASN A 1 54  ? -13.679 4.953   -3.415  1.00 44.78 ? 54  ASN A ND2 1 
ATOM   407  N  N   . GLN A 1 55  ? -8.647  6.422   -2.618  1.00 32.08 ? 55  GLN A N   1 
ATOM   408  C  CA  . GLN A 1 55  ? -7.201  6.587   -2.677  1.00 30.82 ? 55  GLN A CA  1 
ATOM   409  C  C   . GLN A 1 55  ? -6.585  6.506   -1.282  1.00 31.56 ? 55  GLN A C   1 
ATOM   410  O  O   . GLN A 1 55  ? -5.556  5.849   -1.090  1.00 29.16 ? 55  GLN A O   1 
ATOM   411  C  CB  . GLN A 1 55  ? -6.868  7.907   -3.369  1.00 33.16 ? 55  GLN A CB  1 
ATOM   412  C  CG  . GLN A 1 55  ? -7.165  7.821   -4.859  1.00 36.76 ? 55  GLN A CG  1 
ATOM   413  C  CD  . GLN A 1 55  ? -6.599  8.970   -5.622  1.00 42.65 ? 55  GLN A CD  1 
ATOM   414  O  OE1 . GLN A 1 55  ? -6.672  10.113  -5.173  1.00 48.33 ? 55  GLN A OE1 1 
ATOM   415  N  NE2 . GLN A 1 55  ? -6.099  8.694   -6.829  1.00 48.16 ? 55  GLN A NE2 1 
ATOM   416  N  N   . LYS A 1 56  ? -7.202  7.154   -0.284  1.00 28.40 ? 56  LYS A N   1 
ATOM   417  C  CA  . LYS A 1 56  ? -6.679  7.067   1.078   1.00 31.35 ? 56  LYS A CA  1 
ATOM   418  C  C   . LYS A 1 56  ? -6.674  5.627   1.597   1.00 29.40 ? 56  LYS A C   1 
ATOM   419  O  O   . LYS A 1 56  ? -5.740  5.223   2.306   1.00 29.09 ? 56  LYS A O   1 
ATOM   420  C  CB  . LYS A 1 56  ? -7.498  7.957   2.013   1.00 29.64 ? 56  LYS A CB  1 
ATOM   421  C  CG  . LYS A 1 56  ? -6.961  9.360   2.173   1.00 35.38 ? 56  LYS A CG  1 
ATOM   422  C  CD  . LYS A 1 56  ? -7.839  10.144  3.161   1.00 37.72 ? 56  LYS A CD  1 
ATOM   423  C  CE  . LYS A 1 56  ? -7.902  11.614  2.790   1.00 45.74 ? 56  LYS A CE  1 
ATOM   424  N  NZ  . LYS A 1 56  ? -6.626  12.310  3.139   1.00 45.53 ? 56  LYS A NZ  1 
ATOM   425  N  N   . THR A 1 57  ? -7.719  4.850   1.297   1.00 26.84 ? 57  THR A N   1 
ATOM   426  C  CA  . THR A 1 57  ? -7.776  3.501   1.859   1.00 25.09 ? 57  THR A CA  1 
ATOM   427  C  C   . THR A 1 57  ? -6.705  2.620   1.234   1.00 29.91 ? 57  THR A C   1 
ATOM   428  O  O   . THR A 1 57  ? -6.203  1.704   1.892   1.00 29.64 ? 57  THR A O   1 
ATOM   429  C  CB  . THR A 1 57  ? -9.150  2.823   1.677   1.00 31.50 ? 57  THR A CB  1 
ATOM   430  O  OG1 . THR A 1 57  ? -9.442  2.600   0.288   1.00 29.82 ? 57  THR A OG1 1 
ATOM   431  C  CG2 . THR A 1 57  ? -10.298 3.589   2.382   1.00 27.85 ? 57  THR A CG2 1 
ATOM   432  N  N   . GLU A 1 58  ? -6.365  2.871   -0.042  1.00 26.02 ? 58  GLU A N   1 
ATOM   433  C  CA  . GLU A 1 58  ? -5.306  2.099   -0.678  1.00 27.40 ? 58  GLU A CA  1 
ATOM   434  C  C   . GLU A 1 58  ? -3.970  2.415   -0.039  1.00 25.35 ? 58  GLU A C   1 
ATOM   435  O  O   . GLU A 1 58  ? -3.151  1.510   0.185   1.00 26.90 ? 58  GLU A O   1 
ATOM   436  C  CB  . GLU A 1 58  ? -5.273  2.381   -2.188  1.00 27.88 ? 58  GLU A CB  1 
ATOM   437  C  CG  . GLU A 1 58  ? -6.554  2.009   -2.907  1.00 29.86 ? 58  GLU A CG  1 
ATOM   438  C  CD  . GLU A 1 58  ? -6.610  0.524   -3.294  1.00 30.99 ? 58  GLU A CD  1 
ATOM   439  O  OE1 . GLU A 1 58  ? -5.758  -0.249  -2.811  1.00 30.44 ? 58  GLU A OE1 1 
ATOM   440  O  OE2 . GLU A 1 58  ? -7.502  0.119   -4.073  1.00 30.87 ? 58  GLU A OE2 1 
ATOM   441  N  N   . LEU A 1 59  ? -3.731  3.700   0.269   1.00 26.54 ? 59  LEU A N   1 
ATOM   442  C  CA  . LEU A 1 59  ? -2.507  4.073   0.966   1.00 23.73 ? 59  LEU A CA  1 
ATOM   443  C  C   . LEU A 1 59  ? -2.504  3.514   2.383   1.00 26.96 ? 59  LEU A C   1 
ATOM   444  O  O   . LEU A 1 59  ? -1.465  3.053   2.879   1.00 26.65 ? 59  LEU A O   1 
ATOM   445  C  CB  . LEU A 1 59  ? -2.345  5.598   0.986   1.00 25.82 ? 59  LEU A CB  1 
ATOM   446  C  CG  . LEU A 1 59  ? -1.944  6.295   -0.321  1.00 27.03 ? 59  LEU A CG  1 
ATOM   447  C  CD1 . LEU A 1 59  ? -2.157  7.779   -0.184  1.00 26.59 ? 59  LEU A CD1 1 
ATOM   448  C  CD2 . LEU A 1 59  ? -0.496  5.979   -0.739  1.00 28.50 ? 59  LEU A CD2 1 
ATOM   449  N  N   . GLN A 1 60  ? -3.658  3.525   3.043   1.00 27.73 ? 60  GLN A N   1 
ATOM   450  C  CA  . GLN A 1 60  ? -3.709  3.012   4.404   1.00 30.25 ? 60  GLN A CA  1 
ATOM   451  C  C   . GLN A 1 60  ? -3.351  1.534   4.443   1.00 26.50 ? 60  GLN A C   1 
ATOM   452  O  O   . GLN A 1 60  ? -2.670  1.074   5.375   1.00 29.02 ? 60  GLN A O   1 
ATOM   453  C  CB  . GLN A 1 60  ? -5.089  3.229   5.009   1.00 31.54 ? 60  GLN A CB  1 
ATOM   454  C  CG  . GLN A 1 60  ? -5.132  2.721   6.433   1.00 43.31 ? 60  GLN A CG  1 
ATOM   455  C  CD  . GLN A 1 60  ? -4.215  3.549   7.334   1.00 45.89 ? 60  GLN A CD  1 
ATOM   456  O  OE1 . GLN A 1 60  ? -3.925  4.710   7.043   1.00 45.78 ? 60  GLN A OE1 1 
ATOM   457  N  NE2 . GLN A 1 60  ? -3.735  2.939   8.417   1.00 53.15 ? 60  GLN A NE2 1 
ATOM   458  N  N   . ALA A 1 61  ? -3.779  0.789   3.424   1.00 26.35 ? 61  ALA A N   1 
ATOM   459  C  CA  . ALA A 1 61  ? -3.472  -0.636  3.365   1.00 24.79 ? 61  ALA A CA  1 
ATOM   460  C  C   . ALA A 1 61  ? -1.980  -0.866  3.205   1.00 28.62 ? 61  ALA A C   1 
ATOM   461  O  O   . ALA A 1 61  ? -1.409  -1.757  3.850   1.00 26.34 ? 61  ALA A O   1 
ATOM   462  C  CB  . ALA A 1 61  ? -4.246  -1.289  2.221   1.00 26.35 ? 61  ALA A CB  1 
ATOM   463  N  N   . ILE A 1 62  ? -1.329  -0.070  2.352   1.00 28.29 ? 62  ILE A N   1 
ATOM   464  C  CA  . ILE A 1 62  ? 0.114   -0.153  2.210   1.00 25.19 ? 62  ILE A CA  1 
ATOM   465  C  C   . ILE A 1 62  ? 0.799   0.211   3.516   1.00 31.31 ? 62  ILE A C   1 
ATOM   466  O  O   . ILE A 1 62  ? 1.778   -0.428  3.919   1.00 28.50 ? 62  ILE A O   1 
ATOM   467  C  CB  . ILE A 1 62  ? 0.576   0.737   1.047   1.00 25.11 ? 62  ILE A CB  1 
ATOM   468  C  CG1 . ILE A 1 62  ? 0.112   0.102   -0.259  1.00 26.92 ? 62  ILE A CG1 1 
ATOM   469  C  CG2 . ILE A 1 62  ? 2.104   0.939   1.070   1.00 27.60 ? 62  ILE A CG2 1 
ATOM   470  C  CD1 . ILE A 1 62  ? 0.178   1.032   -1.474  1.00 29.30 ? 62  ILE A CD1 1 
ATOM   471  N  N   . TYR A 1 63  ? 0.292   1.232   4.211   1.00 25.47 ? 63  TYR A N   1 
ATOM   472  C  CA  . TYR A 1 63  ? 0.873   1.588   5.503   1.00 31.35 ? 63  TYR A CA  1 
ATOM   473  C  C   . TYR A 1 63  ? 0.796   0.419   6.481   1.00 29.88 ? 63  TYR A C   1 
ATOM   474  O  O   . TYR A 1 63  ? 1.768   0.143   7.202   1.00 33.27 ? 63  TYR A O   1 
ATOM   475  C  CB  . TYR A 1 63  ? 0.177   2.832   6.077   1.00 30.50 ? 63  TYR A CB  1 
ATOM   476  C  CG  . TYR A 1 63  ? 0.671   3.185   7.469   1.00 35.83 ? 63  TYR A CG  1 
ATOM   477  C  CD1 . TYR A 1 63  ? 0.088   2.610   8.596   1.00 35.44 ? 63  TYR A CD1 1 
ATOM   478  C  CD2 . TYR A 1 63  ? 1.732   4.063   7.654   1.00 35.42 ? 63  TYR A CD2 1 
ATOM   479  C  CE1 . TYR A 1 63  ? 0.557   2.899   9.868   1.00 43.23 ? 63  TYR A CE1 1 
ATOM   480  C  CE2 . TYR A 1 63  ? 2.203   4.364   8.924   1.00 38.90 ? 63  TYR A CE2 1 
ATOM   481  C  CZ  . TYR A 1 63  ? 1.607   3.774   10.026  1.00 42.95 ? 63  TYR A CZ  1 
ATOM   482  O  OH  . TYR A 1 63  ? 2.059   4.063   11.291  1.00 50.37 ? 63  TYR A OH  1 
ATOM   483  N  N   . LEU A 1 64  ? -0.349  -0.279  6.510   1.00 27.64 ? 64  LEU A N   1 
ATOM   484  C  CA  . LEU A 1 64  ? -0.526  -1.418  7.415   1.00 28.39 ? 64  LEU A CA  1 
ATOM   485  C  C   . LEU A 1 64  ? 0.440   -2.549  7.067   1.00 33.44 ? 64  LEU A C   1 
ATOM   486  O  O   . LEU A 1 64  ? 1.008   -3.190  7.959   1.00 28.27 ? 64  LEU A O   1 
ATOM   487  C  CB  . LEU A 1 64  ? -1.970  -1.922  7.361   1.00 30.56 ? 64  LEU A CB  1 
ATOM   488  C  CG  . LEU A 1 64  ? -3.033  -1.050  8.015   1.00 36.13 ? 64  LEU A CG  1 
ATOM   489  C  CD1 . LEU A 1 64  ? -4.404  -1.579  7.651   1.00 39.91 ? 64  LEU A CD1 1 
ATOM   490  C  CD2 . LEU A 1 64  ? -2.838  -1.025  9.528   1.00 38.45 ? 64  LEU A CD2 1 
ATOM   491  N  N   . ALA A 1 65  ? 0.654   -2.794  5.773   1.00 28.97 ? 65  ALA A N   1 
ATOM   492  C  CA  . ALA A 1 65  ? 1.600   -3.831  5.362   1.00 27.66 ? 65  ALA A CA  1 
ATOM   493  C  C   . ALA A 1 65  ? 3.021   -3.518  5.829   1.00 33.25 ? 65  ALA A C   1 
ATOM   494  O  O   . ALA A 1 65  ? 3.758   -4.430  6.227   1.00 30.52 ? 65  ALA A O   1 
ATOM   495  C  CB  . ALA A 1 65  ? 1.560   -3.997  3.842   1.00 28.40 ? 65  ALA A CB  1 
ATOM   496  N  N   . LEU A 1 66  ? 3.430   -2.238  5.773   1.00 25.55 ? 66  LEU A N   1 
ATOM   497  C  CA  . LEU A 1 66  ? 4.786   -1.852  6.171   1.00 27.96 ? 66  LEU A CA  1 
ATOM   498  C  C   . LEU A 1 66  ? 4.945   -1.864  7.685   1.00 31.42 ? 66  LEU A C   1 
ATOM   499  O  O   . LEU A 1 66  ? 6.032   -2.158  8.201   1.00 34.35 ? 66  LEU A O   1 
ATOM   500  C  CB  . LEU A 1 66  ? 5.122   -0.466  5.633   1.00 28.85 ? 66  LEU A CB  1 
ATOM   501  C  CG  . LEU A 1 66  ? 5.268   -0.339  4.117   1.00 28.22 ? 66  LEU A CG  1 
ATOM   502  C  CD1 . LEU A 1 66  ? 5.127   1.127   3.760   1.00 26.00 ? 66  LEU A CD1 1 
ATOM   503  C  CD2 . LEU A 1 66  ? 6.623   -0.913  3.649   1.00 32.11 ? 66  LEU A CD2 1 
ATOM   504  N  N   . GLN A 1 67  ? 3.885   -1.505  8.409   1.00 37.19 ? 67  GLN A N   1 
ATOM   505  C  CA  . GLN A 1 67  ? 3.930   -1.537  9.868   1.00 35.97 ? 67  GLN A CA  1 
ATOM   506  C  C   . GLN A 1 67  ? 4.046   -2.965  10.395  1.00 32.98 ? 67  GLN A C   1 
ATOM   507  O  O   . GLN A 1 67  ? 4.706   -3.205  11.416  1.00 39.60 ? 67  GLN A O   1 
ATOM   508  C  CB  . GLN A 1 67  ? 2.687   -0.819  10.413  1.00 37.31 ? 67  GLN A CB  1 
ATOM   509  C  CG  . GLN A 1 67  ? 2.419   -0.927  11.919  1.00 39.58 ? 67  GLN A CG  1 
ATOM   510  C  CD  . GLN A 1 67  ? 0.962   -0.618  12.248  1.00 42.10 ? 67  GLN A CD  1 
ATOM   511  O  OE1 . GLN A 1 67  ? 0.618   0.539   12.504  1.00 45.25 ? 67  GLN A OE1 1 
ATOM   512  N  NE2 . GLN A 1 67  ? 0.094   -1.641  12.195  1.00 43.20 ? 67  GLN A NE2 1 
ATOM   513  N  N   . ASP A 1 68  ? 3.470   -3.920  9.689   1.00 32.40 ? 68  ASP A N   1 
ATOM   514  C  CA  . ASP A 1 68  ? 3.287   -5.267  10.198  1.00 34.33 ? 68  ASP A CA  1 
ATOM   515  C  C   . ASP A 1 68  ? 4.323   -6.233  9.645   1.00 39.12 ? 68  ASP A C   1 
ATOM   516  O  O   . ASP A 1 68  ? 4.304   -7.411  10.008  1.00 36.38 ? 68  ASP A O   1 
ATOM   517  C  CB  . ASP A 1 68  ? 1.882   -5.747  9.842   1.00 33.99 ? 68  ASP A CB  1 
ATOM   518  C  CG  . ASP A 1 68  ? 0.814   -5.165  10.781  1.00 36.39 ? 68  ASP A CG  1 
ATOM   519  O  OD1 . ASP A 1 68  ? 1.159   -4.242  11.560  1.00 36.05 ? 68  ASP A OD1 1 
ATOM   520  O  OD2 . ASP A 1 68  ? -0.369  -5.544  10.663  1.00 41.13 ? 68  ASP A OD2 1 
ATOM   521  N  N   . SER A 1 69  ? 5.229   -5.767  8.790   1.00 33.33 ? 69  SER A N   1 
ATOM   522  C  CA  . SER A 1 69  ? 6.167   -6.653  8.107   1.00 34.20 ? 69  SER A CA  1 
ATOM   523  C  C   . SER A 1 69  ? 7.580   -6.510  8.663   1.00 32.93 ? 69  SER A C   1 
ATOM   524  O  O   . SER A 1 69  ? 7.912   -5.564  9.380   1.00 34.42 ? 69  SER A O   1 
ATOM   525  C  CB  . SER A 1 69  ? 6.171   -6.365  6.603   1.00 35.14 ? 69  SER A CB  1 
ATOM   526  O  OG  . SER A 1 69  ? 6.453   -4.995  6.363   1.00 34.57 ? 69  SER A OG  1 
ATOM   527  N  N   . GLY A 1 70  ? 8.427   -7.474  8.294   1.00 35.02 ? 70  GLY A N   1 
ATOM   528  C  CA  . GLY A 1 70  ? 9.841   -7.434  8.608   1.00 33.20 ? 70  GLY A CA  1 
ATOM   529  C  C   . GLY A 1 70  ? 10.619  -6.465  7.738   1.00 37.02 ? 70  GLY A C   1 
ATOM   530  O  O   . GLY A 1 70  ? 10.062  -5.557  7.115   1.00 36.24 ? 70  GLY A O   1 
ATOM   531  N  N   . LEU A 1 71  ? 11.944  -6.663  7.703   1.00 31.38 ? 71  LEU A N   1 
ATOM   532  C  CA  . LEU A 1 71  ? 12.839  -5.724  7.026   1.00 30.56 ? 71  LEU A CA  1 
ATOM   533  C  C   . LEU A 1 71  ? 12.720  -5.778  5.507   1.00 31.93 ? 71  LEU A C   1 
ATOM   534  O  O   . LEU A 1 71  ? 13.117  -4.830  4.824   1.00 35.48 ? 71  LEU A O   1 
ATOM   535  C  CB  . LEU A 1 71  ? 14.284  -6.012  7.423   1.00 34.82 ? 71  LEU A CB  1 
ATOM   536  C  CG  . LEU A 1 71  ? 14.593  -5.791  8.893   1.00 41.24 ? 71  LEU A CG  1 
ATOM   537  C  CD1 . LEU A 1 71  ? 16.029  -6.082  9.181   1.00 36.75 ? 71  LEU A CD1 1 
ATOM   538  C  CD2 . LEU A 1 71  ? 14.262  -4.351  9.231   1.00 40.93 ? 71  LEU A CD2 1 
ATOM   539  N  N   . GLU A 1 72  ? 12.213  -6.873  4.965   1.00 33.26 ? 72  GLU A N   1 
ATOM   540  C  CA  . GLU A 1 72  ? 12.076  -7.036  3.526   1.00 30.55 ? 72  GLU A CA  1 
ATOM   541  C  C   . GLU A 1 72  ? 10.620  -7.363  3.263   1.00 31.57 ? 72  GLU A C   1 
ATOM   542  O  O   . GLU A 1 72  ? 10.051  -8.224  3.937   1.00 30.68 ? 72  GLU A O   1 
ATOM   543  C  CB  . GLU A 1 72  ? 13.015  -8.151  3.014   1.00 30.54 ? 72  GLU A CB  1 
ATOM   544  C  CG  . GLU A 1 72  ? 14.444  -8.057  3.601   1.00 32.98 ? 72  GLU A CG  1 
ATOM   545  C  CD  . GLU A 1 72  ? 14.643  -8.959  4.816   1.00 33.81 ? 72  GLU A CD  1 
ATOM   546  O  OE1 . GLU A 1 72  ? 13.628  -9.474  5.326   1.00 33.69 ? 72  GLU A OE1 1 
ATOM   547  O  OE2 . GLU A 1 72  ? 15.802  -9.138  5.262   1.00 38.51 ? 72  GLU A OE2 1 
ATOM   548  N  N   . VAL A 1 73  ? 9.992   -6.676  2.318   1.00 29.44 ? 73  VAL A N   1 
ATOM   549  C  CA  . VAL A 1 73  ? 8.575   -6.965  2.111   1.00 27.08 ? 73  VAL A CA  1 
ATOM   550  C  C   . VAL A 1 73  ? 8.228   -6.766  0.646   1.00 23.39 ? 73  VAL A C   1 
ATOM   551  O  O   . VAL A 1 73  ? 8.730   -5.846  -0.016  1.00 25.49 ? 73  VAL A O   1 
ATOM   552  C  CB  . VAL A 1 73  ? 7.694   -6.124  3.073   1.00 33.82 ? 73  VAL A CB  1 
ATOM   553  C  CG1 . VAL A 1 73  ? 7.772   -4.631  2.773   1.00 35.93 ? 73  VAL A CG1 1 
ATOM   554  C  CG2 . VAL A 1 73  ? 6.256   -6.647  3.080   1.00 32.09 ? 73  VAL A CG2 1 
ATOM   555  N  N   . ASN A 1 74  ? 7.434   -7.692  0.132   1.00 27.66 ? 74  ASN A N   1 
ATOM   556  C  CA  . ASN A 1 74  ? 6.763   -7.572  -1.155  1.00 26.35 ? 74  ASN A CA  1 
ATOM   557  C  C   . ASN A 1 74  ? 5.336   -7.106  -0.916  1.00 30.36 ? 74  ASN A C   1 
ATOM   558  O  O   . ASN A 1 74  ? 4.601   -7.739  -0.142  1.00 27.68 ? 74  ASN A O   1 
ATOM   559  C  CB  . ASN A 1 74  ? 6.742   -8.918  -1.880  1.00 23.96 ? 74  ASN A CB  1 
ATOM   560  C  CG  . ASN A 1 74  ? 8.137   -9.442  -2.162  1.00 27.33 ? 74  ASN A CG  1 
ATOM   561  O  OD1 . ASN A 1 74  ? 8.982   -8.732  -2.697  1.00 32.08 ? 74  ASN A OD1 1 
ATOM   562  N  ND2 . ASN A 1 74  ? 8.381   -10.696 -1.801  1.00 28.66 ? 74  ASN A ND2 1 
ATOM   563  N  N   . ILE A 1 75  ? 4.937   -6.011  -1.579  1.00 26.77 ? 75  ILE A N   1 
ATOM   564  C  CA  . ILE A 1 75  ? 3.564   -5.506  -1.479  1.00 24.85 ? 75  ILE A CA  1 
ATOM   565  C  C   . ILE A 1 75  ? 2.927   -5.474  -2.866  1.00 28.36 ? 75  ILE A C   1 
ATOM   566  O  O   . ILE A 1 75  ? 3.458   -4.827  -3.775  1.00 29.37 ? 75  ILE A O   1 
ATOM   567  C  CB  . ILE A 1 75  ? 3.540   -4.101  -0.852  1.00 25.51 ? 75  ILE A CB  1 
ATOM   568  C  CG1 . ILE A 1 75  ? 4.313   -4.100  0.487   1.00 28.58 ? 75  ILE A CG1 1 
ATOM   569  C  CG2 . ILE A 1 75  ? 2.081   -3.616  -0.766  1.00 27.71 ? 75  ILE A CG2 1 
ATOM   570  C  CD1 . ILE A 1 75  ? 4.339   -2.756  1.247   1.00 29.73 ? 75  ILE A CD1 1 
ATOM   571  N  N   . VAL A 1 76  ? 1.771   -6.134  -3.023  1.00 26.49 ? 76  VAL A N   1 
ATOM   572  C  CA  . VAL A 1 76  ? 1.039   -6.150  -4.294  1.00 25.94 ? 76  VAL A CA  1 
ATOM   573  C  C   . VAL A 1 76  ? -0.230  -5.314  -4.118  1.00 29.32 ? 76  VAL A C   1 
ATOM   574  O  O   . VAL A 1 76  ? -1.078  -5.645  -3.286  1.00 26.03 ? 76  VAL A O   1 
ATOM   575  C  CB  . VAL A 1 76  ? 0.703   -7.575  -4.751  1.00 26.66 ? 76  VAL A CB  1 
ATOM   576  C  CG1 . VAL A 1 76  ? -0.156  -7.528  -6.031  1.00 26.69 ? 76  VAL A CG1 1 
ATOM   577  C  CG2 . VAL A 1 76  ? 1.990   -8.389  -4.965  1.00 26.12 ? 76  VAL A CG2 1 
ATOM   578  N  N   . THR A 1 77  ? -0.348  -4.219  -4.880  1.00 24.56 ? 77  THR A N   1 
ATOM   579  C  CA  . THR A 1 77  ? -1.488  -3.303  -4.809  1.00 28.26 ? 77  THR A CA  1 
ATOM   580  C  C   . THR A 1 77  ? -2.189  -3.260  -6.166  1.00 30.18 ? 77  THR A C   1 
ATOM   581  O  O   . THR A 1 77  ? -1.555  -3.482  -7.209  1.00 29.83 ? 77  THR A O   1 
ATOM   582  C  CB  . THR A 1 77  ? -1.025  -1.879  -4.409  1.00 29.51 ? 77  THR A CB  1 
ATOM   583  O  OG1 . THR A 1 77  ? -2.154  -0.994  -4.302  1.00 26.58 ? 77  THR A OG1 1 
ATOM   584  C  CG2 . THR A 1 77  ? -0.038  -1.314  -5.430  1.00 28.26 ? 77  THR A CG2 1 
ATOM   585  N  N   . ASP A 1 78  ? -3.494  -2.963  -6.173  1.00 27.16 ? 78  ASP A N   1 
ATOM   586  C  CA  . ASP A 1 78  ? -4.174  -2.693  -7.435  1.00 27.06 ? 78  ASP A CA  1 
ATOM   587  C  C   . ASP A 1 78  ? -4.424  -1.210  -7.647  1.00 29.65 ? 78  ASP A C   1 
ATOM   588  O  O   . ASP A 1 78  ? -5.206  -0.842  -8.532  1.00 29.26 ? 78  ASP A O   1 
ATOM   589  C  CB  . ASP A 1 78  ? -5.496  -3.467  -7.546  1.00 26.15 ? 78  ASP A CB  1 
ATOM   590  C  CG  . ASP A 1 78  ? -6.467  -3.144  -6.437  1.00 33.82 ? 78  ASP A CG  1 
ATOM   591  O  OD1 . ASP A 1 78  ? -6.669  -1.965  -6.116  1.00 27.24 ? 78  ASP A OD1 1 
ATOM   592  O  OD2 . ASP A 1 78  ? -7.004  -4.090  -5.868  1.00 32.97 ? 78  ASP A OD2 1 
ATOM   593  N  N   . SER A 1 79  ? -3.809  -0.355  -6.838  1.00 25.97 ? 79  SER A N   1 
ATOM   594  C  CA  . SER A 1 79  ? -3.947  1.091   -6.982  1.00 25.56 ? 79  SER A CA  1 
ATOM   595  C  C   . SER A 1 79  ? -2.745  1.639   -7.741  1.00 27.86 ? 79  SER A C   1 
ATOM   596  O  O   . SER A 1 79  ? -1.641  1.713   -7.185  1.00 27.03 ? 79  SER A O   1 
ATOM   597  C  CB  . SER A 1 79  ? -4.053  1.750   -5.611  1.00 29.72 ? 79  SER A CB  1 
ATOM   598  O  OG  . SER A 1 79  ? -4.066  3.164   -5.737  1.00 27.54 ? 79  SER A OG  1 
ATOM   599  N  N   . GLN A 1 80  ? -2.929  2.025   -9.015  1.00 28.35 ? 80  GLN A N   1 
ATOM   600  C  CA  . GLN A 1 80  ? -1.772  2.648   -9.659  1.00 30.56 ? 80  GLN A CA  1 
ATOM   601  C  C   . GLN A 1 80  ? -1.444  3.980   -9.024  1.00 31.08 ? 80  GLN A C   1 
ATOM   602  O  O   . GLN A 1 80  ? -0.270  4.357   -8.972  1.00 27.79 ? 80  GLN A O   1 
ATOM   603  C  CB  . GLN A 1 80  ? -1.925  2.816   -11.177 1.00 34.93 ? 80  GLN A CB  1 
ATOM   604  C  CG  . GLN A 1 80  ? -2.880  1.875   -11.882 1.00 40.33 ? 80  GLN A CG  1 
ATOM   605  C  CD  . GLN A 1 80  ? -3.133  2.254   -13.344 1.00 45.99 ? 80  GLN A CD  1 
ATOM   606  O  OE1 . GLN A 1 80  ? -2.371  3.015   -13.948 1.00 44.21 ? 80  GLN A OE1 1 
ATOM   607  N  NE2 . GLN A 1 80  ? -4.176  1.674   -13.930 1.00 52.17 ? 80  GLN A NE2 1 
ATOM   608  N  N   . TYR A 1 81  ? -2.452  4.690   -8.520  1.00 28.49 ? 81  TYR A N   1 
ATOM   609  C  CA  . TYR A 1 81  ? -2.177  5.932   -7.803  1.00 29.40 ? 81  TYR A CA  1 
ATOM   610  C  C   . TYR A 1 81  ? -1.227  5.699   -6.638  1.00 30.50 ? 81  TYR A C   1 
ATOM   611  O  O   . TYR A 1 81  ? -0.227  6.415   -6.483  1.00 30.11 ? 81  TYR A O   1 
ATOM   612  C  CB  . TYR A 1 81  ? -3.471  6.570   -7.307  1.00 31.41 ? 81  TYR A CB  1 
ATOM   613  C  CG  . TYR A 1 81  ? -3.200  7.633   -6.265  1.00 30.12 ? 81  TYR A CG  1 
ATOM   614  C  CD1 . TYR A 1 81  ? -3.416  7.360   -4.920  1.00 34.93 ? 81  TYR A CD1 1 
ATOM   615  C  CD2 . TYR A 1 81  ? -2.673  8.876   -6.610  1.00 32.09 ? 81  TYR A CD2 1 
ATOM   616  C  CE1 . TYR A 1 81  ? -3.148  8.291   -3.937  1.00 35.17 ? 81  TYR A CE1 1 
ATOM   617  C  CE2 . TYR A 1 81  ? -2.392  9.839   -5.620  1.00 38.63 ? 81  TYR A CE2 1 
ATOM   618  C  CZ  . TYR A 1 81  ? -2.645  9.531   -4.280  1.00 41.75 ? 81  TYR A CZ  1 
ATOM   619  O  OH  . TYR A 1 81  ? -2.392  10.440  -3.257  1.00 38.60 ? 81  TYR A OH  1 
ATOM   620  N  N   . ALA A 1 82  ? -1.559  4.739   -5.766  1.00 27.72 ? 82  ALA A N   1 
ATOM   621  C  CA  . ALA A 1 82  ? -0.699  4.481   -4.617  1.00 30.26 ? 82  ALA A CA  1 
ATOM   622  C  C   . ALA A 1 82  ? 0.721   4.139   -5.055  1.00 27.60 ? 82  ALA A C   1 
ATOM   623  O  O   . ALA A 1 82  ? 1.696   4.625   -4.465  1.00 31.10 ? 82  ALA A O   1 
ATOM   624  C  CB  . ALA A 1 82  ? -1.295  3.365   -3.758  1.00 28.39 ? 82  ALA A CB  1 
ATOM   625  N  N   . LEU A 1 83  ? 0.869   3.308   -6.083  1.00 27.77 ? 83  LEU A N   1 
ATOM   626  C  CA  . LEU A 1 83  ? 2.208   2.980   -6.537  1.00 26.51 ? 83  LEU A CA  1 
ATOM   627  C  C   . LEU A 1 83  ? 2.914   4.236   -7.031  1.00 32.01 ? 83  LEU A C   1 
ATOM   628  O  O   . LEU A 1 83  ? 4.047   4.529   -6.632  1.00 31.64 ? 83  LEU A O   1 
ATOM   629  C  CB  . LEU A 1 83  ? 2.151   1.914   -7.635  1.00 28.74 ? 83  LEU A CB  1 
ATOM   630  C  CG  . LEU A 1 83  ? 3.471   1.613   -8.360  1.00 34.05 ? 83  LEU A CG  1 
ATOM   631  C  CD1 . LEU A 1 83  ? 4.460   1.033   -7.380  1.00 32.38 ? 83  LEU A CD1 1 
ATOM   632  C  CD2 . LEU A 1 83  ? 3.267   0.654   -9.529  1.00 36.26 ? 83  LEU A CD2 1 
ATOM   633  N  N   . GLY A 1 84  ? 2.233   5.018   -7.867  1.00 30.78 ? 84  GLY A N   1 
ATOM   634  C  CA  . GLY A 1 84  ? 2.894   6.144   -8.517  1.00 29.69 ? 84  GLY A CA  1 
ATOM   635  C  C   . GLY A 1 84  ? 3.307   7.225   -7.542  1.00 32.13 ? 84  GLY A C   1 
ATOM   636  O  O   . GLY A 1 84  ? 4.429   7.732   -7.606  1.00 35.10 ? 84  GLY A O   1 
ATOM   637  N  N   . ILE A 1 85  ? 2.422   7.570   -6.603  1.00 32.74 ? 85  ILE A N   1 
ATOM   638  C  CA  . ILE A 1 85  ? 2.695   8.693   -5.713  1.00 34.88 ? 85  ILE A CA  1 
ATOM   639  C  C   . ILE A 1 85  ? 3.849   8.347   -4.775  1.00 33.97 ? 85  ILE A C   1 
ATOM   640  O  O   . ILE A 1 85  ? 4.730   9.179   -4.520  1.00 33.77 ? 85  ILE A O   1 
ATOM   641  C  CB  . ILE A 1 85  ? 1.407   9.105   -4.958  1.00 35.12 ? 85  ILE A CB  1 
ATOM   642  C  CG1 . ILE A 1 85  ? 1.521   10.501  -4.346  1.00 39.41 ? 85  ILE A CG1 1 
ATOM   643  C  CG2 . ILE A 1 85  ? 1.019   8.119   -3.851  1.00 31.37 ? 85  ILE A CG2 1 
ATOM   644  C  CD1 . ILE A 1 85  ? 1.829   11.591  -5.341  1.00 43.09 ? 85  ILE A CD1 1 
ATOM   645  N  N   . ILE A 1 86  ? 3.895   7.102   -4.291  1.00 31.67 ? 86  ILE A N   1 
ATOM   646  C  CA  . ILE A 1 86  ? 5.017   6.670   -3.464  1.00 31.41 ? 86  ILE A CA  1 
ATOM   647  C  C   . ILE A 1 86  ? 6.301   6.643   -4.286  1.00 37.67 ? 86  ILE A C   1 
ATOM   648  O  O   . ILE A 1 86  ? 7.352   7.150   -3.859  1.00 36.81 ? 86  ILE A O   1 
ATOM   649  C  CB  . ILE A 1 86  ? 4.716   5.292   -2.841  1.00 31.37 ? 86  ILE A CB  1 
ATOM   650  C  CG1 . ILE A 1 86  ? 3.606   5.428   -1.792  1.00 28.60 ? 86  ILE A CG1 1 
ATOM   651  C  CG2 . ILE A 1 86  ? 5.978   4.704   -2.229  1.00 33.99 ? 86  ILE A CG2 1 
ATOM   652  C  CD1 . ILE A 1 86  ? 3.088   4.083   -1.284  1.00 32.74 ? 86  ILE A CD1 1 
ATOM   653  N  N   . THR A 1 87  ? 6.225   6.069   -5.493  1.00 32.25 ? 87  THR A N   1 
ATOM   654  C  CA  . THR A 1 87  ? 7.417   5.863   -6.307  1.00 36.13 ? 87  THR A CA  1 
ATOM   655  C  C   . THR A 1 87  ? 8.085   7.183   -6.665  1.00 42.11 ? 87  THR A C   1 
ATOM   656  O  O   . THR A 1 87  ? 9.315   7.300   -6.601  1.00 42.13 ? 87  THR A O   1 
ATOM   657  C  CB  . THR A 1 87  ? 7.050   5.090   -7.572  1.00 39.45 ? 87  THR A CB  1 
ATOM   658  O  OG1 . THR A 1 87  ? 6.801   3.728   -7.223  1.00 36.57 ? 87  THR A OG1 1 
ATOM   659  C  CG2 . THR A 1 87  ? 8.204   5.120   -8.594  1.00 41.89 ? 87  THR A CG2 1 
ATOM   660  N  N   . GLN A 1 88  ? 7.303   8.204   -7.024  1.00 40.31 ? 88  GLN A N   1 
ATOM   661  C  CA  . GLN A 1 88  ? 7.975   9.440   -7.410  1.00 44.35 ? 88  GLN A CA  1 
ATOM   662  C  C   . GLN A 1 88  ? 8.439   10.230  -6.204  1.00 46.13 ? 88  GLN A C   1 
ATOM   663  O  O   . GLN A 1 88  ? 9.349   11.054  -6.326  1.00 45.89 ? 88  GLN A O   1 
ATOM   664  C  CB  . GLN A 1 88  ? 7.084   10.361  -8.220  1.00 45.05 ? 88  GLN A CB  1 
ATOM   665  C  CG  . GLN A 1 88  ? 5.732   10.444  -7.706  1.00 45.13 ? 88  GLN A CG  1 
ATOM   666  C  CD  . GLN A 1 88  ? 4.732   10.424  -8.815  1.00 45.73 ? 88  GLN A CD  1 
ATOM   667  O  OE1 . GLN A 1 88  ? 4.840   9.659   -9.794  1.00 45.94 ? 88  GLN A OE1 1 
ATOM   668  N  NE2 . GLN A 1 88  ? 3.765   11.298  -8.699  1.00 46.03 ? 88  GLN A NE2 1 
ATOM   669  N  N   . TRP A 1 89  ? 7.788   10.053  -5.055  1.00 42.88 ? 89  TRP A N   1 
ATOM   670  C  CA  . TRP A 1 89  ? 8.337   10.642  -3.841  1.00 45.22 ? 89  TRP A CA  1 
ATOM   671  C  C   . TRP A 1 89  ? 9.756   10.140  -3.608  1.00 42.98 ? 89  TRP A C   1 
ATOM   672  O  O   . TRP A 1 89  ? 10.639  10.908  -3.212  1.00 45.51 ? 89  TRP A O   1 
ATOM   673  C  CB  . TRP A 1 89  ? 7.437   10.318  -2.651  1.00 44.47 ? 89  TRP A CB  1 
ATOM   674  C  CG  . TRP A 1 89  ? 7.581   11.274  -1.532  1.00 42.27 ? 89  TRP A CG  1 
ATOM   675  C  CD1 . TRP A 1 89  ? 8.716   11.545  -0.831  1.00 46.22 ? 89  TRP A CD1 1 
ATOM   676  C  CD2 . TRP A 1 89  ? 6.552   12.103  -0.981  1.00 46.32 ? 89  TRP A CD2 1 
ATOM   677  N  NE1 . TRP A 1 89  ? 8.453   12.488  0.143   1.00 52.04 ? 89  TRP A NE1 1 
ATOM   678  C  CE2 . TRP A 1 89  ? 7.133   12.846  0.067   1.00 47.72 ? 89  TRP A CE2 1 
ATOM   679  C  CE3 . TRP A 1 89  ? 5.198   12.291  -1.275  1.00 48.75 ? 89  TRP A CE3 1 
ATOM   680  C  CZ2 . TRP A 1 89  ? 6.403   13.766  0.823   1.00 50.61 ? 89  TRP A CZ2 1 
ATOM   681  C  CZ3 . TRP A 1 89  ? 4.471   13.202  -0.515  1.00 47.45 ? 89  TRP A CZ3 1 
ATOM   682  C  CH2 . TRP A 1 89  ? 5.076   13.926  0.518   1.00 51.02 ? 89  TRP A CH2 1 
ATOM   683  N  N   . ILE A 1 90  ? 9.995   8.856   -3.893  1.00 43.71 ? 90  ILE A N   1 
ATOM   684  C  CA  . ILE A 1 90  ? 11.319  8.270   -3.727  1.00 41.79 ? 90  ILE A CA  1 
ATOM   685  C  C   . ILE A 1 90  ? 12.236  8.703   -4.869  1.00 52.23 ? 90  ILE A C   1 
ATOM   686  O  O   . ILE A 1 90  ? 13.352  9.187   -4.639  1.00 53.57 ? 90  ILE A O   1 
ATOM   687  C  CB  . ILE A 1 90  ? 11.210  6.736   -3.650  1.00 45.20 ? 90  ILE A CB  1 
ATOM   688  C  CG1 . ILE A 1 90  ? 10.711  6.284   -2.281  1.00 41.47 ? 90  ILE A CG1 1 
ATOM   689  C  CG2 . ILE A 1 90  ? 12.568  6.087   -3.879  1.00 49.30 ? 90  ILE A CG2 1 
ATOM   690  C  CD1 . ILE A 1 90  ? 10.146  4.885   -2.319  1.00 43.13 ? 90  ILE A CD1 1 
ATOM   691  N  N   . HIS A 1 91  ? 11.777  8.526   -6.119  1.00 48.99 ? 91  HIS A N   1 
ATOM   692  C  CA  . HIS A 1 91  ? 12.581  8.891   -7.291  1.00 48.67 ? 91  HIS A CA  1 
ATOM   693  C  C   . HIS A 1 91  ? 13.056  10.341  -7.233  1.00 46.42 ? 91  HIS A C   1 
ATOM   694  O  O   . HIS A 1 91  ? 14.194  10.645  -7.610  1.00 49.72 ? 91  HIS A O   1 
ATOM   695  C  CB  . HIS A 1 91  ? 11.783  8.658   -8.580  1.00 43.59 ? 91  HIS A CB  1 
ATOM   696  C  CG  . HIS A 1 91  ? 11.664  7.217   -8.983  1.00 43.27 ? 91  HIS A CG  1 
ATOM   697  N  ND1 . HIS A 1 91  ? 12.150  6.179   -8.214  1.00 49.11 ? 91  HIS A ND1 1 
ATOM   698  C  CD2 . HIS A 1 91  ? 11.119  6.643   -10.084 1.00 41.70 ? 91  HIS A CD2 1 
ATOM   699  C  CE1 . HIS A 1 91  ? 11.903  5.031   -8.821  1.00 47.36 ? 91  HIS A CE1 1 
ATOM   700  N  NE2 . HIS A 1 91  ? 11.281  5.285   -9.959  1.00 45.99 ? 91  HIS A NE2 1 
ATOM   701  N  N   . ASN A 1 92  ? 12.192  11.255  -6.783  1.00 45.94 ? 92  ASN A N   1 
ATOM   702  C  CA  . ASN A 1 92  ? 12.522  12.670  -6.629  1.00 50.26 ? 92  ASN A CA  1 
ATOM   703  C  C   . ASN A 1 92  ? 12.975  13.031  -5.226  1.00 55.87 ? 92  ASN A C   1 
ATOM   704  O  O   . ASN A 1 92  ? 12.703  14.157  -4.775  1.00 57.94 ? 92  ASN A O   1 
ATOM   705  C  CB  . ASN A 1 92  ? 11.326  13.549  -6.990  1.00 46.63 ? 92  ASN A CB  1 
ATOM   706  C  CG  . ASN A 1 92  ? 10.917  13.420  -8.427  1.00 48.54 ? 92  ASN A CG  1 
ATOM   707  O  OD1 . ASN A 1 92  ? 11.502  14.048  -9.319  1.00 39.83 ? 92  ASN A OD1 1 
ATOM   708  N  ND2 . ASN A 1 92  ? 9.916   12.584  -8.672  1.00 37.64 ? 92  ASN A ND2 1 
ATOM   709  N  N   . TRP A 1 93  ? 13.638  12.117  -4.517  1.00 56.86 ? 93  TRP A N   1 
ATOM   710  C  CA  . TRP A 1 93  ? 13.934  12.339  -3.105  1.00 57.77 ? 93  TRP A CA  1 
ATOM   711  C  C   . TRP A 1 93  ? 14.738  13.619  -2.910  1.00 61.24 ? 93  TRP A C   1 
ATOM   712  O  O   . TRP A 1 93  ? 15.784  13.818  -3.538  1.00 64.46 ? 93  TRP A O   1 
ATOM   713  C  CB  . TRP A 1 93  ? 14.686  11.142  -2.531  1.00 61.57 ? 93  TRP A CB  1 
ATOM   714  C  CG  . TRP A 1 93  ? 14.780  11.101  -1.040  1.00 61.51 ? 93  TRP A CG  1 
ATOM   715  C  CD1 . TRP A 1 93  ? 15.916  10.977  -0.299  1.00 65.24 ? 93  TRP A CD1 1 
ATOM   716  C  CD2 . TRP A 1 93  ? 13.695  11.162  -0.104  1.00 64.36 ? 93  TRP A CD2 1 
ATOM   717  N  NE1 . TRP A 1 93  ? 15.610  10.963  1.042   1.00 60.71 ? 93  TRP A NE1 1 
ATOM   718  C  CE2 . TRP A 1 93  ? 14.253  11.076  1.188   1.00 63.73 ? 93  TRP A CE2 1 
ATOM   719  C  CE3 . TRP A 1 93  ? 12.305  11.283  -0.232  1.00 60.31 ? 93  TRP A CE3 1 
ATOM   720  C  CZ2 . TRP A 1 93  ? 13.474  11.110  2.344   1.00 60.78 ? 93  TRP A CZ2 1 
ATOM   721  C  CZ3 . TRP A 1 93  ? 11.533  11.315  0.916   1.00 57.16 ? 93  TRP A CZ3 1 
ATOM   722  C  CH2 . TRP A 1 93  ? 12.120  11.231  2.189   1.00 61.73 ? 93  TRP A CH2 1 
ATOM   723  N  N   . LYS A 1 94  ? 14.230  14.484  -2.035  1.00 63.61 ? 94  LYS A N   1 
ATOM   724  C  CA  . LYS A 1 94  ? 14.740  15.847  -1.829  1.00 69.08 ? 94  LYS A CA  1 
ATOM   725  C  C   . LYS A 1 94  ? 14.664  16.550  -3.184  1.00 70.10 ? 94  LYS A C   1 
ATOM   726  O  O   . LYS A 1 94  ? 13.589  16.493  -3.806  1.00 71.20 ? 94  LYS A O   1 
ATOM   727  C  CB  . LYS A 1 94  ? 16.101  15.793  -1.145  1.00 67.80 ? 94  LYS A CB  1 
ATOM   728  C  CG  . LYS A 1 94  ? 15.926  15.582  0.372   1.00 69.02 ? 94  LYS A CG  1 
ATOM   729  C  CD  . LYS A 1 94  ? 17.038  14.799  1.060   1.00 70.66 ? 94  LYS A CD  1 
ATOM   730  C  CE  . LYS A 1 94  ? 16.700  14.630  2.545   1.00 69.04 ? 94  LYS A CE  1 
ATOM   731  N  NZ  . LYS A 1 94  ? 17.899  14.612  3.438   1.00 70.03 ? 94  LYS A NZ  1 
ATOM   732  N  N   . LYS A 1 95  ? 15.720  17.218  -3.655  1.00 70.08 ? 95  LYS A N   1 
ATOM   733  C  CA  . LYS A 1 95  ? 15.691  17.873  -4.964  0.46 71.10 ? 95  LYS A CA  1 
ATOM   734  C  C   . LYS A 1 95  ? 14.655  19.000  -5.057  1.00 74.33 ? 95  LYS A C   1 
ATOM   735  O  O   . LYS A 1 95  ? 13.446  18.749  -5.074  1.00 71.63 ? 95  LYS A O   1 
ATOM   736  C  CB  . LYS A 1 95  ? 15.429  16.832  -6.063  1.00 65.25 ? 95  LYS A CB  1 
ATOM   737  C  CG  . LYS A 1 95  ? 15.612  17.317  -7.497  1.00 70.18 ? 95  LYS A CG  1 
ATOM   738  C  CD  . LYS A 1 95  ? 16.706  18.361  -7.636  1.00 69.00 ? 95  LYS A CD  1 
ATOM   739  C  CE  . LYS A 1 95  ? 18.082  17.734  -7.673  1.00 65.56 ? 95  LYS A CE  1 
ATOM   740  N  NZ  . LYS A 1 95  ? 19.076  18.744  -8.095  1.00 66.15 ? 95  LYS A NZ  1 
ATOM   741  N  N   . ARG A 1 96  ? 15.121  20.248  -5.128  1.00 74.42 ? 96  ARG A N   1 
ATOM   742  C  CA  . ARG A 1 96  ? 14.248  21.354  -5.503  1.00 72.49 ? 96  ARG A CA  1 
ATOM   743  C  C   . ARG A 1 96  ? 13.878  21.231  -6.981  1.00 76.65 ? 96  ARG A C   1 
ATOM   744  O  O   . ARG A 1 96  ? 14.637  20.689  -7.794  1.00 76.72 ? 96  ARG A O   1 
ATOM   745  C  CB  . ARG A 1 96  ? 14.931  22.692  -5.229  1.00 71.88 ? 96  ARG A CB  1 
ATOM   746  C  CG  . ARG A 1 96  ? 14.037  23.794  -4.663  1.00 72.60 ? 96  ARG A CG  1 
ATOM   747  C  CD  . ARG A 1 96  ? 13.512  23.491  -3.248  1.00 71.28 ? 96  ARG A CD  1 
ATOM   748  N  NE  . ARG A 1 96  ? 12.367  24.336  -2.916  1.00 71.19 ? 96  ARG A NE  1 
ATOM   749  C  CZ  . ARG A 1 96  ? 11.319  23.963  -2.192  1.00 68.43 ? 96  ARG A CZ  1 
ATOM   750  N  NH1 . ARG A 1 96  ? 11.220  22.745  -1.692  1.00 70.68 ? 96  ARG A NH1 1 
ATOM   751  N  NH2 . ARG A 1 96  ? 10.344  24.839  -1.962  1.00 68.42 ? 96  ARG A NH2 1 
ATOM   752  N  N   . GLY A 1 97  ? 12.693  21.733  -7.331  1.00 77.11 ? 97  GLY A N   1 
ATOM   753  C  CA  . GLY A 1 97  ? 12.060  21.378  -8.587  1.00 71.52 ? 97  GLY A CA  1 
ATOM   754  C  C   . GLY A 1 97  ? 11.101  20.206  -8.484  1.00 68.84 ? 97  GLY A C   1 
ATOM   755  O  O   . GLY A 1 97  ? 10.281  20.004  -9.390  1.00 60.76 ? 97  GLY A O   1 
ATOM   756  N  N   . TRP A 1 98  ? 11.218  19.411  -7.421  1.00 72.74 ? 98  TRP A N   1 
ATOM   757  C  CA  . TRP A 1 98  ? 10.147  18.539  -6.964  1.00 64.45 ? 98  TRP A CA  1 
ATOM   758  C  C   . TRP A 1 98  ? 9.176   19.359  -6.131  1.00 60.49 ? 98  TRP A C   1 
ATOM   759  O  O   . TRP A 1 98  ? 9.592   20.209  -5.339  1.00 65.44 ? 98  TRP A O   1 
ATOM   760  C  CB  . TRP A 1 98  ? 10.720  17.410  -6.111  0.51 63.50 ? 98  TRP A CB  1 
ATOM   761  C  CG  . TRP A 1 98  ? 9.694   16.630  -5.361  0.58 62.62 ? 98  TRP A CG  1 
ATOM   762  C  CD1 . TRP A 1 98  ? 9.625   16.460  -4.005  1.00 64.46 ? 98  TRP A CD1 1 
ATOM   763  C  CD2 . TRP A 1 98  ? 8.629   15.855  -5.918  1.00 61.07 ? 98  TRP A CD2 1 
ATOM   764  N  NE1 . TRP A 1 98  ? 8.555   15.660  -3.683  0.60 61.11 ? 98  TRP A NE1 1 
ATOM   765  C  CE2 . TRP A 1 98  ? 7.933   15.267  -4.838  1.00 61.07 ? 98  TRP A CE2 1 
ATOM   766  C  CE3 . TRP A 1 98  ? 8.192   15.606  -7.222  1.00 58.85 ? 98  TRP A CE3 1 
ATOM   767  C  CZ2 . TRP A 1 98  ? 6.824   14.447  -5.023  1.00 56.07 ? 98  TRP A CZ2 1 
ATOM   768  C  CZ3 . TRP A 1 98  ? 7.089   14.791  -7.404  1.00 57.41 ? 98  TRP A CZ3 1 
ATOM   769  C  CH2 . TRP A 1 98  ? 6.420   14.217  -6.312  1.00 58.86 ? 98  TRP A CH2 1 
ATOM   770  N  N   . LYS A 1 99  ? 7.880   19.107  -6.298  1.00 60.57 ? 99  LYS A N   1 
ATOM   771  C  CA  . LYS A 1 99  ? 6.898   19.816  -5.496  1.00 56.92 ? 99  LYS A CA  1 
ATOM   772  C  C   . LYS A 1 99  ? 5.905   18.823  -4.902  1.00 58.29 ? 99  LYS A C   1 
ATOM   773  O  O   . LYS A 1 99  ? 5.591   17.796  -5.509  1.00 55.80 ? 99  LYS A O   1 
ATOM   774  C  CB  . LYS A 1 99  ? 6.167   20.886  -6.306  1.00 49.87 ? 99  LYS A CB  1 
ATOM   775  C  CG  . LYS A 1 99  ? 5.183   21.640  -5.477  1.00 51.04 ? 99  LYS A CG  1 
ATOM   776  C  CD  . LYS A 1 99  ? 4.464   22.707  -6.235  1.00 52.31 ? 99  LYS A CD  1 
ATOM   777  C  CE  . LYS A 1 99  ? 3.700   23.553  -5.249  1.00 55.81 ? 99  LYS A CE  1 
ATOM   778  N  NZ  . LYS A 1 99  ? 2.826   22.667  -4.415  1.00 58.63 ? 99  LYS A NZ  1 
ATOM   779  N  N   . THR A 1 100 ? 5.406   19.164  -3.711  1.00 57.03 ? 100 THR A N   1 
ATOM   780  C  CA  . THR A 1 100 ? 4.665   18.233  -2.870  1.00 58.53 ? 100 THR A CA  1 
ATOM   781  C  C   . THR A 1 100 ? 3.283   17.935  -3.447  1.00 51.56 ? 100 THR A C   1 
ATOM   782  O  O   . THR A 1 100 ? 2.586   18.854  -3.893  1.00 50.66 ? 100 THR A O   1 
ATOM   783  C  CB  . THR A 1 100 ? 4.494   18.826  -1.473  1.00 61.00 ? 100 THR A CB  1 
ATOM   784  O  OG1 . THR A 1 100 ? 5.770   19.263  -0.980  1.00 64.18 ? 100 THR A OG1 1 
ATOM   785  C  CG2 . THR A 1 100 ? 3.880   17.792  -0.519  1.00 58.13 ? 100 THR A CG2 1 
ATOM   786  N  N   . PRO A 1 101 ? 2.845   16.675  -3.419  1.00 55.35 ? 101 PRO A N   1 
ATOM   787  C  CA  . PRO A 1 101 ? 1.451   16.378  -3.768  1.00 49.27 ? 101 PRO A CA  1 
ATOM   788  C  C   . PRO A 1 101 ? 0.506   17.178  -2.885  1.00 51.95 ? 101 PRO A C   1 
ATOM   789  O  O   . PRO A 1 101 ? 0.793   17.435  -1.715  1.00 53.74 ? 101 PRO A O   1 
ATOM   790  C  CB  . PRO A 1 101 ? 1.315   14.872  -3.514  1.00 48.88 ? 101 PRO A CB  1 
ATOM   791  C  CG  . PRO A 1 101 ? 2.651   14.367  -3.155  1.00 51.27 ? 101 PRO A CG  1 
ATOM   792  C  CD  . PRO A 1 101 ? 3.654   15.465  -3.203  1.00 52.40 ? 101 PRO A CD  1 
ATOM   793  N  N   . VAL A 1 102 ? -0.632  17.569  -3.457  1.00 47.76 ? 102 VAL A N   1 
ATOM   794  C  CA  . VAL A 1 102 ? -1.546  18.422  -2.714  1.00 52.47 ? 102 VAL A CA  1 
ATOM   795  C  C   . VAL A 1 102 ? -2.478  17.602  -1.822  1.00 51.79 ? 102 VAL A C   1 
ATOM   796  O  O   . VAL A 1 102 ? -2.907  18.084  -0.770  1.00 55.90 ? 102 VAL A O   1 
ATOM   797  C  CB  . VAL A 1 102 ? -2.326  19.343  -3.673  1.00 51.82 ? 102 VAL A CB  1 
ATOM   798  C  CG1 . VAL A 1 102 ? -3.564  18.653  -4.221  1.00 58.49 ? 102 VAL A CG1 1 
ATOM   799  C  CG2 . VAL A 1 102 ? -2.710  20.636  -2.959  1.00 55.47 ? 102 VAL A CG2 1 
ATOM   800  N  N   . LYS A 1 103 ? -2.796  16.363  -2.186  1.00 44.51 ? 103 LYS A N   1 
ATOM   801  C  CA  . LYS A 1 103 ? -3.686  15.578  -1.349  1.00 44.44 ? 103 LYS A CA  1 
ATOM   802  C  C   . LYS A 1 103 ? -2.973  14.333  -0.831  1.00 39.11 ? 103 LYS A C   1 
ATOM   803  O  O   . LYS A 1 103 ? -1.963  13.886  -1.395  1.00 36.92 ? 103 LYS A O   1 
ATOM   804  C  CB  . LYS A 1 103 ? -4.997  15.236  -2.089  1.00 50.81 ? 103 LYS A CB  1 
ATOM   805  C  CG  . LYS A 1 103 ? -4.969  14.071  -3.048  1.00 51.21 ? 103 LYS A CG  1 
ATOM   806  C  CD  . LYS A 1 103 ? -6.371  13.863  -3.646  1.00 52.50 ? 103 LYS A CD  1 
ATOM   807  C  CE  . LYS A 1 103 ? -6.323  13.431  -5.113  1.00 54.30 ? 103 LYS A CE  1 
ATOM   808  N  NZ  . LYS A 1 103 ? -5.372  12.297  -5.360  1.00 52.48 ? 103 LYS A NZ  1 
ATOM   809  N  N   . ASN A 1 104 ? -3.473  13.837  0.305   1.00 37.02 ? 104 ASN A N   1 
ATOM   810  C  CA  . ASN A 1 104 ? -2.899  12.702  1.038   1.00 34.89 ? 104 ASN A CA  1 
ATOM   811  C  C   . ASN A 1 104 ? -1.435  12.898  1.419   1.00 37.01 ? 104 ASN A C   1 
ATOM   812  O  O   . ASN A 1 104 ? -0.704  11.921  1.588   1.00 33.96 ? 104 ASN A O   1 
ATOM   813  C  CB  . ASN A 1 104 ? -3.092  11.381  0.277   1.00 33.37 ? 104 ASN A CB  1 
ATOM   814  C  CG  . ASN A 1 104 ? -4.438  11.285  -0.400  1.00 36.54 ? 104 ASN A CG  1 
ATOM   815  O  OD1 . ASN A 1 104 ? -4.559  10.826  -1.530  1.00 41.76 ? 104 ASN A OD1 1 
ATOM   816  N  ND2 . ASN A 1 104 ? -5.482  11.615  0.346   1.00 42.83 ? 104 ASN A ND2 1 
ATOM   817  N  N   . VAL A 1 105 ? -0.991  14.148  1.610   1.00 31.40 ? 105 VAL A N   1 
ATOM   818  C  CA  . VAL A 1 105 ? 0.419   14.375  1.951   1.00 34.32 ? 105 VAL A CA  1 
ATOM   819  C  C   . VAL A 1 105 ? 0.752   13.758  3.309   1.00 35.20 ? 105 VAL A C   1 
ATOM   820  O  O   . VAL A 1 105 ? 1.798   13.112  3.470   1.00 38.15 ? 105 VAL A O   1 
ATOM   821  C  CB  . VAL A 1 105 ? 0.761   15.881  1.910   1.00 36.74 ? 105 VAL A CB  1 
ATOM   822  C  CG1 . VAL A 1 105 ? -0.204  16.662  2.749   1.00 33.96 ? 105 VAL A CG1 1 
ATOM   823  C  CG2 . VAL A 1 105 ? 2.179   16.102  2.410   1.00 38.55 ? 105 VAL A CG2 1 
ATOM   824  N  N   . ASP A 1 106 ? -0.134  13.935  4.303   1.00 33.03 ? 106 ASP A N   1 
ATOM   825  C  CA  . ASP A 1 106 ? 0.103   13.367  5.628   1.00 32.52 ? 106 ASP A CA  1 
ATOM   826  C  C   . ASP A 1 106 ? 0.325   11.869  5.545   1.00 34.61 ? 106 ASP A C   1 
ATOM   827  O  O   . ASP A 1 106 ? 1.273   11.332  6.128   1.00 32.23 ? 106 ASP A O   1 
ATOM   828  C  CB  . ASP A 1 106 ? -1.079  13.655  6.552   1.00 36.20 ? 106 ASP A CB  1 
ATOM   829  C  CG  . ASP A 1 106 ? -1.162  15.105  6.919   1.00 39.84 ? 106 ASP A CG  1 
ATOM   830  O  OD1 . ASP A 1 106 ? -2.074  15.496  7.693   1.00 45.41 ? 106 ASP A OD1 1 
ATOM   831  O  OD2 . ASP A 1 106 ? -0.290  15.841  6.407   1.00 42.04 ? 106 ASP A OD2 1 
ATOM   832  N  N   . LEU A 1 107 ? -0.548  11.171  4.831   1.00 31.71 ? 107 LEU A N   1 
ATOM   833  C  CA  . LEU A 1 107 ? -0.452  9.729   4.934   1.00 32.85 ? 107 LEU A CA  1 
ATOM   834  C  C   . LEU A 1 107 ? 0.669   9.186   4.044   1.00 34.83 ? 107 LEU A C   1 
ATOM   835  O  O   . LEU A 1 107 ? 1.302   8.185   4.401   1.00 34.32 ? 107 LEU A O   1 
ATOM   836  C  CB  . LEU A 1 107 ? -1.824  9.122   4.650   1.00 33.58 ? 107 LEU A CB  1 
ATOM   837  C  CG  . LEU A 1 107 ? -2.020  7.720   4.141   1.00 38.27 ? 107 LEU A CG  1 
ATOM   838  C  CD1 . LEU A 1 107 ? -1.903  6.801   5.356   1.00 35.76 ? 107 LEU A CD1 1 
ATOM   839  C  CD2 . LEU A 1 107 ? -3.431  7.637   3.581   1.00 37.63 ? 107 LEU A CD2 1 
ATOM   840  N  N   . VAL A 1 108 ? 0.996   9.861   2.935   1.00 33.02 ? 108 VAL A N   1 
ATOM   841  C  CA  . VAL A 1 108 ? 2.160   9.431   2.157   1.00 32.73 ? 108 VAL A CA  1 
ATOM   842  C  C   . VAL A 1 108 ? 3.444   9.642   2.962   1.00 33.53 ? 108 VAL A C   1 
ATOM   843  O  O   . VAL A 1 108 ? 4.330   8.780   2.970   1.00 31.85 ? 108 VAL A O   1 
ATOM   844  C  CB  . VAL A 1 108 ? 2.213   10.139  0.789   1.00 33.60 ? 108 VAL A CB  1 
ATOM   845  C  CG1 . VAL A 1 108 ? 3.491   9.778   0.069   1.00 35.90 ? 108 VAL A CG1 1 
ATOM   846  C  CG2 . VAL A 1 108 ? 1.001   9.763   -0.066  1.00 34.02 ? 108 VAL A CG2 1 
ATOM   847  N  N   . ASN A 1 109 ? 3.549   10.766  3.689   1.00 35.00 ? 109 ASN A N   1 
ATOM   848  C  CA  . ASN A 1 109 ? 4.696   10.962  4.577   1.00 34.61 ? 109 ASN A CA  1 
ATOM   849  C  C   . ASN A 1 109 ? 4.825   9.849   5.613   1.00 36.26 ? 109 ASN A C   1 
ATOM   850  O  O   . ASN A 1 109 ? 5.941   9.412   5.915   1.00 36.05 ? 109 ASN A O   1 
ATOM   851  C  CB  . ASN A 1 109 ? 4.606   12.311  5.286   1.00 36.65 ? 109 ASN A CB  1 
ATOM   852  C  CG  . ASN A 1 109 ? 5.461   13.349  4.632   1.00 46.10 ? 109 ASN A CG  1 
ATOM   853  O  OD1 . ASN A 1 109 ? 5.156   13.824  3.542   1.00 53.82 ? 109 ASN A OD1 1 
ATOM   854  N  ND2 . ASN A 1 109 ? 6.563   13.698  5.283   1.00 55.80 ? 109 ASN A ND2 1 
ATOM   855  N  N   . GLN A 1 110 ? 3.704   9.406   6.200   1.00 32.04 ? 110 GLN A N   1 
ATOM   856  C  CA  . GLN A 1 110 ? 3.781   8.294   7.141   1.00 35.86 ? 110 GLN A CA  1 
ATOM   857  C  C   . GLN A 1 110 ? 4.305   7.044   6.454   1.00 34.65 ? 110 GLN A C   1 
ATOM   858  O  O   . GLN A 1 110 ? 5.096   6.288   7.028   1.00 33.89 ? 110 GLN A O   1 
ATOM   859  C  CB  . GLN A 1 110 ? 2.417   7.997   7.765   1.00 36.85 ? 110 GLN A CB  1 
ATOM   860  C  CG  . GLN A 1 110 ? 1.643   9.174   8.302   1.00 43.68 ? 110 GLN A CG  1 
ATOM   861  C  CD  . GLN A 1 110 ? 2.028   9.476   9.726   1.00 51.82 ? 110 GLN A CD  1 
ATOM   862  O  OE1 . GLN A 1 110 ? 2.958   8.868   10.263  1.00 45.28 ? 110 GLN A OE1 1 
ATOM   863  N  NE2 . GLN A 1 110 ? 1.267   10.356  10.381  1.00 52.49 ? 110 GLN A NE2 1 
ATOM   864  N  N   . ILE A 1 111 ? 3.849   6.791   5.232   1.00 28.61 ? 111 ILE A N   1 
ATOM   865  C  CA  . ILE A 1 111 ? 4.375   5.656   4.469   1.00 28.85 ? 111 ILE A CA  1 
ATOM   866  C  C   . ILE A 1 111 ? 5.879   5.814   4.229   1.00 36.19 ? 111 ILE A C   1 
ATOM   867  O  O   . ILE A 1 111 ? 6.655   4.870   4.429   1.00 30.99 ? 111 ILE A O   1 
ATOM   868  C  CB  . ILE A 1 111 ? 3.583   5.490   3.161   1.00 26.06 ? 111 ILE A CB  1 
ATOM   869  C  CG1 . ILE A 1 111 ? 2.164   4.983   3.501   1.00 29.20 ? 111 ILE A CG1 1 
ATOM   870  C  CG2 . ILE A 1 111 ? 4.306   4.546   2.196   1.00 30.20 ? 111 ILE A CG2 1 
ATOM   871  C  CD1 . ILE A 1 111 ? 1.230   4.981   2.344   1.00 32.99 ? 111 ILE A CD1 1 
ATOM   872  N  N   . ILE A 1 112 ? 6.320   7.012   3.817   1.00 32.60 ? 112 ILE A N   1 
ATOM   873  C  CA  . ILE A 1 112 ? 7.754   7.252   3.622   1.00 35.78 ? 112 ILE A CA  1 
ATOM   874  C  C   . ILE A 1 112 ? 8.520   6.990   4.909   1.00 35.47 ? 112 ILE A C   1 
ATOM   875  O  O   . ILE A 1 112 ? 9.591   6.376   4.894   1.00 33.84 ? 112 ILE A O   1 
ATOM   876  C  CB  . ILE A 1 112 ? 8.021   8.679   3.102   1.00 39.38 ? 112 ILE A CB  1 
ATOM   877  C  CG1 . ILE A 1 112 ? 7.354   8.913   1.747   1.00 37.86 ? 112 ILE A CG1 1 
ATOM   878  C  CG2 . ILE A 1 112 ? 9.530   8.934   2.999   1.00 43.44 ? 112 ILE A CG2 1 
ATOM   879  C  CD1 . ILE A 1 112 ? 7.604   7.799   0.739   1.00 44.88 ? 112 ILE A CD1 1 
ATOM   880  N  N   . GLU A 1 113 ? 7.968   7.411   6.045   1.00 38.50 ? 113 GLU A N   1 
ATOM   881  C  CA  . GLU A 1 113 ? 8.626   7.163   7.324   1.00 39.85 ? 113 GLU A CA  1 
ATOM   882  C  C   . GLU A 1 113 ? 8.815   5.667   7.573   1.00 41.43 ? 113 GLU A C   1 
ATOM   883  O  O   . GLU A 1 113 ? 9.873   5.241   8.053   1.00 43.76 ? 113 GLU A O   1 
ATOM   884  C  CB  . GLU A 1 113 ? 7.810   7.791   8.448   1.00 40.70 ? 113 GLU A CB  1 
ATOM   885  C  CG  . GLU A 1 113 ? 8.333   7.506   9.820   1.00 41.52 ? 113 GLU A CG  1 
ATOM   886  C  CD  . GLU A 1 113 ? 7.590   8.297   10.861  1.00 53.40 ? 113 GLU A CD  1 
ATOM   887  O  OE1 . GLU A 1 113 ? 6.465   8.750   10.551  1.00 51.31 ? 113 GLU A OE1 1 
ATOM   888  O  OE2 . GLU A 1 113 ? 8.147   8.500   11.966  1.00 55.38 ? 113 GLU A OE2 1 
ATOM   889  N  N   . GLN A 1 114 ? 7.795   4.857   7.271   1.00 34.63 ? 114 GLN A N   1 
ATOM   890  C  CA  . GLN A 1 114 ? 7.940   3.402   7.348   1.00 40.14 ? 114 GLN A CA  1 
ATOM   891  C  C   . GLN A 1 114 ? 8.965   2.887   6.332   1.00 39.29 ? 114 GLN A C   1 
ATOM   892  O  O   . GLN A 1 114 ? 9.838   2.070   6.664   1.00 32.90 ? 114 GLN A O   1 
ATOM   893  C  CB  . GLN A 1 114 ? 6.577   2.734   7.123   1.00 37.28 ? 114 GLN A CB  1 
ATOM   894  C  CG  . GLN A 1 114 ? 5.626   2.674   8.339   1.00 44.11 ? 114 GLN A CG  1 
ATOM   895  C  CD  . GLN A 1 114 ? 6.325   2.442   9.689   1.00 54.59 ? 114 GLN A CD  1 
ATOM   896  O  OE1 . GLN A 1 114 ? 7.242   1.619   9.798   1.00 51.54 ? 114 GLN A OE1 1 
ATOM   897  N  NE2 . GLN A 1 114 ? 5.893   3.177   10.720  1.00 54.07 ? 114 GLN A NE2 1 
ATOM   898  N  N   . LEU A 1 115 ? 8.868   3.348   5.081   1.00 32.53 ? 115 LEU A N   1 
ATOM   899  C  CA  . LEU A 1 115 ? 9.718   2.815   4.013   1.00 36.58 ? 115 LEU A CA  1 
ATOM   900  C  C   . LEU A 1 115 ? 11.193  3.008   4.333   1.00 38.19 ? 115 LEU A C   1 
ATOM   901  O  O   . LEU A 1 115 ? 12.019  2.128   4.058   1.00 41.66 ? 115 LEU A O   1 
ATOM   902  C  CB  . LEU A 1 115 ? 9.387   3.499   2.686   1.00 32.68 ? 115 LEU A CB  1 
ATOM   903  C  CG  . LEU A 1 115 ? 8.240   2.958   1.852   1.00 38.07 ? 115 LEU A CG  1 
ATOM   904  C  CD1 . LEU A 1 115 ? 8.078   3.822   0.608   1.00 34.78 ? 115 LEU A CD1 1 
ATOM   905  C  CD2 . LEU A 1 115 ? 8.472   1.498   1.473   1.00 36.72 ? 115 LEU A CD2 1 
ATOM   906  N  N   . ILE A 1 116 ? 11.533  4.152   4.939   1.00 39.33 ? 116 ILE A N   1 
ATOM   907  C  CA  . ILE A 1 116 ? 12.917  4.476   5.269   1.00 44.81 ? 116 ILE A CA  1 
ATOM   908  C  C   . ILE A 1 116 ? 13.473  3.485   6.294   1.00 44.34 ? 116 ILE A C   1 
ATOM   909  O  O   . ILE A 1 116 ? 14.680  3.210   6.320   1.00 47.95 ? 116 ILE A O   1 
ATOM   910  C  CB  . ILE A 1 116 ? 12.976  5.936   5.768   1.00 46.89 ? 116 ILE A CB  1 
ATOM   911  C  CG1 . ILE A 1 116 ? 13.022  6.912   4.588   1.00 52.29 ? 116 ILE A CG1 1 
ATOM   912  C  CG2 . ILE A 1 116 ? 14.172  6.175   6.668   1.00 55.91 ? 116 ILE A CG2 1 
ATOM   913  C  CD1 . ILE A 1 116 ? 14.375  7.080   3.968   1.00 61.39 ? 116 ILE A CD1 1 
ATOM   914  N  N   . LYS A 1 117 ? 12.601  2.913   7.131   1.00 42.54 ? 117 LYS A N   1 
ATOM   915  C  CA  . LYS A 1 117 ? 12.975  1.947   8.158   1.00 43.53 ? 117 LYS A CA  1 
ATOM   916  C  C   . LYS A 1 117 ? 13.181  0.534   7.612   1.00 45.27 ? 117 LYS A C   1 
ATOM   917  O  O   . LYS A 1 117 ? 13.633  -0.343  8.355   1.00 37.77 ? 117 LYS A O   1 
ATOM   918  C  CB  . LYS A 1 117 ? 11.890  1.919   9.240   1.00 46.81 ? 117 LYS A CB  1 
ATOM   919  C  CG  . LYS A 1 117 ? 11.744  3.246   10.016  1.00 49.23 ? 117 LYS A CG  1 
ATOM   920  C  CD  . LYS A 1 117 ? 11.359  3.032   11.482  1.00 57.58 ? 117 LYS A CD  1 
ATOM   921  C  CE  . LYS A 1 117 ? 9.836   2.984   11.659  1.00 58.57 ? 117 LYS A CE  1 
ATOM   922  N  NZ  . LYS A 1 117 ? 9.413   2.384   12.962  1.00 61.67 ? 117 LYS A NZ  1 
ATOM   923  N  N   . LYS A 1 118 ? 12.837  0.282   6.356   1.00 37.09 ? 118 LYS A N   1 
ATOM   924  C  CA  . LYS A 1 118 ? 12.963  -1.044  5.774   1.00 35.01 ? 118 LYS A CA  1 
ATOM   925  C  C   . LYS A 1 118 ? 14.330  -1.214  5.119   1.00 38.38 ? 118 LYS A C   1 
ATOM   926  O  O   . LYS A 1 118 ? 15.001  -0.246  4.764   1.00 35.57 ? 118 LYS A O   1 
ATOM   927  C  CB  . LYS A 1 118 ? 11.868  -1.274  4.732   1.00 32.15 ? 118 LYS A CB  1 
ATOM   928  C  CG  . LYS A 1 118 ? 10.440  -1.232  5.266   1.00 31.21 ? 118 LYS A CG  1 
ATOM   929  C  CD  . LYS A 1 118 ? 10.190  -2.340  6.260   1.00 34.88 ? 118 LYS A CD  1 
ATOM   930  C  CE  . LYS A 1 118 ? 8.717   -2.502  6.544   1.00 31.43 ? 118 LYS A CE  1 
ATOM   931  N  NZ  . LYS A 1 118 ? 8.500   -3.383  7.744   1.00 29.50 ? 118 LYS A NZ  1 
ATOM   932  N  N   . GLU A 1 119 ? 14.737  -2.472  4.966   1.00 31.60 ? 119 GLU A N   1 
ATOM   933  C  CA  . GLU A 1 119 ? 15.893  -2.787  4.133   1.00 36.67 ? 119 GLU A CA  1 
ATOM   934  C  C   . GLU A 1 119 ? 15.548  -2.771  2.653   1.00 38.50 ? 119 GLU A C   1 
ATOM   935  O  O   . GLU A 1 119 ? 16.228  -2.129  1.846   1.00 38.71 ? 119 GLU A O   1 
ATOM   936  C  CB  . GLU A 1 119 ? 16.425  -4.177  4.455   1.00 35.98 ? 119 GLU A CB  1 
ATOM   937  C  CG  . GLU A 1 119 ? 17.784  -4.432  3.832   1.00 38.03 ? 119 GLU A CG  1 
ATOM   938  C  CD  . GLU A 1 119 ? 18.181  -5.879  3.984   1.00 39.53 ? 119 GLU A CD  1 
ATOM   939  O  OE1 . GLU A 1 119 ? 19.331  -6.236  3.656   1.00 45.77 ? 119 GLU A OE1 1 
ATOM   940  O  OE2 . GLU A 1 119 ? 17.320  -6.669  4.412   1.00 42.52 ? 119 GLU A OE2 1 
ATOM   941  N  N   . LYS A 1 120 ? 14.542  -3.551  2.274   1.00 33.46 ? 120 LYS A N   1 
ATOM   942  C  CA  . LYS A 1 120 ? 14.206  -3.801  0.878   1.00 31.15 ? 120 LYS A CA  1 
ATOM   943  C  C   . LYS A 1 120 ? 12.693  -3.828  0.775   1.00 34.16 ? 120 LYS A C   1 
ATOM   944  O  O   . LYS A 1 120 ? 12.047  -4.538  1.553   1.00 32.78 ? 120 LYS A O   1 
ATOM   945  C  CB  . LYS A 1 120 ? 14.736  -5.155  0.385   1.00 33.32 ? 120 LYS A CB  1 
ATOM   946  C  CG  . LYS A 1 120 ? 16.230  -5.356  0.379   1.00 38.82 ? 120 LYS A CG  1 
ATOM   947  C  CD  . LYS A 1 120 ? 16.525  -6.799  -0.023  1.00 40.72 ? 120 LYS A CD  1 
ATOM   948  C  CE  . LYS A 1 120 ? 17.986  -7.174  0.195   1.00 46.66 ? 120 LYS A CE  1 
ATOM   949  N  NZ  . LYS A 1 120 ? 18.711  -7.296  -1.094  1.00 47.82 ? 120 LYS A NZ  1 
ATOM   950  N  N   . VAL A 1 121 ? 12.131  -3.086  -0.181  1.00 31.23 ? 121 VAL A N   1 
ATOM   951  C  CA  . VAL A 1 121 ? 10.698  -3.106  -0.438  1.00 27.18 ? 121 VAL A CA  1 
ATOM   952  C  C   . VAL A 1 121 ? 10.471  -3.238  -1.934  1.00 30.22 ? 121 VAL A C   1 
ATOM   953  O  O   . VAL A 1 121 ? 11.091  -2.530  -2.733  1.00 32.13 ? 121 VAL A O   1 
ATOM   954  C  CB  . VAL A 1 121 ? 9.988   -1.845  0.107   1.00 29.17 ? 121 VAL A CB  1 
ATOM   955  C  CG1 . VAL A 1 121 ? 8.523   -1.879  -0.280  1.00 32.02 ? 121 VAL A CG1 1 
ATOM   956  C  CG2 . VAL A 1 121 ? 10.112  -1.758  1.620   1.00 32.11 ? 121 VAL A CG2 1 
ATOM   957  N  N   . TYR A 1 122 ? 9.603   -4.164  -2.308  1.00 29.47 ? 122 TYR A N   1 
ATOM   958  C  CA  . TYR A 1 122 ? 9.116   -4.291  -3.667  1.00 29.98 ? 122 TYR A CA  1 
ATOM   959  C  C   . TYR A 1 122 ? 7.638   -3.948  -3.663  1.00 31.60 ? 122 TYR A C   1 
ATOM   960  O  O   . TYR A 1 122 ? 6.872   -4.545  -2.907  1.00 27.85 ? 122 TYR A O   1 
ATOM   961  C  CB  . TYR A 1 122 ? 9.333   -5.713  -4.175  1.00 25.86 ? 122 TYR A CB  1 
ATOM   962  C  CG  . TYR A 1 122 ? 8.643   -6.050  -5.473  1.00 31.54 ? 122 TYR A CG  1 
ATOM   963  C  CD1 . TYR A 1 122 ? 9.153   -5.619  -6.693  1.00 34.89 ? 122 TYR A CD1 1 
ATOM   964  C  CD2 . TYR A 1 122 ? 7.499   -6.843  -5.478  1.00 34.98 ? 122 TYR A CD2 1 
ATOM   965  C  CE1 . TYR A 1 122 ? 8.530   -5.965  -7.885  1.00 34.92 ? 122 TYR A CE1 1 
ATOM   966  C  CE2 . TYR A 1 122 ? 6.870   -7.186  -6.655  1.00 36.48 ? 122 TYR A CE2 1 
ATOM   967  C  CZ  . TYR A 1 122 ? 7.385   -6.744  -7.855  1.00 39.44 ? 122 TYR A CZ  1 
ATOM   968  O  OH  . TYR A 1 122 ? 6.744   -7.103  -9.023  1.00 38.78 ? 122 TYR A OH  1 
ATOM   969  N  N   . LEU A 1 123 ? 7.246   -2.984  -4.493  1.00 29.02 ? 123 LEU A N   1 
ATOM   970  C  CA  A LEU A 1 123 ? 5.855   -2.574  -4.626  0.63 29.69 ? 123 LEU A CA  1 
ATOM   971  C  CA  B LEU A 1 123 ? 5.855   -2.559  -4.634  0.37 29.73 ? 123 LEU A CA  1 
ATOM   972  C  C   . LEU A 1 123 ? 5.424   -2.813  -6.067  1.00 33.85 ? 123 LEU A C   1 
ATOM   973  O  O   . LEU A 1 123 ? 6.038   -2.282  -7.000  1.00 33.16 ? 123 LEU A O   1 
ATOM   974  C  CB  A LEU A 1 123 ? 5.707   -1.106  -4.228  0.63 31.42 ? 123 LEU A CB  1 
ATOM   975  C  CB  B LEU A 1 123 ? 5.685   -1.078  -4.302  0.37 31.43 ? 123 LEU A CB  1 
ATOM   976  C  CG  A LEU A 1 123 ? 4.332   -0.477  -4.102  0.63 28.65 ? 123 LEU A CG  1 
ATOM   977  C  CG  B LEU A 1 123 ? 6.278   -0.583  -2.997  0.37 31.12 ? 123 LEU A CG  1 
ATOM   978  C  CD1 A LEU A 1 123 ? 3.474   -1.217  -3.080  0.63 30.15 ? 123 LEU A CD1 1 
ATOM   979  C  CD1 B LEU A 1 123 ? 6.133   0.934   -2.891  0.37 33.18 ? 123 LEU A CD1 1 
ATOM   980  C  CD2 A LEU A 1 123 ? 4.558   0.964   -3.708  0.63 32.18 ? 123 LEU A CD2 1 
ATOM   981  C  CD2 B LEU A 1 123 ? 5.555   -1.266  -1.881  0.37 31.85 ? 123 LEU A CD2 1 
ATOM   982  N  N   . ALA A 1 124 ? 4.392   -3.629  -6.253  1.00 32.25 ? 124 ALA A N   1 
ATOM   983  C  CA  . ALA A 1 124 ? 3.931   -3.972  -7.599  1.00 35.88 ? 124 ALA A CA  1 
ATOM   984  C  C   . ALA A 1 124 ? 2.459   -3.630  -7.746  1.00 34.70 ? 124 ALA A C   1 
ATOM   985  O  O   . ALA A 1 124 ? 1.692   -3.733  -6.784  1.00 28.68 ? 124 ALA A O   1 
ATOM   986  C  CB  . ALA A 1 124 ? 4.135   -5.459  -7.930  1.00 35.73 ? 124 ALA A CB  1 
ATOM   987  N  N   . TRP A 1 125 ? 2.071   -3.222  -8.959  1.00 30.36 ? 125 TRP A N   1 
ATOM   988  C  CA  . TRP A 1 125 ? 0.672   -2.974  -9.302  1.00 29.88 ? 125 TRP A CA  1 
ATOM   989  C  C   . TRP A 1 125 ? 0.145   -4.125  -10.139 1.00 30.97 ? 125 TRP A C   1 
ATOM   990  O  O   . TRP A 1 125 ? 0.790   -4.537  -11.108 1.00 33.11 ? 125 TRP A O   1 
ATOM   991  C  CB  . TRP A 1 125 ? 0.483   -1.670  -10.098 1.00 29.61 ? 125 TRP A CB  1 
ATOM   992  C  CG  . TRP A 1 125 ? -0.949  -1.482  -10.616 1.00 29.76 ? 125 TRP A CG  1 
ATOM   993  C  CD1 . TRP A 1 125 ? -2.030  -1.031  -9.899  1.00 32.49 ? 125 TRP A CD1 1 
ATOM   994  C  CD2 . TRP A 1 125 ? -1.442  -1.761  -11.938 1.00 35.05 ? 125 TRP A CD2 1 
ATOM   995  N  NE1 . TRP A 1 125 ? -3.167  -1.023  -10.693 1.00 30.73 ? 125 TRP A NE1 1 
ATOM   996  C  CE2 . TRP A 1 125 ? -2.825  -1.457  -11.949 1.00 35.43 ? 125 TRP A CE2 1 
ATOM   997  C  CE3 . TRP A 1 125 ? -0.850  -2.244  -13.117 1.00 34.20 ? 125 TRP A CE3 1 
ATOM   998  C  CZ2 . TRP A 1 125 ? -3.619  -1.615  -13.092 1.00 38.31 ? 125 TRP A CZ2 1 
ATOM   999  C  CZ3 . TRP A 1 125 ? -1.644  -2.393  -14.248 1.00 39.53 ? 125 TRP A CZ3 1 
ATOM   1000 C  CH2 . TRP A 1 125 ? -3.010  -2.080  -14.228 1.00 40.40 ? 125 TRP A CH2 1 
ATOM   1001 N  N   . VAL A 1 126 ? -1.030  -4.625  -9.777  1.00 30.55 ? 126 VAL A N   1 
ATOM   1002 C  CA  . VAL A 1 126 ? -1.806  -5.541  -10.611 1.00 30.20 ? 126 VAL A CA  1 
ATOM   1003 C  C   . VAL A 1 126 ? -3.155  -4.886  -10.874 1.00 35.72 ? 126 VAL A C   1 
ATOM   1004 O  O   . VAL A 1 126 ? -3.655  -4.132  -10.021 1.00 33.21 ? 126 VAL A O   1 
ATOM   1005 C  CB  . VAL A 1 126 ? -1.995  -6.902  -9.923  1.00 33.44 ? 126 VAL A CB  1 
ATOM   1006 C  CG1 . VAL A 1 126 ? -0.660  -7.463  -9.561  1.00 38.11 ? 126 VAL A CG1 1 
ATOM   1007 C  CG2 . VAL A 1 126 ? -2.890  -6.754  -8.668  1.00 29.64 ? 126 VAL A CG2 1 
ATOM   1008 N  N   . PRO A 1 127 ? -3.791  -5.128  -12.014 1.00 36.86 ? 127 PRO A N   1 
ATOM   1009 C  CA  . PRO A 1 127 ? -5.183  -4.705  -12.149 1.00 37.51 ? 127 PRO A CA  1 
ATOM   1010 C  C   . PRO A 1 127 ? -6.066  -5.544  -11.240 1.00 36.14 ? 127 PRO A C   1 
ATOM   1011 O  O   . PRO A 1 127 ? -5.813  -6.734  -11.017 1.00 36.94 ? 127 PRO A O   1 
ATOM   1012 C  CB  . PRO A 1 127 ? -5.482  -4.949  -13.629 1.00 38.88 ? 127 PRO A CB  1 
ATOM   1013 C  CG  . PRO A 1 127 ? -4.609  -6.114  -13.982 1.00 41.93 ? 127 PRO A CG  1 
ATOM   1014 C  CD  . PRO A 1 127 ? -3.353  -5.965  -13.152 1.00 39.50 ? 127 PRO A CD  1 
ATOM   1015 N  N   . ALA A 1 128 ? -7.080  -4.896  -10.667 1.00 34.95 ? 128 ALA A N   1 
ATOM   1016 C  CA  . ALA A 1 128 ? -8.115  -5.618  -9.947  1.00 34.98 ? 128 ALA A CA  1 
ATOM   1017 C  C   . ALA A 1 128 ? -8.687  -6.692  -10.859 1.00 37.23 ? 128 ALA A C   1 
ATOM   1018 O  O   . ALA A 1 128 ? -8.853  -6.473  -12.064 1.00 39.89 ? 128 ALA A O   1 
ATOM   1019 C  CB  . ALA A 1 128 ? -9.210  -4.651  -9.501  1.00 41.64 ? 128 ALA A CB  1 
ATOM   1020 N  N   . HIS A 1 129 ? -8.950  -7.869  -10.298 1.00 38.26 ? 129 HIS A N   1 
ATOM   1021 C  CA  . HIS A 1 129 ? -9.326  -9.007  -11.128 1.00 42.52 ? 129 HIS A CA  1 
ATOM   1022 C  C   . HIS A 1 129 ? -10.019 -10.061 -10.281 1.00 43.60 ? 129 HIS A C   1 
ATOM   1023 O  O   . HIS A 1 129 ? -10.053 -9.987  -9.049  1.00 42.79 ? 129 HIS A O   1 
ATOM   1024 C  CB  . HIS A 1 129 ? -8.099  -9.587  -11.831 1.00 39.90 ? 129 HIS A CB  1 
ATOM   1025 C  CG  . HIS A 1 129 ? -7.023  -10.008 -10.884 1.00 38.26 ? 129 HIS A CG  1 
ATOM   1026 N  ND1 . HIS A 1 129 ? -6.033  -9.145  -10.468 1.00 33.45 ? 129 HIS A ND1 1 
ATOM   1027 C  CD2 . HIS A 1 129 ? -6.777  -11.189 -10.271 1.00 34.02 ? 129 HIS A CD2 1 
ATOM   1028 C  CE1 . HIS A 1 129 ? -5.228  -9.769  -9.628  1.00 33.31 ? 129 HIS A CE1 1 
ATOM   1029 N  NE2 . HIS A 1 129 ? -5.653  -11.015 -9.501  1.00 34.28 ? 129 HIS A NE2 1 
ATOM   1030 N  N   . LYS A 1 130 ? -10.555 -11.061 -10.972 1.00 45.27 ? 130 LYS A N   1 
ATOM   1031 C  CA  . LYS A 1 130 ? -11.354 -12.100 -10.354 1.00 49.88 ? 130 LYS A CA  1 
ATOM   1032 C  C   . LYS A 1 130 ? -10.581 -13.411 -10.341 1.00 48.16 ? 130 LYS A C   1 
ATOM   1033 O  O   . LYS A 1 130 ? -9.698  -13.647 -11.174 1.00 51.75 ? 130 LYS A O   1 
ATOM   1034 C  CB  . LYS A 1 130 ? -12.696 -12.260 -11.081 1.00 56.30 ? 130 LYS A CB  1 
ATOM   1035 C  CG  . LYS A 1 130 ? -13.541 -10.968 -11.128 1.00 57.02 ? 130 LYS A CG  1 
ATOM   1036 C  CD  . LYS A 1 130 ? -13.571 -10.210 -9.784  1.00 55.39 ? 130 LYS A CD  1 
ATOM   1037 C  CE  . LYS A 1 130 ? -13.932 -8.725  -9.948  1.00 54.73 ? 130 LYS A CE  1 
ATOM   1038 N  NZ  . LYS A 1 130 ? -13.106 -7.989  -10.963 1.00 48.82 ? 130 LYS A NZ  1 
ATOM   1039 N  N   . GLY A 1 131 ? -10.914 -14.250 -9.381  1.00 47.22 ? 131 GLY A N   1 
ATOM   1040 C  CA  . GLY A 1 131 ? -10.170 -15.466 -9.138  1.00 46.42 ? 131 GLY A CA  1 
ATOM   1041 C  C   . GLY A 1 131 ? -10.149 -15.769 -7.654  1.00 47.38 ? 131 GLY A C   1 
ATOM   1042 O  O   . GLY A 1 131 ? -10.911 -15.197 -6.870  1.00 54.54 ? 131 GLY A O   1 
ATOM   1043 N  N   . ILE A 1 132 ? -9.253  -16.685 -7.282  1.00 44.44 ? 132 ILE A N   1 
ATOM   1044 C  CA  . ILE A 1 132 ? -9.131  -17.140 -5.899  1.00 49.82 ? 132 ILE A CA  1 
ATOM   1045 C  C   . ILE A 1 132 ? -7.889  -16.583 -5.200  1.00 44.44 ? 132 ILE A C   1 
ATOM   1046 O  O   . ILE A 1 132 ? -7.793  -16.681 -3.962  1.00 44.03 ? 132 ILE A O   1 
ATOM   1047 C  CB  . ILE A 1 132 ? -9.192  -18.688 -5.820  1.00 49.13 ? 132 ILE A CB  1 
ATOM   1048 C  CG1 . ILE A 1 132 ? -10.650 -19.144 -5.640  1.00 52.06 ? 132 ILE A CG1 1 
ATOM   1049 C  CG2 . ILE A 1 132 ? -8.299  -19.304 -4.748  1.00 53.28 ? 132 ILE A CG2 1 
ATOM   1050 C  CD1 . ILE A 1 132 ? -10.894 -20.652 -5.852  1.00 56.69 ? 132 ILE A CD1 1 
ATOM   1051 N  N   . GLY A 1 133 ? -6.998  -15.903 -5.929  1.00 44.46 ? 133 GLY A N   1 
ATOM   1052 C  CA  . GLY A 1 133 ? -5.716  -15.445 -5.409  1.00 39.86 ? 133 GLY A CA  1 
ATOM   1053 C  C   . GLY A 1 133 ? -5.705  -14.296 -4.406  1.00 43.49 ? 133 GLY A C   1 
ATOM   1054 O  O   . GLY A 1 133 ? -6.749  -13.932 -3.829  1.00 41.08 ? 133 GLY A O   1 
ATOM   1055 N  N   . GLY A 1 134 ? -4.518  -13.717 -4.192  1.00 35.04 ? 134 GLY A N   1 
ATOM   1056 C  CA  . GLY A 1 134 ? -4.327  -12.812 -3.062  1.00 31.14 ? 134 GLY A CA  1 
ATOM   1057 C  C   . GLY A 1 134 ? -5.113  -11.518 -3.180  1.00 32.54 ? 134 GLY A C   1 
ATOM   1058 O  O   . GLY A 1 134 ? -5.806  -11.108 -2.239  1.00 32.84 ? 134 GLY A O   1 
ATOM   1059 N  N   . ASN A 1 135 ? -4.973  -10.830 -4.317  1.00 35.36 ? 135 ASN A N   1 
ATOM   1060 C  CA  . ASN A 1 135 ? -5.713  -9.583  -4.520  1.00 32.53 ? 135 ASN A CA  1 
ATOM   1061 C  C   . ASN A 1 135 ? -7.224  -9.802  -4.387  1.00 37.87 ? 135 ASN A C   1 
ATOM   1062 O  O   . ASN A 1 135 ? -7.927  -8.986  -3.770  1.00 34.56 ? 135 ASN A O   1 
ATOM   1063 C  CB  . ASN A 1 135 ? -5.369  -9.002  -5.892  1.00 31.78 ? 135 ASN A CB  1 
ATOM   1064 C  CG  . ASN A 1 135 ? -6.149  -7.730  -6.202  1.00 35.55 ? 135 ASN A CG  1 
ATOM   1065 O  OD1 . ASN A 1 135 ? -7.097  -7.742  -7.004  1.00 36.64 ? 135 ASN A OD1 1 
ATOM   1066 N  ND2 . ASN A 1 135 ? -5.737  -6.618  -5.586  1.00 32.75 ? 135 ASN A ND2 1 
ATOM   1067 N  N   . GLU A 1 136 ? -7.749  -10.895 -4.968  1.00 34.10 ? 136 GLU A N   1 
ATOM   1068 C  CA  . GLU A 1 136 ? -9.180  -11.170 -4.838  1.00 34.81 ? 136 GLU A CA  1 
ATOM   1069 C  C   . GLU A 1 136 ? -9.588  -11.421 -3.392  1.00 37.63 ? 136 GLU A C   1 
ATOM   1070 O  O   . GLU A 1 136 ? -10.657 -10.972 -2.962  1.00 35.27 ? 136 GLU A O   1 
ATOM   1071 C  CB  . GLU A 1 136 ? -9.637  -12.330 -5.745  1.00 40.08 ? 136 GLU A CB  1 
ATOM   1072 C  CG  . GLU A 1 136 ? -9.098  -12.457 -7.218  1.00 42.28 ? 136 GLU A CG  1 
ATOM   1073 C  CD  . GLU A 1 136 ? -7.670  -12.994 -7.478  1.00 40.98 ? 136 GLU A CD  1 
ATOM   1074 O  OE1 . GLU A 1 136 ? -6.692  -12.678 -6.771  1.00 31.48 ? 136 GLU A OE1 1 
ATOM   1075 O  OE2 . GLU A 1 136 ? -7.556  -13.780 -8.451  1.00 40.13 ? 136 GLU A OE2 1 
ATOM   1076 N  N   . GLN A 1 137 ? -8.748  -12.119 -2.622  1.00 37.03 ? 137 GLN A N   1 
ATOM   1077 C  CA  . GLN A 1 137 ? -9.071  -12.390 -1.224  1.00 35.34 ? 137 GLN A CA  1 
ATOM   1078 C  C   . GLN A 1 137 ? -9.245  -11.101 -0.427  1.00 38.31 ? 137 GLN A C   1 
ATOM   1079 O  O   . GLN A 1 137 ? -10.257 -10.913 0.261   1.00 37.34 ? 137 GLN A O   1 
ATOM   1080 C  CB  . GLN A 1 137 ? -7.962  -13.221 -0.604  1.00 37.21 ? 137 GLN A CB  1 
ATOM   1081 C  CG  . GLN A 1 137 ? -8.295  -14.673 -0.485  1.00 46.46 ? 137 GLN A CG  1 
ATOM   1082 C  CD  . GLN A 1 137 ? -7.049  -15.490 -0.357  1.00 48.75 ? 137 GLN A CD  1 
ATOM   1083 O  OE1 . GLN A 1 137 ? -6.418  -15.848 -1.350  1.00 51.83 ? 137 GLN A OE1 1 
ATOM   1084 N  NE2 . GLN A 1 137 ? -6.656  -15.757 0.878   1.00 50.80 ? 137 GLN A NE2 1 
ATOM   1085 N  N   . VAL A 1 138 ? -8.237  -10.220 -0.474  1.00 33.27 ? 138 VAL A N   1 
ATOM   1086 C  CA  . VAL A 1 138 ? -8.290  -8.971  0.287   1.00 35.40 ? 138 VAL A CA  1 
ATOM   1087 C  C   . VAL A 1 138 ? -9.354  -8.034  -0.283  1.00 34.57 ? 138 VAL A C   1 
ATOM   1088 O  O   . VAL A 1 138 ? -9.967  -7.252  0.463   1.00 35.78 ? 138 VAL A O   1 
ATOM   1089 C  CB  . VAL A 1 138 ? -6.891  -8.308  0.338   1.00 32.67 ? 138 VAL A CB  1 
ATOM   1090 C  CG1 . VAL A 1 138 ? -6.402  -7.853  -1.064  1.00 30.28 ? 138 VAL A CG1 1 
ATOM   1091 C  CG2 . VAL A 1 138 ? -6.861  -7.130  1.338   1.00 31.92 ? 138 VAL A CG2 1 
ATOM   1092 N  N   . ASP A 1 139 ? -9.597  -8.087  -1.599  1.00 34.05 ? 139 ASP A N   1 
ATOM   1093 C  CA  . ASP A 1 139 ? -10.675 -7.285  -2.175  1.00 34.46 ? 139 ASP A CA  1 
ATOM   1094 C  C   . ASP A 1 139 ? -12.005 -7.601  -1.506  1.00 40.15 ? 139 ASP A C   1 
ATOM   1095 O  O   . ASP A 1 139 ? -12.768 -6.690  -1.166  1.00 38.16 ? 139 ASP A O   1 
ATOM   1096 C  CB  . ASP A 1 139 ? -10.802 -7.517  -3.679  1.00 37.91 ? 139 ASP A CB  1 
ATOM   1097 C  CG  . ASP A 1 139 ? -12.052 -6.862  -4.245  1.00 46.33 ? 139 ASP A CG  1 
ATOM   1098 O  OD1 . ASP A 1 139 ? -12.075 -5.623  -4.259  1.00 45.36 ? 139 ASP A OD1 1 
ATOM   1099 O  OD2 . ASP A 1 139 ? -13.030 -7.559  -4.614  1.00 53.88 ? 139 ASP A OD2 1 
ATOM   1100 N  N   . LYS A 1 140 ? -12.300 -8.894  -1.317  1.00 36.84 ? 140 LYS A N   1 
ATOM   1101 C  CA  . LYS A 1 140 ? -13.558 -9.295  -0.681  1.00 39.86 ? 140 LYS A CA  1 
ATOM   1102 C  C   . LYS A 1 140 ? -13.635 -8.781  0.750   1.00 39.24 ? 140 LYS A C   1 
ATOM   1103 O  O   . LYS A 1 140 ? -14.695 -8.322  1.196   1.00 41.35 ? 140 LYS A O   1 
ATOM   1104 C  CB  . LYS A 1 140 ? -13.698 -10.823 -0.710  1.00 38.10 ? 140 LYS A CB  1 
ATOM   1105 C  CG  . LYS A 1 140 ? -15.083 -11.372 -0.297  1.00 48.28 ? 140 LYS A CG  1 
ATOM   1106 C  CD  . LYS A 1 140 ? -15.276 -11.462 1.235   1.00 50.61 ? 140 LYS A CD  1 
ATOM   1107 C  CE  . LYS A 1 140 ? -16.756 -11.603 1.641   1.00 54.75 ? 140 LYS A CE  1 
ATOM   1108 N  NZ  . LYS A 1 140 ? -17.433 -12.735 0.932   1.00 56.21 ? 140 LYS A NZ  1 
ATOM   1109 N  N   . LEU A 1 141 ? -12.524 -8.864  1.485   1.00 37.09 ? 141 LEU A N   1 
ATOM   1110 C  CA  . LEU A 1 141 ? -12.523 -8.504  2.901   1.00 38.17 ? 141 LEU A CA  1 
ATOM   1111 C  C   . LEU A 1 141 ? -12.812 -7.021  3.099   1.00 39.79 ? 141 LEU A C   1 
ATOM   1112 O  O   . LEU A 1 141 ? -13.629 -6.646  3.951   1.00 37.32 ? 141 LEU A O   1 
ATOM   1113 C  CB  . LEU A 1 141 ? -11.179 -8.874  3.532   1.00 38.76 ? 141 LEU A CB  1 
ATOM   1114 C  CG  . LEU A 1 141 ? -10.961 -10.346 3.864   1.00 40.92 ? 141 LEU A CG  1 
ATOM   1115 C  CD1 . LEU A 1 141 ? -9.558  -10.530 4.410   1.00 44.72 ? 141 LEU A CD1 1 
ATOM   1116 C  CD2 . LEU A 1 141 ? -12.001 -10.818 4.875   1.00 40.62 ? 141 LEU A CD2 1 
ATOM   1117 N  N   . VAL A 1 142 ? -12.147 -6.158  2.328   1.00 34.77 ? 142 VAL A N   1 
ATOM   1118 C  CA  . VAL A 1 142 ? -12.363 -4.724  2.500   1.00 37.38 ? 142 VAL A CA  1 
ATOM   1119 C  C   . VAL A 1 142 ? -13.630 -4.244  1.795   1.00 40.22 ? 142 VAL A C   1 
ATOM   1120 O  O   . VAL A 1 142 ? -14.177 -3.199  2.173   1.00 39.11 ? 142 VAL A O   1 
ATOM   1121 C  CB  . VAL A 1 142 ? -11.136 -3.901  2.041   1.00 36.49 ? 142 VAL A CB  1 
ATOM   1122 C  CG1 . VAL A 1 142 ? -9.893  -4.215  2.914   1.00 31.99 ? 142 VAL A CG1 1 
ATOM   1123 C  CG2 . VAL A 1 142 ? -10.815 -4.117  0.545   1.00 34.73 ? 142 VAL A CG2 1 
ATOM   1124 N  N   . SER A 1 143 ? -14.125 -4.965  0.783   1.00 36.90 ? 143 SER A N   1 
ATOM   1125 C  CA  . SER A 1 143 ? -15.325 -4.510  0.083   1.00 39.62 ? 143 SER A CA  1 
ATOM   1126 C  C   . SER A 1 143 ? -16.602 -4.880  0.818   1.00 41.34 ? 143 SER A C   1 
ATOM   1127 O  O   . SER A 1 143 ? -17.654 -4.282  0.554   1.00 38.22 ? 143 SER A O   1 
ATOM   1128 C  CB  . SER A 1 143 ? -15.387 -5.093  -1.332  1.00 46.87 ? 143 SER A CB  1 
ATOM   1129 O  OG  . SER A 1 143 ? -14.341 -4.603  -2.156  1.00 43.31 ? 143 SER A OG  1 
ATOM   1130 N  N   . ALA A 1 144 ? -16.531 -5.856  1.717   1.00 42.10 ? 144 ALA A N   1 
ATOM   1131 C  CA  . ALA A 1 144 ? -17.711 -6.315  2.437   1.00 44.17 ? 144 ALA A CA  1 
ATOM   1132 C  C   . ALA A 1 144 ? -18.371 -5.154  3.180   1.00 41.26 ? 144 ALA A C   1 
ATOM   1133 O  O   . ALA A 1 144 ? -17.768 -4.535  4.068   1.00 39.65 ? 144 ALA A O   1 
ATOM   1134 C  CB  . ALA A 1 144 ? -17.315 -7.434  3.403   1.00 42.76 ? 144 ALA A CB  1 
ATOM   1135 N  N   . GLY A 1 145 ? -19.605 -4.837  2.795   1.00 39.18 ? 145 GLY A N   1 
ATOM   1136 C  CA  . GLY A 1 145 ? -20.341 -3.758  3.415   1.00 39.18 ? 145 GLY A CA  1 
ATOM   1137 C  C   . GLY A 1 145 ? -19.954 -2.368  2.962   1.00 39.58 ? 145 GLY A C   1 
ATOM   1138 O  O   . GLY A 1 145 ? -20.477 -1.393  3.510   1.00 34.22 ? 145 GLY A O   1 
ATOM   1139 N  N   . ILE A 1 146 ? -19.045 -2.254  1.997   1.00 36.42 ? 146 ILE A N   1 
ATOM   1140 C  CA  . ILE A 1 146 ? -18.601 -0.976  1.459   1.00 37.09 ? 146 ILE A CA  1 
ATOM   1141 C  C   . ILE A 1 146 ? -19.041 -0.796  0.011   1.00 39.52 ? 146 ILE A C   1 
ATOM   1142 O  O   . ILE A 1 146 ? -19.450 0.299   -0.385  1.00 36.80 ? 146 ILE A O   1 
ATOM   1143 C  CB  . ILE A 1 146 ? -17.066 -0.842  1.586   1.00 33.96 ? 146 ILE A CB  1 
ATOM   1144 C  CG1 . ILE A 1 146 ? -16.623 -0.987  3.045   1.00 38.80 ? 146 ILE A CG1 1 
ATOM   1145 C  CG2 . ILE A 1 146 ? -16.582 0.484   0.974   1.00 36.96 ? 146 ILE A CG2 1 
ATOM   1146 C  CD1 . ILE A 1 146 ? -17.227 0.095   3.981   1.00 39.85 ? 146 ILE A CD1 1 
ATOM   1147 N  N   . ARG A 1 147 ? -18.955 -1.855  -0.795  1.00 41.69 ? 147 ARG A N   1 
ATOM   1148 C  CA  . ARG A 1 147 ? -19.422 -1.802  -2.171  1.00 45.20 ? 147 ARG A CA  1 
ATOM   1149 C  C   . ARG A 1 147 ? -19.773 -3.217  -2.627  1.00 47.73 ? 147 ARG A C   1 
ATOM   1150 O  O   . ARG A 1 147 ? -19.250 -4.207  -2.098  1.00 44.31 ? 147 ARG A O   1 
ATOM   1151 C  CB  . ARG A 1 147 ? -18.378 -1.165  -3.109  1.00 38.84 ? 147 ARG A CB  1 
ATOM   1152 C  CG  . ARG A 1 147 ? -17.199 -2.059  -3.447  1.00 44.99 ? 147 ARG A CG  1 
ATOM   1153 C  CD  . ARG A 1 147 ? -15.950 -1.256  -3.806  1.00 50.27 ? 147 ARG A CD  1 
ATOM   1154 N  NE  . ARG A 1 147 ? -14.736 -2.071  -3.804  1.00 52.15 ? 147 ARG A NE  1 
ATOM   1155 C  CZ  . ARG A 1 147 ? -13.503 -1.581  -3.883  1.00 53.18 ? 147 ARG A CZ  1 
ATOM   1156 N  NH1 . ARG A 1 147 ? -13.281 -0.276  -3.987  1.00 50.51 ? 147 ARG A NH1 1 
ATOM   1157 N  NH2 . ARG A 1 147 ? -12.465 -2.417  -3.826  1.00 45.71 ? 147 ARG A NH2 1 
ATOM   1158 N  N   . LYS A 1 148 ? -20.686 -3.297  -3.596  1.00 48.39 ? 148 LYS A N   1 
ATOM   1159 C  CA  . LYS A 1 148 ? -21.046 -4.578  -4.189  1.00 50.57 ? 148 LYS A CA  1 
ATOM   1160 C  C   . LYS A 1 148 ? -19.843 -5.191  -4.900  1.00 61.39 ? 148 LYS A C   1 
ATOM   1161 O  O   . LYS A 1 148 ? -19.211 -4.541  -5.743  1.00 59.96 ? 148 LYS A O   1 
ATOM   1162 C  CB  . LYS A 1 148 ? -22.202 -4.402  -5.177  1.00 52.39 ? 148 LYS A CB  1 
ATOM   1163 C  CG  . LYS A 1 148 ? -23.586 -4.653  -4.580  1.00 60.03 ? 148 LYS A CG  1 
ATOM   1164 C  CD  . LYS A 1 148 ? -24.674 -4.559  -5.649  1.00 59.72 ? 148 LYS A CD  1 
ATOM   1165 C  CE  . LYS A 1 148 ? -25.585 -3.361  -5.420  1.00 59.21 ? 148 LYS A CE  1 
ATOM   1166 N  NZ  . LYS A 1 148 ? -26.058 -3.277  -4.005  1.00 50.46 ? 148 LYS A NZ  1 
ATOM   1167 N  N   . VAL A 1 149 ? -19.528 -6.442  -4.554  1.00 64.80 ? 149 VAL A N   1 
ATOM   1168 C  CA  . VAL A 1 149 ? -18.476 -7.200  -5.243  1.00 66.63 ? 149 VAL A CA  1 
ATOM   1169 C  C   . VAL A 1 149 ? -19.039 -7.910  -6.475  1.00 68.90 ? 149 VAL A C   1 
ATOM   1170 O  O   . VAL A 1 149 ? -18.811 -7.455  -7.600  1.00 66.46 ? 149 VAL A O   1 
ATOM   1171 C  CB  . VAL A 1 149 ? -17.785 -8.209  -4.296  1.00 66.27 ? 149 VAL A CB  1 
ATOM   1172 C  CG1 . VAL A 1 149 ? -16.812 -7.490  -3.391  1.00 59.31 ? 149 VAL A CG1 1 
ATOM   1173 C  CG2 . VAL A 1 149 ? -18.820 -8.983  -3.459  1.00 64.10 ? 149 VAL A CG2 1 
HETATM 1174 MN MN  . MN  B 2 .   ? -10.731 -4.134  -4.375  1.00 55.92 ? 201 MN  A MN  1 
HETATM 1175 MN MN  . MN  C 2 .   ? -7.893  -1.665  -4.655  1.00 27.39 ? 202 MN  A MN  1 
HETATM 1176 ZN ZN  . ZN  D 3 .   ? -16.306 11.117  10.490  1.00 34.25 ? 203 ZN  A ZN  1 
HETATM 1177 ZN ZN  . ZN  E 3 .   ? 17.380  -8.605  4.464   1.00 41.01 ? 204 ZN  A ZN  1 
HETATM 1178 C  CAA . E9B F 4 .   ? -11.067 -2.878  -7.158  1.00 54.91 ? 205 E9B A CAA 1 
HETATM 1179 C  CAB . E9B F 4 .   ? -11.252 -1.534  -7.073  1.00 57.16 ? 205 E9B A CAB 1 
HETATM 1180 C  CAC . E9B F 4 .   ? -10.536 -0.993  -6.071  1.00 57.27 ? 205 E9B A CAC 1 
HETATM 1181 C  CAD . E9B F 4 .   ? -10.437 0.272   -5.671  1.00 64.65 ? 205 E9B A CAD 1 
HETATM 1182 C  CAE . E9B F 4 .   ? -9.999  2.572   -6.279  1.00 72.37 ? 205 E9B A CAE 1 
HETATM 1183 C  CAF . E9B F 4 .   ? -8.357  3.469   -6.930  1.00 71.14 ? 205 E9B A CAF 1 
HETATM 1184 C  CAG . E9B F 4 .   ? -7.571  3.741   -7.942  1.00 61.12 ? 205 E9B A CAG 1 
HETATM 1185 C  CAH . E9B F 4 .   ? -6.361  4.622   -7.969  1.00 49.71 ? 205 E9B A CAH 1 
HETATM 1186 C  CAI . E9B F 4 .   ? -5.989  4.500   -9.295  1.00 44.58 ? 205 E9B A CAI 1 
HETATM 1187 C  CAJ . E9B F 4 .   ? -6.648  3.527   -10.053 1.00 54.40 ? 205 E9B A CAJ 1 
HETATM 1188 C  CAK . E9B F 4 .   ? -6.364  3.315   -11.392 1.00 53.48 ? 205 E9B A CAK 1 
HETATM 1189 C  CAL . E9B F 4 .   ? -5.379  4.097   -11.980 1.00 53.09 ? 205 E9B A CAL 1 
HETATM 1190 C  CAM . E9B F 4 .   ? -4.689  5.054   -11.228 1.00 54.65 ? 205 E9B A CAM 1 
HETATM 1191 C  CAN . E9B F 4 .   ? -4.983  5.241   -9.875  1.00 47.38 ? 205 E9B A CAN 1 
HETATM 1192 C  CAU . E9B F 4 .   ? -10.228 -3.333  -6.206  1.00 51.56 ? 205 E9B A CAU 1 
HETATM 1193 N  NAO . E9B F 4 .   ? -9.472  3.174   -5.198  1.00 61.27 ? 205 E9B A NAO 1 
HETATM 1194 N  NAP . E9B F 4 .   ? -8.382  3.847   -5.648  1.00 57.13 ? 205 E9B A NAP 1 
HETATM 1195 N  NAV . E9B F 4 .   ? -9.747  -4.549  -5.917  1.00 44.47 ? 205 E9B A NAV 1 
HETATM 1196 O  OAS . E9B F 4 .   ? -9.928  0.520   -4.572  1.00 58.41 ? 205 E9B A OAS 1 
HETATM 1197 O  OAT . E9B F 4 .   ? -9.302  2.719   -7.201  1.00 81.71 ? 205 E9B A OAT 1 
HETATM 1198 O  OAW . E9B F 4 .   ? -9.157  -4.571  -5.162  1.00 26.89 ? 205 E9B A OAW 1 
HETATM 1199 O  OAX . E9B F 4 .   ? -9.989  -5.811  -6.754  1.00 50.24 ? 205 E9B A OAX 1 
HETATM 1200 S  SAQ . E9B F 4 .   ? -9.705  -2.098  -5.334  1.00 52.01 ? 205 E9B A SAQ 1 
HETATM 1201 S  SAR . E9B F 4 .   ? -11.319 1.462   -6.545  1.00 79.32 ? 205 E9B A SAR 1 
HETATM 1202 ZN ZN  . ZN  G 3 .   ? 4.874   9.137   11.793  1.00 48.09 ? 206 ZN  A ZN  1 
HETATM 1203 O  O   . HOH H 5 .   ? -3.402  -0.686  -1.889  1.00 31.37 ? 301 HOH A O   1 
HETATM 1204 O  O   . HOH H 5 .   ? -7.934  10.991  -1.392  1.00 34.46 ? 302 HOH A O   1 
HETATM 1205 O  O   . HOH H 5 .   ? -14.501 -7.162  6.346   1.00 39.66 ? 303 HOH A O   1 
HETATM 1206 O  O   . HOH H 5 .   ? -4.741  -2.638  -3.678  1.00 31.52 ? 304 HOH A O   1 
HETATM 1207 O  O   . HOH H 5 .   ? 9.068   -1.826  -6.240  1.00 35.63 ? 305 HOH A O   1 
HETATM 1208 O  O   . HOH H 5 .   ? 4.039   -2.911  -10.997 1.00 35.65 ? 306 HOH A O   1 
HETATM 1209 O  O   . HOH H 5 .   ? 7.359   -9.665  6.806   1.00 37.58 ? 307 HOH A O   1 
HETATM 1210 O  O   . HOH H 5 .   ? -3.720  -6.931  -3.587  1.00 30.29 ? 308 HOH A O   1 
HETATM 1211 O  O   . HOH H 5 .   ? 14.386  -1.636  -1.788  1.00 37.18 ? 309 HOH A O   1 
HETATM 1212 O  O   . HOH H 5 .   ? 13.724  1.880   0.887   1.00 52.05 ? 310 HOH A O   1 
HETATM 1213 O  O   . HOH H 5 .   ? -17.612 12.074  6.578   1.00 36.25 ? 311 HOH A O   1 
HETATM 1214 O  O   . HOH H 5 .   ? -3.281  12.548  4.316   1.00 38.28 ? 312 HOH A O   1 
HETATM 1215 O  O   . HOH H 5 .   ? -18.125 10.225  9.756   1.00 20.98 ? 313 HOH A O   1 
HETATM 1216 O  O   . HOH H 5 .   ? -2.943  15.492  4.269   1.00 34.61 ? 314 HOH A O   1 
HETATM 1217 O  O   . HOH H 5 .   ? -10.454 8.554   -4.258  1.00 41.33 ? 315 HOH A O   1 
HETATM 1218 O  O   . HOH H 5 .   ? 17.699  -9.619  2.465   1.00 34.31 ? 316 HOH A O   1 
# 
loop_
_pdbx_poly_seq_scheme.asym_id 
_pdbx_poly_seq_scheme.entity_id 
_pdbx_poly_seq_scheme.seq_id 
_pdbx_poly_seq_scheme.mon_id 
_pdbx_poly_seq_scheme.ndb_seq_num 
_pdbx_poly_seq_scheme.pdb_seq_num 
_pdbx_poly_seq_scheme.auth_seq_num 
_pdbx_poly_seq_scheme.pdb_mon_id 
_pdbx_poly_seq_scheme.auth_mon_id 
_pdbx_poly_seq_scheme.pdb_strand_id 
_pdbx_poly_seq_scheme.pdb_ins_code 
_pdbx_poly_seq_scheme.hetero 
A 1 1   GLY 1   1   1   GLY GLY A . n 
A 1 2   PRO 2   2   2   PRO PRO A . n 
A 1 3   GLY 3   3   3   GLY GLY A . n 
A 1 4   GLY 4   4   4   GLY GLY A . n 
A 1 5   SER 5   5   5   SER SER A . n 
A 1 6   MET 6   6   6   MET MET A . n 
A 1 7   TYR 7   7   7   TYR TYR A . n 
A 1 8   GLN 8   8   8   GLN GLN A . n 
A 1 9   LEU 9   9   9   LEU LEU A . n 
A 1 10  GLU 10  10  10  GLU GLU A . n 
A 1 11  LYS 11  11  11  LYS LYS A . n 
A 1 12  GLU 12  12  12  GLU GLU A . n 
A 1 13  PRO 13  13  13  PRO PRO A . n 
A 1 14  ILE 14  14  14  ILE ILE A . n 
A 1 15  VAL 15  15  15  VAL VAL A . n 
A 1 16  GLY 16  16  16  GLY GLY A . n 
A 1 17  ALA 17  17  17  ALA ALA A . n 
A 1 18  GLU 18  18  18  GLU GLU A . n 
A 1 19  THR 19  19  19  THR THR A . n 
A 1 20  PHE 20  20  20  PHE PHE A . n 
A 1 21  TYR 21  21  21  TYR TYR A . n 
A 1 22  VAL 22  22  22  VAL VAL A . n 
A 1 23  ASP 23  23  23  ASP ASP A . n 
A 1 24  GLY 24  24  24  GLY GLY A . n 
A 1 25  ALA 25  25  25  ALA ALA A . n 
A 1 26  ALA 26  26  26  ALA ALA A . n 
A 1 27  ASN 27  27  27  ASN ASN A . n 
A 1 28  ARG 28  28  28  ARG ARG A . n 
A 1 29  GLU 29  29  29  GLU GLU A . n 
A 1 30  THR 30  30  30  THR THR A . n 
A 1 31  LYS 31  31  31  LYS LYS A . n 
A 1 32  LEU 32  32  32  LEU LEU A . n 
A 1 33  GLY 33  33  33  GLY GLY A . n 
A 1 34  LYS 34  34  34  LYS LYS A . n 
A 1 35  ALA 35  35  35  ALA ALA A . n 
A 1 36  GLY 36  36  36  GLY GLY A . n 
A 1 37  TYR 37  37  37  TYR TYR A . n 
A 1 38  VAL 38  38  38  VAL VAL A . n 
A 1 39  THR 39  39  39  THR THR A . n 
A 1 40  ASN 40  40  40  ASN ASN A . n 
A 1 41  ARG 41  41  41  ARG ARG A . n 
A 1 42  GLY 42  42  42  GLY GLY A . n 
A 1 43  ARG 43  43  43  ARG ARG A . n 
A 1 44  GLN 44  44  44  GLN GLN A . n 
A 1 45  LYS 45  45  45  LYS LYS A . n 
A 1 46  VAL 46  46  46  VAL VAL A . n 
A 1 47  VAL 47  47  47  VAL VAL A . n 
A 1 48  THR 48  48  48  THR THR A . n 
A 1 49  LEU 49  49  49  LEU LEU A . n 
A 1 50  THR 50  50  50  THR THR A . n 
A 1 51  ASP 51  51  51  ASP ASP A . n 
A 1 52  THR 52  52  52  THR THR A . n 
A 1 53  THR 53  53  53  THR THR A . n 
A 1 54  ASN 54  54  54  ASN ASN A . n 
A 1 55  GLN 55  55  55  GLN GLN A . n 
A 1 56  LYS 56  56  56  LYS LYS A . n 
A 1 57  THR 57  57  57  THR THR A . n 
A 1 58  GLU 58  58  58  GLU GLU A . n 
A 1 59  LEU 59  59  59  LEU LEU A . n 
A 1 60  GLN 60  60  60  GLN GLN A . n 
A 1 61  ALA 61  61  61  ALA ALA A . n 
A 1 62  ILE 62  62  62  ILE ILE A . n 
A 1 63  TYR 63  63  63  TYR TYR A . n 
A 1 64  LEU 64  64  64  LEU LEU A . n 
A 1 65  ALA 65  65  65  ALA ALA A . n 
A 1 66  LEU 66  66  66  LEU LEU A . n 
A 1 67  GLN 67  67  67  GLN GLN A . n 
A 1 68  ASP 68  68  68  ASP ASP A . n 
A 1 69  SER 69  69  69  SER SER A . n 
A 1 70  GLY 70  70  70  GLY GLY A . n 
A 1 71  LEU 71  71  71  LEU LEU A . n 
A 1 72  GLU 72  72  72  GLU GLU A . n 
A 1 73  VAL 73  73  73  VAL VAL A . n 
A 1 74  ASN 74  74  74  ASN ASN A . n 
A 1 75  ILE 75  75  75  ILE ILE A . n 
A 1 76  VAL 76  76  76  VAL VAL A . n 
A 1 77  THR 77  77  77  THR THR A . n 
A 1 78  ASP 78  78  78  ASP ASP A . n 
A 1 79  SER 79  79  79  SER SER A . n 
A 1 80  GLN 80  80  80  GLN GLN A . n 
A 1 81  TYR 81  81  81  TYR TYR A . n 
A 1 82  ALA 82  82  82  ALA ALA A . n 
A 1 83  LEU 83  83  83  LEU LEU A . n 
A 1 84  GLY 84  84  84  GLY GLY A . n 
A 1 85  ILE 85  85  85  ILE ILE A . n 
A 1 86  ILE 86  86  86  ILE ILE A . n 
A 1 87  THR 87  87  87  THR THR A . n 
A 1 88  GLN 88  88  88  GLN GLN A . n 
A 1 89  TRP 89  89  89  TRP TRP A . n 
A 1 90  ILE 90  90  90  ILE ILE A . n 
A 1 91  HIS 91  91  91  HIS HIS A . n 
A 1 92  ASN 92  92  92  ASN ASN A . n 
A 1 93  TRP 93  93  93  TRP TRP A . n 
A 1 94  LYS 94  94  94  LYS LYS A . n 
A 1 95  LYS 95  95  95  LYS LYS A . n 
A 1 96  ARG 96  96  96  ARG ARG A . n 
A 1 97  GLY 97  97  97  GLY GLY A . n 
A 1 98  TRP 98  98  98  TRP TRP A . n 
A 1 99  LYS 99  99  99  LYS LYS A . n 
A 1 100 THR 100 100 100 THR THR A . n 
A 1 101 PRO 101 101 101 PRO PRO A . n 
A 1 102 VAL 102 102 102 VAL VAL A . n 
A 1 103 LYS 103 103 103 LYS LYS A . n 
A 1 104 ASN 104 104 104 ASN ASN A . n 
A 1 105 VAL 105 105 105 VAL VAL A . n 
A 1 106 ASP 106 106 106 ASP ASP A . n 
A 1 107 LEU 107 107 107 LEU LEU A . n 
A 1 108 VAL 108 108 108 VAL VAL A . n 
A 1 109 ASN 109 109 109 ASN ASN A . n 
A 1 110 GLN 110 110 110 GLN GLN A . n 
A 1 111 ILE 111 111 111 ILE ILE A . n 
A 1 112 ILE 112 112 112 ILE ILE A . n 
A 1 113 GLU 113 113 113 GLU GLU A . n 
A 1 114 GLN 114 114 114 GLN GLN A . n 
A 1 115 LEU 115 115 115 LEU LEU A . n 
A 1 116 ILE 116 116 116 ILE ILE A . n 
A 1 117 LYS 117 117 117 LYS LYS A . n 
A 1 118 LYS 118 118 118 LYS LYS A . n 
A 1 119 GLU 119 119 119 GLU GLU A . n 
A 1 120 LYS 120 120 120 LYS LYS A . n 
A 1 121 VAL 121 121 121 VAL VAL A . n 
A 1 122 TYR 122 122 122 TYR TYR A . n 
A 1 123 LEU 123 123 123 LEU LEU A . n 
A 1 124 ALA 124 124 124 ALA ALA A . n 
A 1 125 TRP 125 125 125 TRP TRP A . n 
A 1 126 VAL 126 126 126 VAL VAL A . n 
A 1 127 PRO 127 127 127 PRO PRO A . n 
A 1 128 ALA 128 128 128 ALA ALA A . n 
A 1 129 HIS 129 129 129 HIS HIS A . n 
A 1 130 LYS 130 130 130 LYS LYS A . n 
A 1 131 GLY 131 131 131 GLY GLY A . n 
A 1 132 ILE 132 132 132 ILE ILE A . n 
A 1 133 GLY 133 133 133 GLY GLY A . n 
A 1 134 GLY 134 134 134 GLY GLY A . n 
A 1 135 ASN 135 135 135 ASN ASN A . n 
A 1 136 GLU 136 136 136 GLU GLU A . n 
A 1 137 GLN 137 137 137 GLN GLN A . n 
A 1 138 VAL 138 138 138 VAL VAL A . n 
A 1 139 ASP 139 139 139 ASP ASP A . n 
A 1 140 LYS 140 140 140 LYS LYS A . n 
A 1 141 LEU 141 141 141 LEU LEU A . n 
A 1 142 VAL 142 142 142 VAL VAL A . n 
A 1 143 SER 143 143 143 SER SER A . n 
A 1 144 ALA 144 144 144 ALA ALA A . n 
A 1 145 GLY 145 145 145 GLY GLY A . n 
A 1 146 ILE 146 146 146 ILE ILE A . n 
A 1 147 ARG 147 147 147 ARG ARG A . n 
A 1 148 LYS 148 148 148 LYS LYS A . n 
A 1 149 VAL 149 149 149 VAL VAL A . n 
A 1 150 LEU 150 150 ?   ?   ?   A . n 
A 1 151 PHE 151 151 ?   ?   ?   A . n 
# 
_pdbx_contact_author.id                 2 
_pdbx_contact_author.email              hoshino@chiba-u.jp 
_pdbx_contact_author.name_first         Tyuji 
_pdbx_contact_author.name_last          Hoshino 
_pdbx_contact_author.name_mi            ? 
_pdbx_contact_author.role               'principal investigator/group leader' 
_pdbx_contact_author.identifier_ORCID   0000-0003-4705-4412 
# 
loop_
_pdbx_nonpoly_scheme.asym_id 
_pdbx_nonpoly_scheme.entity_id 
_pdbx_nonpoly_scheme.mon_id 
_pdbx_nonpoly_scheme.ndb_seq_num 
_pdbx_nonpoly_scheme.pdb_seq_num 
_pdbx_nonpoly_scheme.auth_seq_num 
_pdbx_nonpoly_scheme.pdb_mon_id 
_pdbx_nonpoly_scheme.auth_mon_id 
_pdbx_nonpoly_scheme.pdb_strand_id 
_pdbx_nonpoly_scheme.pdb_ins_code 
B 2 MN  1  201 1   MN  MN  A . 
C 2 MN  1  202 2   MN  MN  A . 
D 3 ZN  1  203 3   ZN  ZN  A . 
E 3 ZN  1  204 4   ZN  ZN  A . 
F 4 E9B 1  205 201 E9B DRG A . 
G 3 ZN  1  206 1   ZN  ZN  A . 
H 5 HOH 1  301 11  HOH HOH A . 
H 5 HOH 2  302 12  HOH HOH A . 
H 5 HOH 3  303 2   HOH HOH A . 
H 5 HOH 4  304 6   HOH HOH A . 
H 5 HOH 5  305 9   HOH HOH A . 
H 5 HOH 6  306 13  HOH HOH A . 
H 5 HOH 7  307 7   HOH HOH A . 
H 5 HOH 8  308 1   HOH HOH A . 
H 5 HOH 9  309 4   HOH HOH A . 
H 5 HOH 10 310 17  HOH HOH A . 
H 5 HOH 11 311 10  HOH HOH A . 
H 5 HOH 12 312 42  HOH HOH A . 
H 5 HOH 13 313 19  HOH HOH A . 
H 5 HOH 14 314 22  HOH HOH A . 
H 5 HOH 15 315 14  HOH HOH A . 
H 5 HOH 16 316 41  HOH HOH A . 
# 
_pdbx_struct_assembly.id                   1 
_pdbx_struct_assembly.details              author_and_software_defined_assembly 
_pdbx_struct_assembly.method_details       PISA 
_pdbx_struct_assembly.oligomeric_details   monomeric 
_pdbx_struct_assembly.oligomeric_count     1 
# 
_pdbx_struct_assembly_gen.assembly_id       1 
_pdbx_struct_assembly_gen.oper_expression   1 
_pdbx_struct_assembly_gen.asym_id_list      A,B,C,D,E,F,G,H 
# 
loop_
_pdbx_struct_assembly_prop.biol_id 
_pdbx_struct_assembly_prop.type 
_pdbx_struct_assembly_prop.value 
_pdbx_struct_assembly_prop.details 
1 'ABSA (A^2)' 160  ? 
1 MORE         -45  ? 
1 'SSA (A^2)'  8270 ? 
# 
_pdbx_struct_oper_list.id                   1 
_pdbx_struct_oper_list.type                 'identity operation' 
_pdbx_struct_oper_list.name                 1_555 
_pdbx_struct_oper_list.symmetry_operation   x,y,z 
_pdbx_struct_oper_list.matrix[1][1]         1.0000000000 
_pdbx_struct_oper_list.matrix[1][2]         0.0000000000 
_pdbx_struct_oper_list.matrix[1][3]         0.0000000000 
_pdbx_struct_oper_list.vector[1]            0.0000000000 
_pdbx_struct_oper_list.matrix[2][1]         0.0000000000 
_pdbx_struct_oper_list.matrix[2][2]         1.0000000000 
_pdbx_struct_oper_list.matrix[2][3]         0.0000000000 
_pdbx_struct_oper_list.vector[2]            0.0000000000 
_pdbx_struct_oper_list.matrix[3][1]         0.0000000000 
_pdbx_struct_oper_list.matrix[3][2]         0.0000000000 
_pdbx_struct_oper_list.matrix[3][3]         1.0000000000 
_pdbx_struct_oper_list.vector[3]            0.0000000000 
# 
loop_
_pdbx_struct_conn_angle.id 
_pdbx_struct_conn_angle.ptnr1_label_atom_id 
_pdbx_struct_conn_angle.ptnr1_label_alt_id 
_pdbx_struct_conn_angle.ptnr1_label_asym_id 
_pdbx_struct_conn_angle.ptnr1_label_comp_id 
_pdbx_struct_conn_angle.ptnr1_label_seq_id 
_pdbx_struct_conn_angle.ptnr1_auth_atom_id 
_pdbx_struct_conn_angle.ptnr1_auth_asym_id 
_pdbx_struct_conn_angle.ptnr1_auth_comp_id 
_pdbx_struct_conn_angle.ptnr1_auth_seq_id 
_pdbx_struct_conn_angle.ptnr1_PDB_ins_code 
_pdbx_struct_conn_angle.ptnr1_symmetry 
_pdbx_struct_conn_angle.ptnr2_label_atom_id 
_pdbx_struct_conn_angle.ptnr2_label_alt_id 
_pdbx_struct_conn_angle.ptnr2_label_asym_id 
_pdbx_struct_conn_angle.ptnr2_label_comp_id 
_pdbx_struct_conn_angle.ptnr2_label_seq_id 
_pdbx_struct_conn_angle.ptnr2_auth_atom_id 
_pdbx_struct_conn_angle.ptnr2_auth_asym_id 
_pdbx_struct_conn_angle.ptnr2_auth_comp_id 
_pdbx_struct_conn_angle.ptnr2_auth_seq_id 
_pdbx_struct_conn_angle.ptnr2_PDB_ins_code 
_pdbx_struct_conn_angle.ptnr2_symmetry 
_pdbx_struct_conn_angle.ptnr3_label_atom_id 
_pdbx_struct_conn_angle.ptnr3_label_alt_id 
_pdbx_struct_conn_angle.ptnr3_label_asym_id 
_pdbx_struct_conn_angle.ptnr3_label_comp_id 
_pdbx_struct_conn_angle.ptnr3_label_seq_id 
_pdbx_struct_conn_angle.ptnr3_auth_atom_id 
_pdbx_struct_conn_angle.ptnr3_auth_asym_id 
_pdbx_struct_conn_angle.ptnr3_auth_comp_id 
_pdbx_struct_conn_angle.ptnr3_auth_seq_id 
_pdbx_struct_conn_angle.ptnr3_PDB_ins_code 
_pdbx_struct_conn_angle.ptnr3_symmetry 
_pdbx_struct_conn_angle.value 
_pdbx_struct_conn_angle.value_esd 
1  OD2 ? A ASP 23  ? A ASP 23  ? 1_555 MN ? B MN . ? A MN 201 ? 1_555 OD1 ? A ASP 139 ? A ASP 139 ? 1_555 107.9 ? 
2  OD2 ? A ASP 23  ? A ASP 23  ? 1_555 MN ? B MN . ? A MN 201 ? 1_555 NH2 ? A ARG 147 ? A ARG 147 ? 1_555 121.0 ? 
3  OD1 ? A ASP 139 ? A ASP 139 ? 1_555 MN ? B MN . ? A MN 201 ? 1_555 NH2 ? A ARG 147 ? A ARG 147 ? 1_555 91.9  ? 
4  OD2 ? A ASP 23  ? A ASP 23  ? 1_555 MN ? B MN . ? A MN 201 ? 1_555 SAQ ? F E9B .   ? A E9B 205 ? 1_555 96.3  ? 
5  OD1 ? A ASP 139 ? A ASP 139 ? 1_555 MN ? B MN . ? A MN 201 ? 1_555 SAQ ? F E9B .   ? A E9B 205 ? 1_555 155.5 ? 
6  NH2 ? A ARG 147 ? A ARG 147 ? 1_555 MN ? B MN . ? A MN 201 ? 1_555 SAQ ? F E9B .   ? A E9B 205 ? 1_555 78.9  ? 
7  OD2 ? A ASP 23  ? A ASP 23  ? 1_555 MN ? B MN . ? A MN 201 ? 1_555 NAV ? F E9B .   ? A E9B 205 ? 1_555 95.2  ? 
8  OD1 ? A ASP 139 ? A ASP 139 ? 1_555 MN ? B MN . ? A MN 201 ? 1_555 NAV ? F E9B .   ? A E9B 205 ? 1_555 103.5 ? 
9  NH2 ? A ARG 147 ? A ARG 147 ? 1_555 MN ? B MN . ? A MN 201 ? 1_555 NAV ? F E9B .   ? A E9B 205 ? 1_555 134.1 ? 
10 SAQ ? F E9B .   ? A E9B 205 ? 1_555 MN ? B MN . ? A MN 201 ? 1_555 NAV ? F E9B .   ? A E9B 205 ? 1_555 69.2  ? 
11 OD2 ? A ASP 23  ? A ASP 23  ? 1_555 MN ? B MN . ? A MN 201 ? 1_555 OAW ? F E9B .   ? A E9B 205 ? 1_555 65.5  ? 
12 OD1 ? A ASP 139 ? A ASP 139 ? 1_555 MN ? B MN . ? A MN 201 ? 1_555 OAW ? F E9B .   ? A E9B 205 ? 1_555 115.3 ? 
13 NH2 ? A ARG 147 ? A ARG 147 ? 1_555 MN ? B MN . ? A MN 201 ? 1_555 OAW ? F E9B .   ? A E9B 205 ? 1_555 149.6 ? 
14 SAQ ? F E9B .   ? A E9B 205 ? 1_555 MN ? B MN . ? A MN 201 ? 1_555 OAW ? F E9B .   ? A E9B 205 ? 1_555 70.7  ? 
15 NAV ? F E9B .   ? A E9B 205 ? 1_555 MN ? B MN . ? A MN 201 ? 1_555 OAW ? F E9B .   ? A E9B 205 ? 1_555 30.1  ? 
16 OD1 ? A ASP 23  ? A ASP 23  ? 1_555 MN ? C MN . ? A MN 202 ? 1_555 OE2 ? A GLU 58  ? A GLU 58  ? 1_555 106.0 ? 
17 OD1 ? A ASP 23  ? A ASP 23  ? 1_555 MN ? C MN . ? A MN 202 ? 1_555 OD1 ? A ASP 78  ? A ASP 78  ? 1_555 117.8 ? 
18 OE2 ? A GLU 58  ? A GLU 58  ? 1_555 MN ? C MN . ? A MN 202 ? 1_555 OD1 ? A ASP 78  ? A ASP 78  ? 1_555 104.2 ? 
19 OD1 ? A ASP 51  ? A ASP 51  ? 1_555 ZN ? D ZN . ? A ZN 203 ? 1_555 OD2 ? A ASP 51  ? A ASP 51  ? 1_555 56.4  ? 
20 OD1 ? A ASP 51  ? A ASP 51  ? 1_555 ZN ? D ZN . ? A ZN 203 ? 1_555 NE2 ? A HIS 129 ? A HIS 129 ? 1_555 51.8  ? 
21 OD2 ? A ASP 51  ? A ASP 51  ? 1_555 ZN ? D ZN . ? A ZN 203 ? 1_555 NE2 ? A HIS 129 ? A HIS 129 ? 1_555 57.2  ? 
22 OD1 ? A ASP 51  ? A ASP 51  ? 1_555 ZN ? D ZN . ? A ZN 203 ? 1_555 OE1 ? A GLU 136 ? A GLU 136 ? 1_555 57.8  ? 
23 OD2 ? A ASP 51  ? A ASP 51  ? 1_555 ZN ? D ZN . ? A ZN 203 ? 1_555 OE1 ? A GLU 136 ? A GLU 136 ? 1_555 59.3  ? 
24 NE2 ? A HIS 129 ? A HIS 129 ? 1_555 ZN ? D ZN . ? A ZN 203 ? 1_555 OE1 ? A GLU 136 ? A GLU 136 ? 1_555 6.0   ? 
25 OD1 ? A ASP 51  ? A ASP 51  ? 1_555 ZN ? D ZN . ? A ZN 203 ? 1_555 O   ? H HOH .   ? A HOH 313 ? 1_555 94.4  ? 
26 OD2 ? A ASP 51  ? A ASP 51  ? 1_555 ZN ? D ZN . ? A ZN 203 ? 1_555 O   ? H HOH .   ? A HOH 313 ? 1_555 134.4 ? 
27 NE2 ? A HIS 129 ? A HIS 129 ? 1_555 ZN ? D ZN . ? A ZN 203 ? 1_555 O   ? H HOH .   ? A HOH 313 ? 1_555 77.3  ? 
28 OE1 ? A GLU 136 ? A GLU 136 ? 1_555 ZN ? D ZN . ? A ZN 203 ? 1_555 O   ? H HOH .   ? A HOH 313 ? 1_555 75.8  ? 
29 OE2 ? A GLU 72  ? A GLU 72  ? 1_555 ZN ? E ZN . ? A ZN 204 ? 1_555 OE2 ? A GLU 119 ? A GLU 119 ? 1_555 105.9 ? 
30 OE2 ? A GLU 72  ? A GLU 72  ? 1_555 ZN ? E ZN . ? A ZN 204 ? 1_555 O   ? H HOH .   ? A HOH 316 ? 1_555 111.9 ? 
31 OE2 ? A GLU 119 ? A GLU 119 ? 1_555 ZN ? E ZN . ? A ZN 204 ? 1_555 O   ? H HOH .   ? A HOH 316 ? 1_555 115.4 ? 
32 OD1 ? A ASP 106 ? A ASP 106 ? 1_555 ZN ? G ZN . ? A ZN 206 ? 7_555 OD2 ? A ASP 106 ? A ASP 106 ? 1_555 56.1  ? 
33 OD1 ? A ASP 106 ? A ASP 106 ? 1_555 ZN ? G ZN . ? A ZN 206 ? 7_555 OE1 ? A GLN 110 ? A GLN 110 ? 1_555 48.4  ? 
34 OD2 ? A ASP 106 ? A ASP 106 ? 1_555 ZN ? G ZN . ? A ZN 206 ? 7_555 OE1 ? A GLN 110 ? A GLN 110 ? 1_555 38.6  ? 
35 OD1 ? A ASP 106 ? A ASP 106 ? 1_555 ZN ? G ZN . ? A ZN 206 ? 7_555 OE1 ? A GLU 113 ? A GLU 113 ? 1_555 63.4  ? 
36 OD2 ? A ASP 106 ? A ASP 106 ? 1_555 ZN ? G ZN . ? A ZN 206 ? 7_555 OE1 ? A GLU 113 ? A GLU 113 ? 1_555 41.4  ? 
37 OE1 ? A GLN 110 ? A GLN 110 ? 1_555 ZN ? G ZN . ? A ZN 206 ? 7_555 OE1 ? A GLU 113 ? A GLU 113 ? 1_555 15.1  ? 
# 
loop_
_pdbx_audit_revision_history.ordinal 
_pdbx_audit_revision_history.data_content_type 
_pdbx_audit_revision_history.major_revision 
_pdbx_audit_revision_history.minor_revision 
_pdbx_audit_revision_history.revision_date 
1 'Structure model' 1 0 2022-04-27 
2 'Structure model' 1 1 2022-10-19 
3 'Structure model' 1 2 2023-01-11 
4 'Structure model' 1 3 2023-11-29 
# 
_pdbx_audit_revision_details.ordinal             1 
_pdbx_audit_revision_details.revision_ordinal    1 
_pdbx_audit_revision_details.data_content_type   'Structure model' 
_pdbx_audit_revision_details.provider            repository 
_pdbx_audit_revision_details.type                'Initial release' 
_pdbx_audit_revision_details.description         ? 
_pdbx_audit_revision_details.details             ? 
# 
loop_
_pdbx_audit_revision_group.ordinal 
_pdbx_audit_revision_group.revision_ordinal 
_pdbx_audit_revision_group.data_content_type 
_pdbx_audit_revision_group.group 
1 2 'Structure model' 'Database references'    
2 3 'Structure model' 'Database references'    
3 4 'Structure model' 'Data collection'        
4 4 'Structure model' 'Refinement description' 
# 
loop_
_pdbx_audit_revision_category.ordinal 
_pdbx_audit_revision_category.revision_ordinal 
_pdbx_audit_revision_category.data_content_type 
_pdbx_audit_revision_category.category 
1 2 'Structure model' citation                      
2 2 'Structure model' citation_author               
3 3 'Structure model' citation                      
4 3 'Structure model' citation_author               
5 4 'Structure model' chem_comp_atom                
6 4 'Structure model' chem_comp_bond                
7 4 'Structure model' pdbx_initial_refinement_model 
# 
loop_
_pdbx_audit_revision_item.ordinal 
_pdbx_audit_revision_item.revision_ordinal 
_pdbx_audit_revision_item.data_content_type 
_pdbx_audit_revision_item.item 
1  2 'Structure model' '_citation.country'                 
2  2 'Structure model' '_citation.journal_abbrev'          
3  2 'Structure model' '_citation.journal_id_CSD'          
4  2 'Structure model' '_citation.journal_id_ISSN'         
5  2 'Structure model' '_citation.pdbx_database_id_DOI'    
6  2 'Structure model' '_citation.pdbx_database_id_PubMed' 
7  2 'Structure model' '_citation.title'                   
8  2 'Structure model' '_citation.year'                    
9  2 'Structure model' '_citation_author.identifier_ORCID' 
10 3 'Structure model' '_citation.journal_volume'          
11 3 'Structure model' '_citation.page_first'              
12 3 'Structure model' '_citation.page_last'               
13 3 'Structure model' '_citation_author.identifier_ORCID' 
# 
loop_
_software.citation_id 
_software.classification 
_software.compiler_name 
_software.compiler_version 
_software.contact_author 
_software.contact_author_email 
_software.date 
_software.description 
_software.dependencies 
_software.hardware 
_software.language 
_software.location 
_software.mods 
_software.name 
_software.os 
_software.os_version 
_software.type 
_software.version 
_software.pdbx_ordinal 
? refinement        ? ? ? ? ? ? ? ? ? ? ? PHENIX      ? ? ? 1.18   1 
? 'data reduction'  ? ? ? ? ? ? ? ? ? ? ? XDS         ? ? ? .      2 
? 'data scaling'    ? ? ? ? ? ? ? ? ? ? ? Aimless     ? ? ? 0.1.27 3 
? 'data extraction' ? ? ? ? ? ? ? ? ? ? ? PDB_EXTRACT ? ? ? 3.27   4 
? phasing           ? ? ? ? ? ? ? ? ? ? ? MOLREP      ? ? ? .      5 
# 
_pdbx_entry_details.entry_id                 7XJ4 
_pdbx_entry_details.has_ligand_of_interest   Y 
_pdbx_entry_details.compound_details         ? 
_pdbx_entry_details.source_details           ? 
_pdbx_entry_details.nonpolymer_details       ? 
_pdbx_entry_details.sequence_details         ? 
# 
loop_
_pdbx_validate_torsion.id 
_pdbx_validate_torsion.PDB_model_num 
_pdbx_validate_torsion.auth_comp_id 
_pdbx_validate_torsion.auth_asym_id 
_pdbx_validate_torsion.auth_seq_id 
_pdbx_validate_torsion.PDB_ins_code 
_pdbx_validate_torsion.label_alt_id 
_pdbx_validate_torsion.phi 
_pdbx_validate_torsion.psi 
1 1 PRO A 2  ? ? -58.94 109.84  
2 1 MET A 6  ? ? -40.23 -75.64  
3 1 TYR A 7  ? ? 36.93  123.65  
4 1 ASN A 92 ? ? -94.70 32.10   
5 1 LYS A 94 ? ? 57.49  -131.16 
6 1 LYS A 95 ? ? 63.21  109.90  
# 
loop_
_pdbx_unobs_or_zero_occ_residues.id 
_pdbx_unobs_or_zero_occ_residues.PDB_model_num 
_pdbx_unobs_or_zero_occ_residues.polymer_flag 
_pdbx_unobs_or_zero_occ_residues.occupancy_flag 
_pdbx_unobs_or_zero_occ_residues.auth_asym_id 
_pdbx_unobs_or_zero_occ_residues.auth_comp_id 
_pdbx_unobs_or_zero_occ_residues.auth_seq_id 
_pdbx_unobs_or_zero_occ_residues.PDB_ins_code 
_pdbx_unobs_or_zero_occ_residues.label_asym_id 
_pdbx_unobs_or_zero_occ_residues.label_comp_id 
_pdbx_unobs_or_zero_occ_residues.label_seq_id 
1 1 Y 1 A LEU 150 ? A LEU 150 
2 1 Y 1 A PHE 151 ? A PHE 151 
# 
loop_
_chem_comp_atom.comp_id 
_chem_comp_atom.atom_id 
_chem_comp_atom.type_symbol 
_chem_comp_atom.pdbx_aromatic_flag 
_chem_comp_atom.pdbx_stereo_config 
_chem_comp_atom.pdbx_ordinal 
ALA N    N  N N 1   
ALA CA   C  N S 2   
ALA C    C  N N 3   
ALA O    O  N N 4   
ALA CB   C  N N 5   
ALA OXT  O  N N 6   
ALA H    H  N N 7   
ALA H2   H  N N 8   
ALA HA   H  N N 9   
ALA HB1  H  N N 10  
ALA HB2  H  N N 11  
ALA HB3  H  N N 12  
ALA HXT  H  N N 13  
ARG N    N  N N 14  
ARG CA   C  N S 15  
ARG C    C  N N 16  
ARG O    O  N N 17  
ARG CB   C  N N 18  
ARG CG   C  N N 19  
ARG CD   C  N N 20  
ARG NE   N  N N 21  
ARG CZ   C  N N 22  
ARG NH1  N  N N 23  
ARG NH2  N  N N 24  
ARG OXT  O  N N 25  
ARG H    H  N N 26  
ARG H2   H  N N 27  
ARG HA   H  N N 28  
ARG HB2  H  N N 29  
ARG HB3  H  N N 30  
ARG HG2  H  N N 31  
ARG HG3  H  N N 32  
ARG HD2  H  N N 33  
ARG HD3  H  N N 34  
ARG HE   H  N N 35  
ARG HH11 H  N N 36  
ARG HH12 H  N N 37  
ARG HH21 H  N N 38  
ARG HH22 H  N N 39  
ARG HXT  H  N N 40  
ASN N    N  N N 41  
ASN CA   C  N S 42  
ASN C    C  N N 43  
ASN O    O  N N 44  
ASN CB   C  N N 45  
ASN CG   C  N N 46  
ASN OD1  O  N N 47  
ASN ND2  N  N N 48  
ASN OXT  O  N N 49  
ASN H    H  N N 50  
ASN H2   H  N N 51  
ASN HA   H  N N 52  
ASN HB2  H  N N 53  
ASN HB3  H  N N 54  
ASN HD21 H  N N 55  
ASN HD22 H  N N 56  
ASN HXT  H  N N 57  
ASP N    N  N N 58  
ASP CA   C  N S 59  
ASP C    C  N N 60  
ASP O    O  N N 61  
ASP CB   C  N N 62  
ASP CG   C  N N 63  
ASP OD1  O  N N 64  
ASP OD2  O  N N 65  
ASP OXT  O  N N 66  
ASP H    H  N N 67  
ASP H2   H  N N 68  
ASP HA   H  N N 69  
ASP HB2  H  N N 70  
ASP HB3  H  N N 71  
ASP HD2  H  N N 72  
ASP HXT  H  N N 73  
E9B CAA  C  Y N 74  
E9B CAB  C  Y N 75  
E9B CAC  C  Y N 76  
E9B CAD  C  N N 77  
E9B CAE  C  Y N 78  
E9B CAF  C  Y N 79  
E9B CAG  C  N N 80  
E9B CAH  C  N N 81  
E9B CAI  C  Y N 82  
E9B CAJ  C  Y N 83  
E9B CAK  C  Y N 84  
E9B CAL  C  Y N 85  
E9B CAM  C  Y N 86  
E9B CAN  C  Y N 87  
E9B CAU  C  Y N 88  
E9B NAO  N  Y N 89  
E9B NAP  N  Y N 90  
E9B NAV  N  N N 91  
E9B OAS  O  N N 92  
E9B OAT  O  Y N 93  
E9B OAW  O  N N 94  
E9B OAX  O  N N 95  
E9B SAQ  S  Y N 96  
E9B SAR  S  N N 97  
E9B H1   H  N N 98  
E9B H3   H  N N 99  
E9B H5   H  N N 100 
E9B H7   H  N N 101 
E9B H9   H  N N 102 
E9B H10  H  N N 103 
E9B H11  H  N N 104 
E9B H12  H  N N 105 
E9B H13  H  N N 106 
GLN N    N  N N 107 
GLN CA   C  N S 108 
GLN C    C  N N 109 
GLN O    O  N N 110 
GLN CB   C  N N 111 
GLN CG   C  N N 112 
GLN CD   C  N N 113 
GLN OE1  O  N N 114 
GLN NE2  N  N N 115 
GLN OXT  O  N N 116 
GLN H    H  N N 117 
GLN H2   H  N N 118 
GLN HA   H  N N 119 
GLN HB2  H  N N 120 
GLN HB3  H  N N 121 
GLN HG2  H  N N 122 
GLN HG3  H  N N 123 
GLN HE21 H  N N 124 
GLN HE22 H  N N 125 
GLN HXT  H  N N 126 
GLU N    N  N N 127 
GLU CA   C  N S 128 
GLU C    C  N N 129 
GLU O    O  N N 130 
GLU CB   C  N N 131 
GLU CG   C  N N 132 
GLU CD   C  N N 133 
GLU OE1  O  N N 134 
GLU OE2  O  N N 135 
GLU OXT  O  N N 136 
GLU H    H  N N 137 
GLU H2   H  N N 138 
GLU HA   H  N N 139 
GLU HB2  H  N N 140 
GLU HB3  H  N N 141 
GLU HG2  H  N N 142 
GLU HG3  H  N N 143 
GLU HE2  H  N N 144 
GLU HXT  H  N N 145 
GLY N    N  N N 146 
GLY CA   C  N N 147 
GLY C    C  N N 148 
GLY O    O  N N 149 
GLY OXT  O  N N 150 
GLY H    H  N N 151 
GLY H2   H  N N 152 
GLY HA2  H  N N 153 
GLY HA3  H  N N 154 
GLY HXT  H  N N 155 
HIS N    N  N N 156 
HIS CA   C  N S 157 
HIS C    C  N N 158 
HIS O    O  N N 159 
HIS CB   C  N N 160 
HIS CG   C  Y N 161 
HIS ND1  N  Y N 162 
HIS CD2  C  Y N 163 
HIS CE1  C  Y N 164 
HIS NE2  N  Y N 165 
HIS OXT  O  N N 166 
HIS H    H  N N 167 
HIS H2   H  N N 168 
HIS HA   H  N N 169 
HIS HB2  H  N N 170 
HIS HB3  H  N N 171 
HIS HD1  H  N N 172 
HIS HD2  H  N N 173 
HIS HE1  H  N N 174 
HIS HE2  H  N N 175 
HIS HXT  H  N N 176 
HOH O    O  N N 177 
HOH H1   H  N N 178 
HOH H2   H  N N 179 
ILE N    N  N N 180 
ILE CA   C  N S 181 
ILE C    C  N N 182 
ILE O    O  N N 183 
ILE CB   C  N S 184 
ILE CG1  C  N N 185 
ILE CG2  C  N N 186 
ILE CD1  C  N N 187 
ILE OXT  O  N N 188 
ILE H    H  N N 189 
ILE H2   H  N N 190 
ILE HA   H  N N 191 
ILE HB   H  N N 192 
ILE HG12 H  N N 193 
ILE HG13 H  N N 194 
ILE HG21 H  N N 195 
ILE HG22 H  N N 196 
ILE HG23 H  N N 197 
ILE HD11 H  N N 198 
ILE HD12 H  N N 199 
ILE HD13 H  N N 200 
ILE HXT  H  N N 201 
LEU N    N  N N 202 
LEU CA   C  N S 203 
LEU C    C  N N 204 
LEU O    O  N N 205 
LEU CB   C  N N 206 
LEU CG   C  N N 207 
LEU CD1  C  N N 208 
LEU CD2  C  N N 209 
LEU OXT  O  N N 210 
LEU H    H  N N 211 
LEU H2   H  N N 212 
LEU HA   H  N N 213 
LEU HB2  H  N N 214 
LEU HB3  H  N N 215 
LEU HG   H  N N 216 
LEU HD11 H  N N 217 
LEU HD12 H  N N 218 
LEU HD13 H  N N 219 
LEU HD21 H  N N 220 
LEU HD22 H  N N 221 
LEU HD23 H  N N 222 
LEU HXT  H  N N 223 
LYS N    N  N N 224 
LYS CA   C  N S 225 
LYS C    C  N N 226 
LYS O    O  N N 227 
LYS CB   C  N N 228 
LYS CG   C  N N 229 
LYS CD   C  N N 230 
LYS CE   C  N N 231 
LYS NZ   N  N N 232 
LYS OXT  O  N N 233 
LYS H    H  N N 234 
LYS H2   H  N N 235 
LYS HA   H  N N 236 
LYS HB2  H  N N 237 
LYS HB3  H  N N 238 
LYS HG2  H  N N 239 
LYS HG3  H  N N 240 
LYS HD2  H  N N 241 
LYS HD3  H  N N 242 
LYS HE2  H  N N 243 
LYS HE3  H  N N 244 
LYS HZ1  H  N N 245 
LYS HZ2  H  N N 246 
LYS HZ3  H  N N 247 
LYS HXT  H  N N 248 
MET N    N  N N 249 
MET CA   C  N S 250 
MET C    C  N N 251 
MET O    O  N N 252 
MET CB   C  N N 253 
MET CG   C  N N 254 
MET SD   S  N N 255 
MET CE   C  N N 256 
MET OXT  O  N N 257 
MET H    H  N N 258 
MET H2   H  N N 259 
MET HA   H  N N 260 
MET HB2  H  N N 261 
MET HB3  H  N N 262 
MET HG2  H  N N 263 
MET HG3  H  N N 264 
MET HE1  H  N N 265 
MET HE2  H  N N 266 
MET HE3  H  N N 267 
MET HXT  H  N N 268 
MN  MN   MN N N 269 
PHE N    N  N N 270 
PHE CA   C  N S 271 
PHE C    C  N N 272 
PHE O    O  N N 273 
PHE CB   C  N N 274 
PHE CG   C  Y N 275 
PHE CD1  C  Y N 276 
PHE CD2  C  Y N 277 
PHE CE1  C  Y N 278 
PHE CE2  C  Y N 279 
PHE CZ   C  Y N 280 
PHE OXT  O  N N 281 
PHE H    H  N N 282 
PHE H2   H  N N 283 
PHE HA   H  N N 284 
PHE HB2  H  N N 285 
PHE HB3  H  N N 286 
PHE HD1  H  N N 287 
PHE HD2  H  N N 288 
PHE HE1  H  N N 289 
PHE HE2  H  N N 290 
PHE HZ   H  N N 291 
PHE HXT  H  N N 292 
PRO N    N  N N 293 
PRO CA   C  N S 294 
PRO C    C  N N 295 
PRO O    O  N N 296 
PRO CB   C  N N 297 
PRO CG   C  N N 298 
PRO CD   C  N N 299 
PRO OXT  O  N N 300 
PRO H    H  N N 301 
PRO HA   H  N N 302 
PRO HB2  H  N N 303 
PRO HB3  H  N N 304 
PRO HG2  H  N N 305 
PRO HG3  H  N N 306 
PRO HD2  H  N N 307 
PRO HD3  H  N N 308 
PRO HXT  H  N N 309 
SER N    N  N N 310 
SER CA   C  N S 311 
SER C    C  N N 312 
SER O    O  N N 313 
SER CB   C  N N 314 
SER OG   O  N N 315 
SER OXT  O  N N 316 
SER H    H  N N 317 
SER H2   H  N N 318 
SER HA   H  N N 319 
SER HB2  H  N N 320 
SER HB3  H  N N 321 
SER HG   H  N N 322 
SER HXT  H  N N 323 
THR N    N  N N 324 
THR CA   C  N S 325 
THR C    C  N N 326 
THR O    O  N N 327 
THR CB   C  N R 328 
THR OG1  O  N N 329 
THR CG2  C  N N 330 
THR OXT  O  N N 331 
THR H    H  N N 332 
THR H2   H  N N 333 
THR HA   H  N N 334 
THR HB   H  N N 335 
THR HG1  H  N N 336 
THR HG21 H  N N 337 
THR HG22 H  N N 338 
THR HG23 H  N N 339 
THR HXT  H  N N 340 
TRP N    N  N N 341 
TRP CA   C  N S 342 
TRP C    C  N N 343 
TRP O    O  N N 344 
TRP CB   C  N N 345 
TRP CG   C  Y N 346 
TRP CD1  C  Y N 347 
TRP CD2  C  Y N 348 
TRP NE1  N  Y N 349 
TRP CE2  C  Y N 350 
TRP CE3  C  Y N 351 
TRP CZ2  C  Y N 352 
TRP CZ3  C  Y N 353 
TRP CH2  C  Y N 354 
TRP OXT  O  N N 355 
TRP H    H  N N 356 
TRP H2   H  N N 357 
TRP HA   H  N N 358 
TRP HB2  H  N N 359 
TRP HB3  H  N N 360 
TRP HD1  H  N N 361 
TRP HE1  H  N N 362 
TRP HE3  H  N N 363 
TRP HZ2  H  N N 364 
TRP HZ3  H  N N 365 
TRP HH2  H  N N 366 
TRP HXT  H  N N 367 
TYR N    N  N N 368 
TYR CA   C  N S 369 
TYR C    C  N N 370 
TYR O    O  N N 371 
TYR CB   C  N N 372 
TYR CG   C  Y N 373 
TYR CD1  C  Y N 374 
TYR CD2  C  Y N 375 
TYR CE1  C  Y N 376 
TYR CE2  C  Y N 377 
TYR CZ   C  Y N 378 
TYR OH   O  N N 379 
TYR OXT  O  N N 380 
TYR H    H  N N 381 
TYR H2   H  N N 382 
TYR HA   H  N N 383 
TYR HB2  H  N N 384 
TYR HB3  H  N N 385 
TYR HD1  H  N N 386 
TYR HD2  H  N N 387 
TYR HE1  H  N N 388 
TYR HE2  H  N N 389 
TYR HH   H  N N 390 
TYR HXT  H  N N 391 
VAL N    N  N N 392 
VAL CA   C  N S 393 
VAL C    C  N N 394 
VAL O    O  N N 395 
VAL CB   C  N N 396 
VAL CG1  C  N N 397 
VAL CG2  C  N N 398 
VAL OXT  O  N N 399 
VAL H    H  N N 400 
VAL H2   H  N N 401 
VAL HA   H  N N 402 
VAL HB   H  N N 403 
VAL HG11 H  N N 404 
VAL HG12 H  N N 405 
VAL HG13 H  N N 406 
VAL HG21 H  N N 407 
VAL HG22 H  N N 408 
VAL HG23 H  N N 409 
VAL HXT  H  N N 410 
ZN  ZN   ZN N N 411 
# 
loop_
_chem_comp_bond.comp_id 
_chem_comp_bond.atom_id_1 
_chem_comp_bond.atom_id_2 
_chem_comp_bond.value_order 
_chem_comp_bond.pdbx_aromatic_flag 
_chem_comp_bond.pdbx_stereo_config 
_chem_comp_bond.pdbx_ordinal 
ALA N   CA   sing N N 1   
ALA N   H    sing N N 2   
ALA N   H2   sing N N 3   
ALA CA  C    sing N N 4   
ALA CA  CB   sing N N 5   
ALA CA  HA   sing N N 6   
ALA C   O    doub N N 7   
ALA C   OXT  sing N N 8   
ALA CB  HB1  sing N N 9   
ALA CB  HB2  sing N N 10  
ALA CB  HB3  sing N N 11  
ALA OXT HXT  sing N N 12  
ARG N   CA   sing N N 13  
ARG N   H    sing N N 14  
ARG N   H2   sing N N 15  
ARG CA  C    sing N N 16  
ARG CA  CB   sing N N 17  
ARG CA  HA   sing N N 18  
ARG C   O    doub N N 19  
ARG C   OXT  sing N N 20  
ARG CB  CG   sing N N 21  
ARG CB  HB2  sing N N 22  
ARG CB  HB3  sing N N 23  
ARG CG  CD   sing N N 24  
ARG CG  HG2  sing N N 25  
ARG CG  HG3  sing N N 26  
ARG CD  NE   sing N N 27  
ARG CD  HD2  sing N N 28  
ARG CD  HD3  sing N N 29  
ARG NE  CZ   sing N N 30  
ARG NE  HE   sing N N 31  
ARG CZ  NH1  sing N N 32  
ARG CZ  NH2  doub N N 33  
ARG NH1 HH11 sing N N 34  
ARG NH1 HH12 sing N N 35  
ARG NH2 HH21 sing N N 36  
ARG NH2 HH22 sing N N 37  
ARG OXT HXT  sing N N 38  
ASN N   CA   sing N N 39  
ASN N   H    sing N N 40  
ASN N   H2   sing N N 41  
ASN CA  C    sing N N 42  
ASN CA  CB   sing N N 43  
ASN CA  HA   sing N N 44  
ASN C   O    doub N N 45  
ASN C   OXT  sing N N 46  
ASN CB  CG   sing N N 47  
ASN CB  HB2  sing N N 48  
ASN CB  HB3  sing N N 49  
ASN CG  OD1  doub N N 50  
ASN CG  ND2  sing N N 51  
ASN ND2 HD21 sing N N 52  
ASN ND2 HD22 sing N N 53  
ASN OXT HXT  sing N N 54  
ASP N   CA   sing N N 55  
ASP N   H    sing N N 56  
ASP N   H2   sing N N 57  
ASP CA  C    sing N N 58  
ASP CA  CB   sing N N 59  
ASP CA  HA   sing N N 60  
ASP C   O    doub N N 61  
ASP C   OXT  sing N N 62  
ASP CB  CG   sing N N 63  
ASP CB  HB2  sing N N 64  
ASP CB  HB3  sing N N 65  
ASP CG  OD1  doub N N 66  
ASP CG  OD2  sing N N 67  
ASP OD2 HD2  sing N N 68  
ASP OXT HXT  sing N N 69  
E9B CAA CAB  sing Y N 70  
E9B CAA CAU  doub Y N 71  
E9B CAB CAC  doub Y N 72  
E9B CAC CAD  sing N N 73  
E9B CAC SAQ  sing Y N 74  
E9B CAD OAS  doub N N 75  
E9B CAD SAR  sing N N 76  
E9B CAE NAO  doub Y N 77  
E9B CAE OAT  sing Y N 78  
E9B CAE SAR  sing N N 79  
E9B CAF CAG  sing N N 80  
E9B CAF NAP  doub Y N 81  
E9B CAF OAT  sing Y N 82  
E9B CAG CAH  doub N E 83  
E9B CAH CAI  sing N N 84  
E9B CAI CAJ  doub Y N 85  
E9B CAI CAN  sing Y N 86  
E9B CAJ CAK  sing Y N 87  
E9B CAK CAL  doub Y N 88  
E9B CAL CAM  sing Y N 89  
E9B CAM CAN  doub Y N 90  
E9B CAU NAV  sing N N 91  
E9B CAU SAQ  sing Y N 92  
E9B NAO NAP  sing Y N 93  
E9B NAV OAW  doub N N 94  
E9B NAV OAX  sing N N 95  
E9B CAA H1   sing N N 96  
E9B CAB H3   sing N N 97  
E9B CAG H5   sing N N 98  
E9B CAH H7   sing N N 99  
E9B CAJ H9   sing N N 100 
E9B CAK H10  sing N N 101 
E9B CAL H11  sing N N 102 
E9B CAM H12  sing N N 103 
E9B CAN H13  sing N N 104 
GLN N   CA   sing N N 105 
GLN N   H    sing N N 106 
GLN N   H2   sing N N 107 
GLN CA  C    sing N N 108 
GLN CA  CB   sing N N 109 
GLN CA  HA   sing N N 110 
GLN C   O    doub N N 111 
GLN C   OXT  sing N N 112 
GLN CB  CG   sing N N 113 
GLN CB  HB2  sing N N 114 
GLN CB  HB3  sing N N 115 
GLN CG  CD   sing N N 116 
GLN CG  HG2  sing N N 117 
GLN CG  HG3  sing N N 118 
GLN CD  OE1  doub N N 119 
GLN CD  NE2  sing N N 120 
GLN NE2 HE21 sing N N 121 
GLN NE2 HE22 sing N N 122 
GLN OXT HXT  sing N N 123 
GLU N   CA   sing N N 124 
GLU N   H    sing N N 125 
GLU N   H2   sing N N 126 
GLU CA  C    sing N N 127 
GLU CA  CB   sing N N 128 
GLU CA  HA   sing N N 129 
GLU C   O    doub N N 130 
GLU C   OXT  sing N N 131 
GLU CB  CG   sing N N 132 
GLU CB  HB2  sing N N 133 
GLU CB  HB3  sing N N 134 
GLU CG  CD   sing N N 135 
GLU CG  HG2  sing N N 136 
GLU CG  HG3  sing N N 137 
GLU CD  OE1  doub N N 138 
GLU CD  OE2  sing N N 139 
GLU OE2 HE2  sing N N 140 
GLU OXT HXT  sing N N 141 
GLY N   CA   sing N N 142 
GLY N   H    sing N N 143 
GLY N   H2   sing N N 144 
GLY CA  C    sing N N 145 
GLY CA  HA2  sing N N 146 
GLY CA  HA3  sing N N 147 
GLY C   O    doub N N 148 
GLY C   OXT  sing N N 149 
GLY OXT HXT  sing N N 150 
HIS N   CA   sing N N 151 
HIS N   H    sing N N 152 
HIS N   H2   sing N N 153 
HIS CA  C    sing N N 154 
HIS CA  CB   sing N N 155 
HIS CA  HA   sing N N 156 
HIS C   O    doub N N 157 
HIS C   OXT  sing N N 158 
HIS CB  CG   sing N N 159 
HIS CB  HB2  sing N N 160 
HIS CB  HB3  sing N N 161 
HIS CG  ND1  sing Y N 162 
HIS CG  CD2  doub Y N 163 
HIS ND1 CE1  doub Y N 164 
HIS ND1 HD1  sing N N 165 
HIS CD2 NE2  sing Y N 166 
HIS CD2 HD2  sing N N 167 
HIS CE1 NE2  sing Y N 168 
HIS CE1 HE1  sing N N 169 
HIS NE2 HE2  sing N N 170 
HIS OXT HXT  sing N N 171 
HOH O   H1   sing N N 172 
HOH O   H2   sing N N 173 
ILE N   CA   sing N N 174 
ILE N   H    sing N N 175 
ILE N   H2   sing N N 176 
ILE CA  C    sing N N 177 
ILE CA  CB   sing N N 178 
ILE CA  HA   sing N N 179 
ILE C   O    doub N N 180 
ILE C   OXT  sing N N 181 
ILE CB  CG1  sing N N 182 
ILE CB  CG2  sing N N 183 
ILE CB  HB   sing N N 184 
ILE CG1 CD1  sing N N 185 
ILE CG1 HG12 sing N N 186 
ILE CG1 HG13 sing N N 187 
ILE CG2 HG21 sing N N 188 
ILE CG2 HG22 sing N N 189 
ILE CG2 HG23 sing N N 190 
ILE CD1 HD11 sing N N 191 
ILE CD1 HD12 sing N N 192 
ILE CD1 HD13 sing N N 193 
ILE OXT HXT  sing N N 194 
LEU N   CA   sing N N 195 
LEU N   H    sing N N 196 
LEU N   H2   sing N N 197 
LEU CA  C    sing N N 198 
LEU CA  CB   sing N N 199 
LEU CA  HA   sing N N 200 
LEU C   O    doub N N 201 
LEU C   OXT  sing N N 202 
LEU CB  CG   sing N N 203 
LEU CB  HB2  sing N N 204 
LEU CB  HB3  sing N N 205 
LEU CG  CD1  sing N N 206 
LEU CG  CD2  sing N N 207 
LEU CG  HG   sing N N 208 
LEU CD1 HD11 sing N N 209 
LEU CD1 HD12 sing N N 210 
LEU CD1 HD13 sing N N 211 
LEU CD2 HD21 sing N N 212 
LEU CD2 HD22 sing N N 213 
LEU CD2 HD23 sing N N 214 
LEU OXT HXT  sing N N 215 
LYS N   CA   sing N N 216 
LYS N   H    sing N N 217 
LYS N   H2   sing N N 218 
LYS CA  C    sing N N 219 
LYS CA  CB   sing N N 220 
LYS CA  HA   sing N N 221 
LYS C   O    doub N N 222 
LYS C   OXT  sing N N 223 
LYS CB  CG   sing N N 224 
LYS CB  HB2  sing N N 225 
LYS CB  HB3  sing N N 226 
LYS CG  CD   sing N N 227 
LYS CG  HG2  sing N N 228 
LYS CG  HG3  sing N N 229 
LYS CD  CE   sing N N 230 
LYS CD  HD2  sing N N 231 
LYS CD  HD3  sing N N 232 
LYS CE  NZ   sing N N 233 
LYS CE  HE2  sing N N 234 
LYS CE  HE3  sing N N 235 
LYS NZ  HZ1  sing N N 236 
LYS NZ  HZ2  sing N N 237 
LYS NZ  HZ3  sing N N 238 
LYS OXT HXT  sing N N 239 
MET N   CA   sing N N 240 
MET N   H    sing N N 241 
MET N   H2   sing N N 242 
MET CA  C    sing N N 243 
MET CA  CB   sing N N 244 
MET CA  HA   sing N N 245 
MET C   O    doub N N 246 
MET C   OXT  sing N N 247 
MET CB  CG   sing N N 248 
MET CB  HB2  sing N N 249 
MET CB  HB3  sing N N 250 
MET CG  SD   sing N N 251 
MET CG  HG2  sing N N 252 
MET CG  HG3  sing N N 253 
MET SD  CE   sing N N 254 
MET CE  HE1  sing N N 255 
MET CE  HE2  sing N N 256 
MET CE  HE3  sing N N 257 
MET OXT HXT  sing N N 258 
PHE N   CA   sing N N 259 
PHE N   H    sing N N 260 
PHE N   H2   sing N N 261 
PHE CA  C    sing N N 262 
PHE CA  CB   sing N N 263 
PHE CA  HA   sing N N 264 
PHE C   O    doub N N 265 
PHE C   OXT  sing N N 266 
PHE CB  CG   sing N N 267 
PHE CB  HB2  sing N N 268 
PHE CB  HB3  sing N N 269 
PHE CG  CD1  doub Y N 270 
PHE CG  CD2  sing Y N 271 
PHE CD1 CE1  sing Y N 272 
PHE CD1 HD1  sing N N 273 
PHE CD2 CE2  doub Y N 274 
PHE CD2 HD2  sing N N 275 
PHE CE1 CZ   doub Y N 276 
PHE CE1 HE1  sing N N 277 
PHE CE2 CZ   sing Y N 278 
PHE CE2 HE2  sing N N 279 
PHE CZ  HZ   sing N N 280 
PHE OXT HXT  sing N N 281 
PRO N   CA   sing N N 282 
PRO N   CD   sing N N 283 
PRO N   H    sing N N 284 
PRO CA  C    sing N N 285 
PRO CA  CB   sing N N 286 
PRO CA  HA   sing N N 287 
PRO C   O    doub N N 288 
PRO C   OXT  sing N N 289 
PRO CB  CG   sing N N 290 
PRO CB  HB2  sing N N 291 
PRO CB  HB3  sing N N 292 
PRO CG  CD   sing N N 293 
PRO CG  HG2  sing N N 294 
PRO CG  HG3  sing N N 295 
PRO CD  HD2  sing N N 296 
PRO CD  HD3  sing N N 297 
PRO OXT HXT  sing N N 298 
SER N   CA   sing N N 299 
SER N   H    sing N N 300 
SER N   H2   sing N N 301 
SER CA  C    sing N N 302 
SER CA  CB   sing N N 303 
SER CA  HA   sing N N 304 
SER C   O    doub N N 305 
SER C   OXT  sing N N 306 
SER CB  OG   sing N N 307 
SER CB  HB2  sing N N 308 
SER CB  HB3  sing N N 309 
SER OG  HG   sing N N 310 
SER OXT HXT  sing N N 311 
THR N   CA   sing N N 312 
THR N   H    sing N N 313 
THR N   H2   sing N N 314 
THR CA  C    sing N N 315 
THR CA  CB   sing N N 316 
THR CA  HA   sing N N 317 
THR C   O    doub N N 318 
THR C   OXT  sing N N 319 
THR CB  OG1  sing N N 320 
THR CB  CG2  sing N N 321 
THR CB  HB   sing N N 322 
THR OG1 HG1  sing N N 323 
THR CG2 HG21 sing N N 324 
THR CG2 HG22 sing N N 325 
THR CG2 HG23 sing N N 326 
THR OXT HXT  sing N N 327 
TRP N   CA   sing N N 328 
TRP N   H    sing N N 329 
TRP N   H2   sing N N 330 
TRP CA  C    sing N N 331 
TRP CA  CB   sing N N 332 
TRP CA  HA   sing N N 333 
TRP C   O    doub N N 334 
TRP C   OXT  sing N N 335 
TRP CB  CG   sing N N 336 
TRP CB  HB2  sing N N 337 
TRP CB  HB3  sing N N 338 
TRP CG  CD1  doub Y N 339 
TRP CG  CD2  sing Y N 340 
TRP CD1 NE1  sing Y N 341 
TRP CD1 HD1  sing N N 342 
TRP CD2 CE2  doub Y N 343 
TRP CD2 CE3  sing Y N 344 
TRP NE1 CE2  sing Y N 345 
TRP NE1 HE1  sing N N 346 
TRP CE2 CZ2  sing Y N 347 
TRP CE3 CZ3  doub Y N 348 
TRP CE3 HE3  sing N N 349 
TRP CZ2 CH2  doub Y N 350 
TRP CZ2 HZ2  sing N N 351 
TRP CZ3 CH2  sing Y N 352 
TRP CZ3 HZ3  sing N N 353 
TRP CH2 HH2  sing N N 354 
TRP OXT HXT  sing N N 355 
TYR N   CA   sing N N 356 
TYR N   H    sing N N 357 
TYR N   H2   sing N N 358 
TYR CA  C    sing N N 359 
TYR CA  CB   sing N N 360 
TYR CA  HA   sing N N 361 
TYR C   O    doub N N 362 
TYR C   OXT  sing N N 363 
TYR CB  CG   sing N N 364 
TYR CB  HB2  sing N N 365 
TYR CB  HB3  sing N N 366 
TYR CG  CD1  doub Y N 367 
TYR CG  CD2  sing Y N 368 
TYR CD1 CE1  sing Y N 369 
TYR CD1 HD1  sing N N 370 
TYR CD2 CE2  doub Y N 371 
TYR CD2 HD2  sing N N 372 
TYR CE1 CZ   doub Y N 373 
TYR CE1 HE1  sing N N 374 
TYR CE2 CZ   sing Y N 375 
TYR CE2 HE2  sing N N 376 
TYR CZ  OH   sing N N 377 
TYR OH  HH   sing N N 378 
TYR OXT HXT  sing N N 379 
VAL N   CA   sing N N 380 
VAL N   H    sing N N 381 
VAL N   H2   sing N N 382 
VAL CA  C    sing N N 383 
VAL CA  CB   sing N N 384 
VAL CA  HA   sing N N 385 
VAL C   O    doub N N 386 
VAL C   OXT  sing N N 387 
VAL CB  CG1  sing N N 388 
VAL CB  CG2  sing N N 389 
VAL CB  HB   sing N N 390 
VAL CG1 HG11 sing N N 391 
VAL CG1 HG12 sing N N 392 
VAL CG1 HG13 sing N N 393 
VAL CG2 HG21 sing N N 394 
VAL CG2 HG22 sing N N 395 
VAL CG2 HG23 sing N N 396 
VAL OXT HXT  sing N N 397 
# 
_pdbx_audit_support.funding_organization   'Japan Society for the Promotion of Science (JSPS)' 
_pdbx_audit_support.country                Japan 
_pdbx_audit_support.grant_number           21K07050 
_pdbx_audit_support.ordinal                1 
# 
_pdbx_entity_instance_feature.ordinal        1 
_pdbx_entity_instance_feature.comp_id        ZN 
_pdbx_entity_instance_feature.asym_id        ? 
_pdbx_entity_instance_feature.seq_num        ? 
_pdbx_entity_instance_feature.auth_comp_id   ZN 
_pdbx_entity_instance_feature.auth_asym_id   ? 
_pdbx_entity_instance_feature.auth_seq_num   ? 
_pdbx_entity_instance_feature.feature_type   'SUBJECT OF INVESTIGATION' 
_pdbx_entity_instance_feature.details        ? 
# 
loop_
_pdbx_entity_nonpoly.entity_id 
_pdbx_entity_nonpoly.name 
_pdbx_entity_nonpoly.comp_id 
2 'MANGANESE (II) ION'                                                               MN  
3 'ZINC ION'                                                                         ZN  
4 'S-[5-[(E)-2-phenylethenyl]-1,3,4-oxadiazol-2-yl] 5-nitrothiophene-2-carbothioate' E9B 
5 water                                                                              HOH 
# 
_pdbx_initial_refinement_model.id               1 
_pdbx_initial_refinement_model.entity_id_list   ? 
_pdbx_initial_refinement_model.type             'experimental model' 
_pdbx_initial_refinement_model.source_name      PDB 
_pdbx_initial_refinement_model.accession_code   3QIN 
_pdbx_initial_refinement_model.details          ? 
# 
_pdbx_struct_assembly_auth_evidence.id                     1 
_pdbx_struct_assembly_auth_evidence.assembly_id            1 
_pdbx_struct_assembly_auth_evidence.experimental_support   'gel filtration' 
_pdbx_struct_assembly_auth_evidence.details                ? 
# 
